data_5JX1
# 
_entry.id   5JX1 
# 
_audit_conform.dict_name       mmcif_pdbx.dic 
_audit_conform.dict_version    5.379 
_audit_conform.dict_location   http://mmcif.pdb.org/dictionaries/ascii/mmcif_pdbx.dic 
# 
loop_
_database_2.database_id 
_database_2.database_code 
_database_2.pdbx_database_accession 
_database_2.pdbx_DOI 
PDB   5JX1         pdb_00005jx1 10.2210/pdb5jx1/pdb 
WWPDB D_1000221367 ?            ?                   
# 
loop_
_pdbx_database_related.db_name 
_pdbx_database_related.details 
_pdbx_database_related.db_id 
_pdbx_database_related.content_type 
PDB . 5JV3 unspecified 
PDB . 5JVM unspecified 
PDB . 5JVP unspecified 
PDB . 5JVR unspecified 
PDB . 5JVS unspecified 
PDB . 5JVU unspecified 
# 
_pdbx_database_status.status_code                     REL 
_pdbx_database_status.status_code_sf                  REL 
_pdbx_database_status.status_code_mr                  ? 
_pdbx_database_status.entry_id                        5JX1 
_pdbx_database_status.recvd_initial_deposition_date   2016-05-12 
_pdbx_database_status.SG_entry                        N 
_pdbx_database_status.deposit_site                    RCSB 
_pdbx_database_status.process_site                    RCSB 
_pdbx_database_status.status_code_cs                  ? 
_pdbx_database_status.methods_development_category    ? 
_pdbx_database_status.pdb_format_compatible           Y 
_pdbx_database_status.status_code_nmr_data            ? 
# 
loop_
_audit_author.name 
_audit_author.pdbx_ordinal 
'Phillips, R.K.' 1 
'Rayment, I.'    2 
# 
_citation.abstract                  ? 
_citation.abstract_id_CAS           ? 
_citation.book_id_ISBN              ? 
_citation.book_publisher            ? 
_citation.book_publisher_city       ? 
_citation.book_title                ? 
_citation.coordinate_linkage        ? 
_citation.country                   US 
_citation.database_id_Medline       ? 
_citation.details                   ? 
_citation.id                        primary 
_citation.journal_abbrev            J.Biol.Chem. 
_citation.journal_id_ASTM           JBCHA3 
_citation.journal_id_CSD            0071 
_citation.journal_id_ISSN           1083-351X 
_citation.journal_full              ? 
_citation.journal_issue             ? 
_citation.journal_volume            291 
_citation.language                  ? 
_citation.page_first                20372 
_citation.page_last                 20386 
_citation.title                     
'Family-specific Kinesin Structures Reveal Neck-linker Length Based on Initiation of the Coiled-coil.' 
_citation.year                      2016 
_citation.database_id_CSD           ? 
_citation.pdbx_database_id_DOI      10.1074/jbc.M116.737577 
_citation.pdbx_database_id_PubMed   27462072 
_citation.unpublished_flag          ? 
# 
loop_
_citation_author.citation_id 
_citation_author.name 
_citation_author.ordinal 
_citation_author.identifier_ORCID 
primary 'Phillips, R.K.' 1 ? 
primary 'Peter, L.G.'    2 ? 
primary 'Gilbert, S.P.'  3 ? 
primary 'Rayment, I.'    4 ? 
# 
_cell.entry_id           5JX1 
_cell.length_a           45.812 
_cell.length_b           80.534 
_cell.length_c           36.834 
_cell.angle_alpha        90.00 
_cell.angle_beta         90.00 
_cell.angle_gamma        90.00 
_cell.Z_PDB              8 
_cell.pdbx_unique_axis   ? 
# 
_symmetry.entry_id                         5JX1 
_symmetry.space_group_name_H-M             'C 2 2 21' 
_symmetry.pdbx_full_space_group_name_H-M   ? 
_symmetry.cell_setting                     ? 
_symmetry.Int_Tables_number                20 
# 
loop_
_entity.id 
_entity.type 
_entity.src_method 
_entity.pdbx_description 
_entity.formula_weight 
_entity.pdbx_number_of_molecules 
_entity.pdbx_ec 
_entity.pdbx_mutation 
_entity.pdbx_fragment 
_entity.details 
1 polymer man 'Chimera protein of Kinesin-like protein KIF3A and Microtubule-associated protein RP/EB family member 1' 8923.008 1  
? ? 'UNP P28741 residues 352-376,UNP Q15691 residues 210-257' ? 
2 water   nat water                                                                                                    18.015   71 
? ? ?                                                         ? 
# 
_entity_name_com.entity_id   1 
_entity_name_com.name        'Microtubule plus end-directed kinesin motor 3A,APC-binding protein EB1,End-binding protein 1,EB1' 
# 
_entity_poly.entity_id                      1 
_entity_poly.type                           'polypeptide(L)' 
_entity_poly.nstd_linkage                   no 
_entity_poly.nstd_monomer                   no 
_entity_poly.pdbx_seq_one_letter_code       LSNEDPKDALLRQFQKEIEELKKKLEELEKERDFYFGKLRNIELICQENEGENDPVLQRIVDILYATDEGFVIPD 
_entity_poly.pdbx_seq_one_letter_code_can   LSNEDPKDALLRQFQKEIEELKKKLEELEKERDFYFGKLRNIELICQENEGENDPVLQRIVDILYATDEGFVIPD 
_entity_poly.pdbx_strand_id                 A 
_entity_poly.pdbx_target_identifier         ? 
# 
loop_
_entity_poly_seq.entity_id 
_entity_poly_seq.num 
_entity_poly_seq.mon_id 
_entity_poly_seq.hetero 
1 1  LEU n 
1 2  SER n 
1 3  ASN n 
1 4  GLU n 
1 5  ASP n 
1 6  PRO n 
1 7  LYS n 
1 8  ASP n 
1 9  ALA n 
1 10 LEU n 
1 11 LEU n 
1 12 ARG n 
1 13 GLN n 
1 14 PHE n 
1 15 GLN n 
1 16 LYS n 
1 17 GLU n 
1 18 ILE n 
1 19 GLU n 
1 20 GLU n 
1 21 LEU n 
1 22 LYS n 
1 23 LYS n 
1 24 LYS n 
1 25 LEU n 
1 26 GLU n 
1 27 GLU n 
1 28 LEU n 
1 29 GLU n 
1 30 LYS n 
1 31 GLU n 
1 32 ARG n 
1 33 ASP n 
1 34 PHE n 
1 35 TYR n 
1 36 PHE n 
1 37 GLY n 
1 38 LYS n 
1 39 LEU n 
1 40 ARG n 
1 41 ASN n 
1 42 ILE n 
1 43 GLU n 
1 44 LEU n 
1 45 ILE n 
1 46 CYS n 
1 47 GLN n 
1 48 GLU n 
1 49 ASN n 
1 50 GLU n 
1 51 GLY n 
1 52 GLU n 
1 53 ASN n 
1 54 ASP n 
1 55 PRO n 
1 56 VAL n 
1 57 LEU n 
1 58 GLN n 
1 59 ARG n 
1 60 ILE n 
1 61 VAL n 
1 62 ASP n 
1 63 ILE n 
1 64 LEU n 
1 65 TYR n 
1 66 ALA n 
1 67 THR n 
1 68 ASP n 
1 69 GLU n 
1 70 GLY n 
1 71 PHE n 
1 72 VAL n 
1 73 ILE n 
1 74 PRO n 
1 75 ASP n 
# 
loop_
_entity_src_gen.entity_id 
_entity_src_gen.pdbx_src_id 
_entity_src_gen.pdbx_alt_source_flag 
_entity_src_gen.pdbx_seq_type 
_entity_src_gen.pdbx_beg_seq_num 
_entity_src_gen.pdbx_end_seq_num 
_entity_src_gen.gene_src_common_name 
_entity_src_gen.gene_src_genus 
_entity_src_gen.pdbx_gene_src_gene 
_entity_src_gen.gene_src_species 
_entity_src_gen.gene_src_strain 
_entity_src_gen.gene_src_tissue 
_entity_src_gen.gene_src_tissue_fraction 
_entity_src_gen.gene_src_details 
_entity_src_gen.pdbx_gene_src_fragment 
_entity_src_gen.pdbx_gene_src_scientific_name 
_entity_src_gen.pdbx_gene_src_ncbi_taxonomy_id 
_entity_src_gen.pdbx_gene_src_variant 
_entity_src_gen.pdbx_gene_src_cell_line 
_entity_src_gen.pdbx_gene_src_atcc 
_entity_src_gen.pdbx_gene_src_organ 
_entity_src_gen.pdbx_gene_src_organelle 
_entity_src_gen.pdbx_gene_src_cell 
_entity_src_gen.pdbx_gene_src_cellular_location 
_entity_src_gen.host_org_common_name 
_entity_src_gen.pdbx_host_org_scientific_name 
_entity_src_gen.pdbx_host_org_ncbi_taxonomy_id 
_entity_src_gen.host_org_genus 
_entity_src_gen.pdbx_host_org_gene 
_entity_src_gen.pdbx_host_org_organ 
_entity_src_gen.host_org_species 
_entity_src_gen.pdbx_host_org_tissue 
_entity_src_gen.pdbx_host_org_tissue_fraction 
_entity_src_gen.pdbx_host_org_strain 
_entity_src_gen.pdbx_host_org_variant 
_entity_src_gen.pdbx_host_org_cell_line 
_entity_src_gen.pdbx_host_org_atcc 
_entity_src_gen.pdbx_host_org_culture_collection 
_entity_src_gen.pdbx_host_org_cell 
_entity_src_gen.pdbx_host_org_organelle 
_entity_src_gen.pdbx_host_org_cellular_location 
_entity_src_gen.pdbx_host_org_vector_type 
_entity_src_gen.pdbx_host_org_vector 
_entity_src_gen.host_org_details 
_entity_src_gen.expression_system_id 
_entity_src_gen.plasmid_name 
_entity_src_gen.plasmid_details 
_entity_src_gen.pdbx_description 
1 1 sample 'Biological sequence' 1  27 Mouse ? 'Kif3a, Kif3' ? ? ? ? ? ? 'Mus musculus' 10090 ? ? ? ? ? ? ? ? 
'Escherichia coli BL21(DE3)' 469008 ? ? ? ? ? ? ? ? ? ? ? ? ? ? ? ? ? ? ? ? ? 
1 2 sample 'Biological sequence' 28 75 Human ? MAPRE1        ? ? ? ? ? ? 'Homo sapiens' 9606  ? ? ? ? ? ? ? ? 
'Escherichia coli BL21(DE3)' 469008 ? ? ? ? ? ? ? ? ? ? ? ? ? ? ? ? ? ? ? ? ? 
# 
loop_
_struct_ref.id 
_struct_ref.db_name 
_struct_ref.db_code 
_struct_ref.pdbx_db_accession 
_struct_ref.pdbx_db_isoform 
_struct_ref.entity_id 
_struct_ref.pdbx_seq_one_letter_code 
_struct_ref.pdbx_align_begin 
1 UNP KIF3A_MOUSE P28741 ? 1 NEDPKDALLRQFQKEIEELKKKLEE                        352 
2 UNP MARE1_HUMAN Q15691 ? 1 LEKERDFYFGKLRNIELICQENEGENDPVLQRIVDILYATDEGFVIPD 210 
# 
loop_
_struct_ref_seq.align_id 
_struct_ref_seq.ref_id 
_struct_ref_seq.pdbx_PDB_id_code 
_struct_ref_seq.pdbx_strand_id 
_struct_ref_seq.seq_align_beg 
_struct_ref_seq.pdbx_seq_align_beg_ins_code 
_struct_ref_seq.seq_align_end 
_struct_ref_seq.pdbx_seq_align_end_ins_code 
_struct_ref_seq.pdbx_db_accession 
_struct_ref_seq.db_align_beg 
_struct_ref_seq.pdbx_db_align_beg_ins_code 
_struct_ref_seq.db_align_end 
_struct_ref_seq.pdbx_db_align_end_ins_code 
_struct_ref_seq.pdbx_auth_seq_align_beg 
_struct_ref_seq.pdbx_auth_seq_align_end 
1 1 5JX1 A 3  ? 27 ? P28741 352 ? 376 ? 2  26 
2 2 5JX1 A 28 ? 75 ? Q15691 210 ? 257 ? 27 74 
# 
loop_
_struct_ref_seq_dif.align_id 
_struct_ref_seq_dif.pdbx_pdb_id_code 
_struct_ref_seq_dif.mon_id 
_struct_ref_seq_dif.pdbx_pdb_strand_id 
_struct_ref_seq_dif.seq_num 
_struct_ref_seq_dif.pdbx_pdb_ins_code 
_struct_ref_seq_dif.pdbx_seq_db_name 
_struct_ref_seq_dif.pdbx_seq_db_accession_code 
_struct_ref_seq_dif.db_mon_id 
_struct_ref_seq_dif.pdbx_seq_db_seq_num 
_struct_ref_seq_dif.details 
_struct_ref_seq_dif.pdbx_auth_seq_num 
_struct_ref_seq_dif.pdbx_ordinal 
1 5JX1 LEU A 1 ? UNP P28741 ? ? 'expression tag' 0 1 
1 5JX1 SER A 2 ? UNP P28741 ? ? 'expression tag' 1 2 
# 
loop_
_chem_comp.id 
_chem_comp.type 
_chem_comp.mon_nstd_flag 
_chem_comp.name 
_chem_comp.pdbx_synonyms 
_chem_comp.formula 
_chem_comp.formula_weight 
ALA 'L-peptide linking' y ALANINE         ? 'C3 H7 N O2'     89.093  
ARG 'L-peptide linking' y ARGININE        ? 'C6 H15 N4 O2 1' 175.209 
ASN 'L-peptide linking' y ASPARAGINE      ? 'C4 H8 N2 O3'    132.118 
ASP 'L-peptide linking' y 'ASPARTIC ACID' ? 'C4 H7 N O4'     133.103 
CYS 'L-peptide linking' y CYSTEINE        ? 'C3 H7 N O2 S'   121.158 
GLN 'L-peptide linking' y GLUTAMINE       ? 'C5 H10 N2 O3'   146.144 
GLU 'L-peptide linking' y 'GLUTAMIC ACID' ? 'C5 H9 N O4'     147.129 
GLY 'peptide linking'   y GLYCINE         ? 'C2 H5 N O2'     75.067  
HOH non-polymer         . WATER           ? 'H2 O'           18.015  
ILE 'L-peptide linking' y ISOLEUCINE      ? 'C6 H13 N O2'    131.173 
LEU 'L-peptide linking' y LEUCINE         ? 'C6 H13 N O2'    131.173 
LYS 'L-peptide linking' y LYSINE          ? 'C6 H15 N2 O2 1' 147.195 
PHE 'L-peptide linking' y PHENYLALANINE   ? 'C9 H11 N O2'    165.189 
PRO 'L-peptide linking' y PROLINE         ? 'C5 H9 N O2'     115.130 
SER 'L-peptide linking' y SERINE          ? 'C3 H7 N O3'     105.093 
THR 'L-peptide linking' y THREONINE       ? 'C4 H9 N O3'     119.119 
TYR 'L-peptide linking' y TYROSINE        ? 'C9 H11 N O3'    181.189 
VAL 'L-peptide linking' y VALINE          ? 'C5 H11 N O2'    117.146 
# 
_exptl.absorpt_coefficient_mu     ? 
_exptl.absorpt_correction_T_max   ? 
_exptl.absorpt_correction_T_min   ? 
_exptl.absorpt_correction_type    ? 
_exptl.absorpt_process_details    ? 
_exptl.entry_id                   5JX1 
_exptl.crystals_number            1 
_exptl.details                    ? 
_exptl.method                     'X-RAY DIFFRACTION' 
_exptl.method_details             ? 
# 
_exptl_crystal.colour                      ? 
_exptl_crystal.density_diffrn              ? 
_exptl_crystal.density_Matthews            1.90 
_exptl_crystal.density_method              ? 
_exptl_crystal.density_percent_sol         35.39 
_exptl_crystal.description                 ? 
_exptl_crystal.F_000                       ? 
_exptl_crystal.id                          1 
_exptl_crystal.preparation                 ? 
_exptl_crystal.size_max                    ? 
_exptl_crystal.size_mid                    ? 
_exptl_crystal.size_min                    ? 
_exptl_crystal.size_rad                    ? 
_exptl_crystal.colour_lustre               ? 
_exptl_crystal.colour_modifier             ? 
_exptl_crystal.colour_primary              ? 
_exptl_crystal.density_meas                ? 
_exptl_crystal.density_meas_esd            ? 
_exptl_crystal.density_meas_gt             ? 
_exptl_crystal.density_meas_lt             ? 
_exptl_crystal.density_meas_temp           ? 
_exptl_crystal.density_meas_temp_esd       ? 
_exptl_crystal.density_meas_temp_gt        ? 
_exptl_crystal.density_meas_temp_lt        ? 
_exptl_crystal.pdbx_crystal_image_url      ? 
_exptl_crystal.pdbx_crystal_image_format   ? 
_exptl_crystal.pdbx_mosaicity              ? 
_exptl_crystal.pdbx_mosaicity_esd          ? 
# 
_exptl_crystal_grow.apparatus       ? 
_exptl_crystal_grow.atmosphere      ? 
_exptl_crystal_grow.crystal_id      1 
_exptl_crystal_grow.details         ? 
_exptl_crystal_grow.method          'VAPOR DIFFUSION, HANGING DROP' 
_exptl_crystal_grow.method_ref      ? 
_exptl_crystal_grow.pH              7.0 
_exptl_crystal_grow.pressure        ? 
_exptl_crystal_grow.pressure_esd    ? 
_exptl_crystal_grow.seeding         ? 
_exptl_crystal_grow.seeding_ref     ? 
_exptl_crystal_grow.temp            293 
_exptl_crystal_grow.temp_details    ? 
_exptl_crystal_grow.temp_esd        ? 
_exptl_crystal_grow.time            ? 
_exptl_crystal_grow.pdbx_details    
;24% (w/v) 2-methyl-2,4-pentanediol (MPD), 10% (w/v) PEG 4000, 100 mM CaCl2, 100 mM (3-(N-morpholino)propanesulfonic acid) (MOPS) pH 7.0, 1 mM CdCl2
;
_exptl_crystal_grow.pdbx_pH_range   ? 
# 
_diffrn.ambient_environment    ? 
_diffrn.ambient_temp           293 
_diffrn.ambient_temp_details   ? 
_diffrn.ambient_temp_esd       ? 
_diffrn.crystal_id             1 
_diffrn.crystal_support        ? 
_diffrn.crystal_treatment      ? 
_diffrn.details                ? 
_diffrn.id                     1 
_diffrn.ambient_pressure       ? 
_diffrn.ambient_pressure_esd   ? 
_diffrn.ambient_pressure_gt    ? 
_diffrn.ambient_pressure_lt    ? 
_diffrn.ambient_temp_gt        ? 
_diffrn.ambient_temp_lt        ? 
# 
_diffrn_detector.details                      ? 
_diffrn_detector.detector                     CCD 
_diffrn_detector.diffrn_id                    1 
_diffrn_detector.type                         'ADSC QUANTUM 315r' 
_diffrn_detector.area_resol_mean              ? 
_diffrn_detector.dtime                        ? 
_diffrn_detector.pdbx_frames_total            ? 
_diffrn_detector.pdbx_collection_time_total   ? 
_diffrn_detector.pdbx_collection_date         2014-12-13 
# 
_diffrn_radiation.collimation                      ? 
_diffrn_radiation.diffrn_id                        1 
_diffrn_radiation.filter_edge                      ? 
_diffrn_radiation.inhomogeneity                    ? 
_diffrn_radiation.monochromator                    ? 
_diffrn_radiation.polarisn_norm                    ? 
_diffrn_radiation.polarisn_ratio                   ? 
_diffrn_radiation.probe                            ? 
_diffrn_radiation.type                             ? 
_diffrn_radiation.xray_symbol                      ? 
_diffrn_radiation.wavelength_id                    1 
_diffrn_radiation.pdbx_monochromatic_or_laue_m_l   M 
_diffrn_radiation.pdbx_wavelength_list             ? 
_diffrn_radiation.pdbx_wavelength                  ? 
_diffrn_radiation.pdbx_diffrn_protocol             'SINGLE WAVELENGTH' 
_diffrn_radiation.pdbx_analyzer                    ? 
_diffrn_radiation.pdbx_scattering_type             x-ray 
# 
_diffrn_radiation_wavelength.id           1 
_diffrn_radiation_wavelength.wavelength   0.97924 
_diffrn_radiation_wavelength.wt           1.0 
# 
_diffrn_source.current                     ? 
_diffrn_source.details                     ? 
_diffrn_source.diffrn_id                   1 
_diffrn_source.power                       ? 
_diffrn_source.size                        ? 
_diffrn_source.source                      SYNCHROTRON 
_diffrn_source.target                      ? 
_diffrn_source.type                        'APS BEAMLINE 19-ID' 
_diffrn_source.voltage                     ? 
_diffrn_source.take-off_angle              ? 
_diffrn_source.pdbx_wavelength_list        0.97924 
_diffrn_source.pdbx_wavelength             ? 
_diffrn_source.pdbx_synchrotron_beamline   19-ID 
_diffrn_source.pdbx_synchrotron_site       APS 
# 
_reflns.B_iso_Wilson_estimate            ? 
_reflns.entry_id                         5JX1 
_reflns.data_reduction_details           ? 
_reflns.data_reduction_method            ? 
_reflns.d_resolution_high                1.67 
_reflns.d_resolution_low                 39.82 
_reflns.details                          ? 
_reflns.limit_h_max                      ? 
_reflns.limit_h_min                      ? 
_reflns.limit_k_max                      ? 
_reflns.limit_k_min                      ? 
_reflns.limit_l_max                      ? 
_reflns.limit_l_min                      ? 
_reflns.number_all                       ? 
_reflns.number_obs                       14745 
_reflns.observed_criterion               ? 
_reflns.observed_criterion_F_max         ? 
_reflns.observed_criterion_F_min         ? 
_reflns.observed_criterion_I_max         ? 
_reflns.observed_criterion_I_min         ? 
_reflns.observed_criterion_sigma_F       ? 
_reflns.observed_criterion_sigma_I       ? 
_reflns.percent_possible_obs             100 
_reflns.R_free_details                   ? 
_reflns.Rmerge_F_all                     ? 
_reflns.Rmerge_F_obs                     ? 
_reflns.Friedel_coverage                 ? 
_reflns.number_gt                        ? 
_reflns.threshold_expression             ? 
_reflns.pdbx_redundancy                  8.6 
_reflns.pdbx_Rmerge_I_obs                0.050 
_reflns.pdbx_Rmerge_I_all                ? 
_reflns.pdbx_Rsym_value                  ? 
_reflns.pdbx_netI_over_av_sigmaI         ? 
_reflns.pdbx_netI_over_sigmaI            50.1 
_reflns.pdbx_res_netI_over_av_sigmaI_2   ? 
_reflns.pdbx_res_netI_over_sigmaI_2      ? 
_reflns.pdbx_chi_squared                 ? 
_reflns.pdbx_scaling_rejects             ? 
_reflns.pdbx_d_res_high_opt              ? 
_reflns.pdbx_d_res_low_opt               ? 
_reflns.pdbx_d_res_opt_method            ? 
_reflns.phase_calculation_details        ? 
_reflns.pdbx_Rrim_I_all                  ? 
_reflns.pdbx_Rpim_I_all                  ? 
_reflns.pdbx_d_opt                       ? 
_reflns.pdbx_number_measured_all         ? 
_reflns.pdbx_diffrn_id                   1 
_reflns.pdbx_ordinal                     1 
_reflns.pdbx_CC_half                     ? 
_reflns.pdbx_R_split                     ? 
# 
_reflns_shell.d_res_high                  1.67 
_reflns_shell.d_res_low                   1.80 
_reflns_shell.meanI_over_sigI_all         ? 
_reflns_shell.meanI_over_sigI_obs         12.4 
_reflns_shell.number_measured_all         ? 
_reflns_shell.number_measured_obs         ? 
_reflns_shell.number_possible             ? 
_reflns_shell.number_unique_all           ? 
_reflns_shell.number_unique_obs           ? 
_reflns_shell.percent_possible_all        86.2 
_reflns_shell.percent_possible_obs        ? 
_reflns_shell.Rmerge_F_all                ? 
_reflns_shell.Rmerge_F_obs                ? 
_reflns_shell.Rmerge_I_all                ? 
_reflns_shell.Rmerge_I_obs                0.295 
_reflns_shell.meanI_over_sigI_gt          ? 
_reflns_shell.meanI_over_uI_all           ? 
_reflns_shell.meanI_over_uI_gt            ? 
_reflns_shell.number_measured_gt          ? 
_reflns_shell.number_unique_gt            ? 
_reflns_shell.percent_possible_gt         ? 
_reflns_shell.Rmerge_F_gt                 ? 
_reflns_shell.Rmerge_I_gt                 ? 
_reflns_shell.pdbx_redundancy             5.9 
_reflns_shell.pdbx_Rsym_value             ? 
_reflns_shell.pdbx_chi_squared            ? 
_reflns_shell.pdbx_netI_over_sigmaI_all   ? 
_reflns_shell.pdbx_netI_over_sigmaI_obs   ? 
_reflns_shell.pdbx_Rrim_I_all             ? 
_reflns_shell.pdbx_Rpim_I_all             ? 
_reflns_shell.pdbx_rejects                ? 
_reflns_shell.pdbx_ordinal                1 
_reflns_shell.pdbx_diffrn_id              1 
_reflns_shell.pdbx_CC_half                ? 
_reflns_shell.pdbx_R_split                ? 
# 
_refine.pdbx_refine_id                           'X-RAY DIFFRACTION' 
_refine.entry_id                                 5JX1 
_refine.pdbx_diffrn_id                           1 
_refine.pdbx_TLS_residual_ADP_flag               ? 
_refine.ls_number_reflns_obs                     14745 
_refine.ls_number_reflns_all                     ? 
_refine.pdbx_ls_sigma_I                          ? 
_refine.pdbx_ls_sigma_F                          1.35 
_refine.pdbx_data_cutoff_high_absF               ? 
_refine.pdbx_data_cutoff_low_absF                ? 
_refine.pdbx_data_cutoff_high_rms_absF           ? 
_refine.ls_d_res_low                             39.820 
_refine.ls_d_res_high                            1.670 
_refine.ls_percent_reflns_obs                    96.32 
_refine.ls_R_factor_obs                          0.1940 
_refine.ls_R_factor_all                          ? 
_refine.ls_R_factor_R_work                       0.1923 
_refine.ls_R_factor_R_free                       0.2276 
_refine.ls_R_factor_R_free_error                 ? 
_refine.ls_R_factor_R_free_error_details         ? 
_refine.ls_percent_reflns_R_free                 5.03 
_refine.ls_number_reflns_R_free                  742 
_refine.ls_number_parameters                     ? 
_refine.ls_number_restraints                     ? 
_refine.occupancy_min                            ? 
_refine.occupancy_max                            ? 
_refine.correlation_coeff_Fo_to_Fc               ? 
_refine.correlation_coeff_Fo_to_Fc_free          ? 
_refine.B_iso_mean                               ? 
_refine.aniso_B[1][1]                            ? 
_refine.aniso_B[2][2]                            ? 
_refine.aniso_B[3][3]                            ? 
_refine.aniso_B[1][2]                            ? 
_refine.aniso_B[1][3]                            ? 
_refine.aniso_B[2][3]                            ? 
_refine.solvent_model_details                    'FLAT BULK SOLVENT MODEL' 
_refine.solvent_model_param_ksol                 ? 
_refine.solvent_model_param_bsol                 ? 
_refine.pdbx_solvent_vdw_probe_radii             1.11 
_refine.pdbx_solvent_ion_probe_radii             ? 
_refine.pdbx_solvent_shrinkage_radii             0.90 
_refine.pdbx_ls_cross_valid_method               'FREE R-VALUE' 
_refine.details                                  ? 
_refine.pdbx_starting_model                      1YIB 
_refine.pdbx_method_to_determine_struct          'MOLECULAR REPLACEMENT' 
_refine.pdbx_isotropic_thermal_model             ? 
_refine.pdbx_stereochemistry_target_values       ML 
_refine.pdbx_stereochem_target_val_spec_case     ? 
_refine.pdbx_R_Free_selection_details            ? 
_refine.pdbx_overall_ESU_R                       ? 
_refine.pdbx_overall_ESU_R_Free                  ? 
_refine.overall_SU_ML                            0.18 
_refine.pdbx_overall_phase_error                 22.85 
_refine.overall_SU_B                             ? 
_refine.overall_SU_R_Cruickshank_DPI             ? 
_refine.pdbx_overall_SU_R_free_Cruickshank_DPI   ? 
_refine.pdbx_overall_SU_R_Blow_DPI               ? 
_refine.pdbx_overall_SU_R_free_Blow_DPI          ? 
# 
_refine_hist.pdbx_refine_id                   'X-RAY DIFFRACTION' 
_refine_hist.cycle_id                         LAST 
_refine_hist.pdbx_number_atoms_protein        541 
_refine_hist.pdbx_number_atoms_nucleic_acid   0 
_refine_hist.pdbx_number_atoms_ligand         0 
_refine_hist.number_atoms_solvent             71 
_refine_hist.number_atoms_total               612 
_refine_hist.d_res_high                       1.670 
_refine_hist.d_res_low                        39.820 
# 
loop_
_refine_ls_restr.type 
_refine_ls_restr.dev_ideal 
_refine_ls_restr.dev_ideal_target 
_refine_ls_restr.weight 
_refine_ls_restr.number 
_refine_ls_restr.pdbx_refine_id 
_refine_ls_restr.pdbx_restraint_function 
f_bond_d           0.006  ? ? 573 'X-RAY DIFFRACTION' ? 
f_angle_d          0.716  ? ? 767 'X-RAY DIFFRACTION' ? 
f_dihedral_angle_d 22.231 ? ? 361 'X-RAY DIFFRACTION' ? 
f_chiral_restr     0.042  ? ? 84  'X-RAY DIFFRACTION' ? 
f_plane_restr      0.005  ? ? 101 'X-RAY DIFFRACTION' ? 
# 
loop_
_refine_ls_shell.pdbx_refine_id 
_refine_ls_shell.pdbx_total_number_of_bins_used 
_refine_ls_shell.d_res_high 
_refine_ls_shell.d_res_low 
_refine_ls_shell.number_reflns_R_work 
_refine_ls_shell.R_factor_R_work 
_refine_ls_shell.percent_reflns_obs 
_refine_ls_shell.R_factor_R_free 
_refine_ls_shell.R_factor_R_free_error 
_refine_ls_shell.percent_reflns_R_free 
_refine_ls_shell.number_reflns_R_free 
_refine_ls_shell.number_reflns_all 
_refine_ls_shell.R_factor_all 
_refine_ls_shell.R_factor_obs 
_refine_ls_shell.number_reflns_obs 
'X-RAY DIFFRACTION' . 1.6695 1.7984  2476 0.1916 86.00  0.2052 . . 144 . . . . 
'X-RAY DIFFRACTION' . 1.7984 1.9794  2816 0.2015 96.00  0.2704 . . 144 . . . . 
'X-RAY DIFFRACTION' . 1.9794 2.2658  2896 0.1789 99.00  0.2215 . . 149 . . . . 
'X-RAY DIFFRACTION' . 2.2658 2.8546  2913 0.1931 100.00 0.2552 . . 153 . . . . 
'X-RAY DIFFRACTION' . 2.8546 39.8314 2902 0.1955 100.00 0.2097 . . 152 . . . . 
# 
_struct.entry_id                     5JX1 
_struct.title                        'The neck-linker and alpha 7 helix of Mus musculus KIF3A fused to EB1' 
_struct.pdbx_model_details           ? 
_struct.pdbx_formula_weight          ? 
_struct.pdbx_formula_weight_method   ? 
_struct.pdbx_model_type_details      ? 
_struct.pdbx_CASP_flag               N 
# 
_struct_keywords.entry_id        5JX1 
_struct_keywords.text            'kinesin, coiled-coil, MOTOR PROTEIN' 
_struct_keywords.pdbx_keywords   'MOTOR PROTEIN' 
# 
loop_
_struct_asym.id 
_struct_asym.pdbx_blank_PDB_chainid_flag 
_struct_asym.pdbx_modified 
_struct_asym.entity_id 
_struct_asym.details 
A N N 1 ? 
B N N 2 ? 
# 
loop_
_struct_conf.conf_type_id 
_struct_conf.id 
_struct_conf.pdbx_PDB_helix_id 
_struct_conf.beg_label_comp_id 
_struct_conf.beg_label_asym_id 
_struct_conf.beg_label_seq_id 
_struct_conf.pdbx_beg_PDB_ins_code 
_struct_conf.end_label_comp_id 
_struct_conf.end_label_asym_id 
_struct_conf.end_label_seq_id 
_struct_conf.pdbx_end_PDB_ins_code 
_struct_conf.beg_auth_comp_id 
_struct_conf.beg_auth_asym_id 
_struct_conf.beg_auth_seq_id 
_struct_conf.end_auth_comp_id 
_struct_conf.end_auth_asym_id 
_struct_conf.end_auth_seq_id 
_struct_conf.pdbx_PDB_helix_class 
_struct_conf.details 
_struct_conf.pdbx_PDB_helix_length 
HELX_P HELX_P1 AA1 ASP A 5  ? GLN A 47 ? ASP A 4  GLN A 46 1 ? 43 
HELX_P HELX_P2 AA2 PRO A 55 ? ALA A 66 ? PRO A 54 ALA A 65 1 ? 12 
# 
_struct_conf_type.id          HELX_P 
_struct_conf_type.criteria    ? 
_struct_conf_type.reference   ? 
# 
_atom_sites.entry_id                    5JX1 
_atom_sites.fract_transf_matrix[1][1]   -0.00790813 
_atom_sites.fract_transf_matrix[1][2]   -0.01193780 
_atom_sites.fract_transf_matrix[1][3]   -0.01647459 
_atom_sites.fract_transf_matrix[2][1]   0.00993587 
_atom_sites.fract_transf_matrix[2][2]   0.00288998 
_atom_sites.fract_transf_matrix[2][3]   -0.00686355 
_atom_sites.fract_transf_matrix[3][1]   0.01297628 
_atom_sites.fract_transf_matrix[3][2]   -0.02183305 
_atom_sites.fract_transf_matrix[3][3]   0.00959178 
_atom_sites.fract_transf_vector[1]      0.520155 
_atom_sites.fract_transf_vector[2]      0.374699 
_atom_sites.fract_transf_vector[3]      0.260637 
# 
loop_
_atom_type.symbol 
C 
N 
O 
S 
# 
loop_
_atom_site.group_PDB 
_atom_site.id 
_atom_site.type_symbol 
_atom_site.label_atom_id 
_atom_site.label_alt_id 
_atom_site.label_comp_id 
_atom_site.label_asym_id 
_atom_site.label_entity_id 
_atom_site.label_seq_id 
_atom_site.pdbx_PDB_ins_code 
_atom_site.Cartn_x 
_atom_site.Cartn_y 
_atom_site.Cartn_z 
_atom_site.occupancy 
_atom_site.B_iso_or_equiv 
_atom_site.pdbx_formal_charge 
_atom_site.auth_seq_id 
_atom_site.auth_comp_id 
_atom_site.auth_asym_id 
_atom_site.auth_atom_id 
_atom_site.pdbx_PDB_model_num 
ATOM   1   N N   . ASP A 1 5  ? 35.497  13.893  -16.899 1.00 26.56 ? 4   ASP A N   1 
ATOM   2   C CA  . ASP A 1 5  ? 34.335  13.727  -17.765 1.00 23.42 ? 4   ASP A CA  1 
ATOM   3   C C   . ASP A 1 5  ? 33.071  14.132  -17.012 1.00 20.34 ? 4   ASP A C   1 
ATOM   4   O O   . ASP A 1 5  ? 32.721  13.517  -16.007 1.00 19.43 ? 4   ASP A O   1 
ATOM   5   C CB  . ASP A 1 5  ? 34.233  12.275  -18.250 1.00 26.36 ? 4   ASP A CB  1 
ATOM   6   C CG  . ASP A 1 5  ? 33.285  12.107  -19.430 1.00 29.54 ? 4   ASP A CG  1 
ATOM   7   O OD1 . ASP A 1 5  ? 33.473  11.139  -20.203 1.00 29.32 ? 4   ASP A OD1 1 
ATOM   8   O OD2 . ASP A 1 5  ? 32.361  12.935  -19.599 1.00 27.22 ? 4   ASP A OD2 1 
ATOM   9   N N   . PRO A 1 6  ? 32.388  15.176  -17.485 1.00 17.44 ? 5   PRO A N   1 
ATOM   10  C CA  . PRO A 1 6  ? 31.107  15.543  -16.865 1.00 14.32 ? 5   PRO A CA  1 
ATOM   11  C C   . PRO A 1 6  ? 30.115  14.403  -16.841 1.00 9.66  ? 5   PRO A C   1 
ATOM   12  O O   . PRO A 1 6  ? 29.226  14.394  -15.974 1.00 9.99  ? 5   PRO A O   1 
ATOM   13  C CB  . PRO A 1 6  ? 30.603  16.701  -17.742 1.00 18.79 ? 5   PRO A CB  1 
ATOM   14  C CG  . PRO A 1 6  ? 31.838  17.258  -18.367 1.00 28.61 ? 5   PRO A CG  1 
ATOM   15  C CD  . PRO A 1 6  ? 32.768  16.097  -18.568 1.00 23.53 ? 5   PRO A CD  1 
ATOM   16  N N   . LYS A 1 7  ? 30.242  13.429  -17.748 1.00 8.52  ? 6   LYS A N   1 
ATOM   17  C CA  . LYS A 1 7  ? 29.310  12.309  -17.730 1.00 9.09  ? 6   LYS A CA  1 
ATOM   18  C C   . LYS A 1 7  ? 29.548  11.414  -16.524 1.00 9.00  ? 6   LYS A C   1 
ATOM   19  O O   . LYS A 1 7  ? 28.617  10.747  -16.073 1.00 6.85  ? 6   LYS A O   1 
ATOM   20  C CB  . LYS A 1 7  ? 29.418  11.499  -19.022 1.00 11.93 ? 6   LYS A CB  1 
ATOM   21  C CG  . LYS A 1 7  ? 28.946  12.267  -20.243 1.00 13.83 ? 6   LYS A CG  1 
ATOM   22  C CD  . LYS A 1 7  ? 29.156  11.460  -21.505 1.00 19.34 ? 6   LYS A CD  1 
ATOM   23  C CE  . LYS A 1 7  ? 28.844  12.309  -22.725 1.00 25.19 ? 6   LYS A CE  1 
ATOM   24  N NZ  . LYS A 1 7  ? 29.280  11.626  -23.968 1.00 27.42 ? 6   LYS A NZ  1 
ATOM   25  N N   . ASP A 1 8  ? 30.773  11.395  -15.977 1.00 6.69  ? 7   ASP A N   1 
ATOM   26  C CA  . ASP A 1 8  ? 31.017  10.587  -14.781 1.00 6.57  ? 7   ASP A CA  1 
ATOM   27  C C   . ASP A 1 8  ? 30.170  11.077  -13.613 1.00 6.22  ? 7   ASP A C   1 
ATOM   28  O O   . ASP A 1 8  ? 29.569  10.283  -12.882 1.00 6.30  ? 7   ASP A O   1 
ATOM   29  C CB  . ASP A 1 8  ? 32.501  10.629  -14.388 1.00 7.84  ? 7   ASP A CB  1 
ATOM   30  C CG  . ASP A 1 8  ? 33.396  9.956   -15.395 1.00 15.37 ? 7   ASP A CG  1 
ATOM   31  O OD1 . ASP A 1 8  ? 34.628  10.166  -15.317 1.00 16.91 ? 7   ASP A OD1 1 
ATOM   32  O OD2 . ASP A 1 8  ? 32.885  9.213   -16.253 1.00 16.02 ? 7   ASP A OD2 1 
ATOM   33  N N   . ALA A 1 9  ? 30.167  12.389  -13.388 1.00 6.05  ? 8   ALA A N   1 
ATOM   34  C CA  . ALA A 1 9  ? 29.423  12.928  -12.254 1.00 6.73  ? 8   ALA A CA  1 
ATOM   35  C C   . ALA A 1 9  ? 27.928  12.759  -12.455 1.00 5.40  ? 8   ALA A C   1 
ATOM   36  O O   . ALA A 1 9  ? 27.196  12.548  -11.477 1.00 5.35  ? 8   ALA A O   1 
ATOM   37  C CB  . ALA A 1 9  ? 29.765  14.403  -12.045 1.00 11.97 ? 8   ALA A CB  1 
ATOM   38  N N   . LEU A 1 10 ? 27.461  12.810  -13.710 1.00 5.23  ? 9   LEU A N   1 
ATOM   39  C CA  . LEU A 1 10 ? 26.042  12.590  -13.966 1.00 5.00  ? 9   LEU A CA  1 
ATOM   40  C C   . LEU A 1 10 ? 25.670  11.129  -13.739 1.00 5.16  ? 9   LEU A C   1 
ATOM   41  O O   . LEU A 1 10 ? 24.614  10.837  -13.172 1.00 5.14  ? 9   LEU A O   1 
ATOM   42  C CB  . LEU A 1 10 ? 25.681  13.037  -15.388 1.00 4.94  ? 9   LEU A CB  1 
ATOM   43  C CG  . LEU A 1 10 ? 24.192  13.034  -15.705 1.00 6.49  ? 9   LEU A CG  1 
ATOM   44  C CD1 . LEU A 1 10 ? 23.454  13.890  -14.698 1.00 9.54  ? 9   LEU A CD1 1 
ATOM   45  C CD2 . LEU A 1 10 ? 23.936  13.552  -17.121 1.00 5.82  ? 9   LEU A CD2 1 
ATOM   46  N N   . LEU A 1 11 ? 26.548  10.197  -14.137 1.00 5.55  ? 10  LEU A N   1 
ATOM   47  C CA  . LEU A 1 11 ? 26.319  8.785   -13.831 1.00 5.87  ? 10  LEU A CA  1 
ATOM   48  C C   . LEU A 1 11 ? 26.231  8.564   -12.329 1.00 5.90  ? 10  LEU A C   1 
ATOM   49  O O   . LEU A 1 11 ? 25.357  7.836   -11.849 1.00 5.90  ? 10  LEU A O   1 
ATOM   50  C CB  . LEU A 1 11 ? 27.437  7.926   -14.424 1.00 6.45  ? 10  LEU A CB  1 
ATOM   51  C CG  . LEU A 1 11 ? 27.310  7.633   -15.910 1.00 6.66  ? 10  LEU A CG  1 
ATOM   52  C CD1 . LEU A 1 11 ? 28.615  7.083   -16.472 1.00 7.96  ? 10  LEU A CD1 1 
ATOM   53  C CD2 . LEU A 1 11 ? 26.200  6.629   -16.074 1.00 7.60  ? 10  LEU A CD2 1 
ATOM   54  N N   . ARG A 1 12 ? 27.116  9.217   -11.563 1.00 5.99  ? 11  ARG A N   1 
ATOM   55  C CA  . ARG A 1 12 ? 27.069  9.065   -10.111 1.00 6.16  ? 11  ARG A CA  1 
ATOM   56  C C   . ARG A 1 12 ? 25.767  9.621   -9.547  1.00 6.23  ? 11  ARG A C   1 
ATOM   57  O O   . ARG A 1 12 ? 25.160  9.021   -8.650  1.00 8.25  ? 11  ARG A O   1 
ATOM   58  C CB  . ARG A 1 12 ? 28.270  9.757   -9.467  1.00 6.45  ? 11  ARG A CB  1 
ATOM   59  C CG  . ARG A 1 12 ? 28.274  9.605   -7.956  1.00 6.80  ? 11  ARG A CG  1 
ATOM   60  C CD  . ARG A 1 12 ? 29.501  10.228  -7.324  1.00 8.39  ? 11  ARG A CD  1 
ATOM   61  N NE  . ARG A 1 12 ? 29.561  11.657  -7.562  1.00 9.93  ? 11  ARG A NE  1 
ATOM   62  C CZ  . ARG A 1 12 ? 30.606  12.419  -7.247  1.00 16.73 ? 11  ARG A CZ  1 
ATOM   63  N NH1 . ARG A 1 12 ? 31.685  11.881  -6.691  1.00 17.93 ? 11  ARG A NH1 1 
ATOM   64  N NH2 . ARG A 1 12 ? 30.578  13.716  -7.503  1.00 16.32 ? 11  ARG A NH2 1 
ATOM   65  N N   . GLN A 1 13 ? 25.319  10.767  -10.060 1.00 5.35  ? 12  GLN A N   1 
ATOM   66  C CA  . GLN A 1 13 ? 24.067  11.344  -9.578  1.00 5.07  ? 12  GLN A CA  1 
ATOM   67  C C   . GLN A 1 13 ? 22.885  10.432  -9.890  1.00 7.03  ? 12  GLN A C   1 
ATOM   68  O O   . GLN A 1 13 ? 22.014  10.220  -9.035  1.00 5.76  ? 12  GLN A O   1 
ATOM   69  C CB  . GLN A 1 13 ? 23.860  12.725  -10.194 1.00 4.84  ? 12  GLN A CB  1 
ATOM   70  C CG  . GLN A 1 13 ? 22.676  13.474  -9.589  1.00 6.32  ? 12  GLN A CG  1 
ATOM   71  C CD  . GLN A 1 13 ? 22.566  14.835  -10.201 1.00 15.36 ? 12  GLN A CD  1 
ATOM   72  O OE1 . GLN A 1 13 ? 22.321  14.953  -11.395 1.00 21.71 ? 12  GLN A OE1 1 
ATOM   73  N NE2 . GLN A 1 13 ? 22.720  15.873  -9.395  1.00 22.55 ? 12  GLN A NE2 1 
ATOM   74  N N   . PHE A 1 14 ? 22.848  9.861   -11.105 1.00 5.16  ? 13  PHE A N   1 
ATOM   75  C CA  . PHE A 1 14 ? 21.757  8.961   -11.481 1.00 4.88  ? 13  PHE A CA  1 
ATOM   76  C C   . PHE A 1 14 ? 21.740  7.706   -10.622 1.00 5.16  ? 13  PHE A C   1 
ATOM   77  O O   . PHE A 1 14 ? 20.666  7.229   -10.236 1.00 6.95  ? 13  PHE A O   1 
ATOM   78  C CB  . PHE A 1 14 ? 21.872  8.559   -12.953 1.00 5.03  ? 13  PHE A CB  1 
ATOM   79  C CG  . PHE A 1 14 ? 21.369  9.599   -13.921 1.00 8.76  ? 13  PHE A CG  1 
ATOM   80  C CD1 . PHE A 1 14 ? 21.338  9.321   -15.274 1.00 9.33  ? 13  PHE A CD1 1 
ATOM   81  C CD2 . PHE A 1 14 ? 20.931  10.840  -13.484 1.00 12.39 ? 13  PHE A CD2 1 
ATOM   82  C CE1 . PHE A 1 14 ? 20.872  10.258  -16.182 1.00 10.41 ? 13  PHE A CE1 1 
ATOM   83  C CE2 . PHE A 1 14 ? 20.474  11.787  -14.388 1.00 15.12 ? 13  PHE A CE2 1 
ATOM   84  C CZ  . PHE A 1 14 ? 20.442  11.486  -15.740 1.00 12.46 ? 13  PHE A CZ  1 
ATOM   85  N N   . GLN A 1 15 ? 22.919  7.145   -10.330 1.00 5.57  ? 14  GLN A N   1 
ATOM   86  C CA  . GLN A 1 15 ? 22.993  5.971   -9.466  1.00 6.84  ? 14  GLN A CA  1 
ATOM   87  C C   . GLN A 1 15 ? 22.444  6.293   -8.086  1.00 8.46  ? 14  GLN A C   1 
ATOM   88  O O   . GLN A 1 15 ? 21.724  5.487   -7.485  1.00 7.48  ? 14  GLN A O   1 
ATOM   89  C CB  . GLN A 1 15 ? 24.444  5.486   -9.387  1.00 9.55  ? 14  GLN A CB  1 
ATOM   90  C CG  . GLN A 1 15 ? 24.663  4.373   -8.376  1.00 11.61 ? 14  GLN A CG  1 
ATOM   91  C CD  . GLN A 1 15 ? 24.137  3.068   -8.891  1.00 22.17 ? 14  GLN A CD  1 
ATOM   92  O OE1 . GLN A 1 15 ? 24.593  2.581   -9.919  1.00 28.25 ? 14  GLN A OE1 1 
ATOM   93  N NE2 . GLN A 1 15 ? 23.157  2.497   -8.197  1.00 22.35 ? 14  GLN A NE2 1 
ATOM   94  N N   . LYS A 1 16 ? 22.763  7.478   -7.570  1.00 5.73  ? 15  LYS A N   1 
ATOM   95  C CA  . LYS A 1 16 ? 22.231  7.865   -6.271  1.00 7.43  ? 15  LYS A CA  1 
ATOM   96  C C   . LYS A 1 16 ? 20.714  8.008   -6.322  1.00 10.63 ? 15  LYS A C   1 
ATOM   97  O O   . LYS A 1 16 ? 20.012  7.562   -5.405  1.00 10.63 ? 15  LYS A O   1 
ATOM   98  C CB  . LYS A 1 16 ? 22.891  9.158   -5.802  1.00 8.63  ? 15  LYS A CB  1 
ATOM   99  C CG  . LYS A 1 16 ? 22.478  9.580   -4.375  1.00 12.61 ? 15  LYS A CG  1 
ATOM   100 C CD  . LYS A 1 16 ? 22.973  8.572   -3.327  1.00 21.19 ? 15  LYS A CD  1 
ATOM   101 C CE  . LYS A 1 16 ? 22.625  9.030   -1.912  1.00 29.38 ? 15  LYS A CE  1 
ATOM   102 N NZ  . LYS A 1 16 ? 23.019  8.030   -0.879  1.00 35.28 ? 15  LYS A NZ  1 
ATOM   103 N N   . GLU A 1 17 ? 20.191  8.612   -7.391  1.00 7.25  ? 16  GLU A N   1 
ATOM   104 C CA  . GLU A 1 17 ? 18.744  8.734   -7.542  1.00 9.17  ? 16  GLU A CA  1 
ATOM   105 C C   . GLU A 1 17 ? 18.082  7.367   -7.609  1.00 8.30  ? 16  GLU A C   1 
ATOM   106 O O   . GLU A 1 17 ? 17.020  7.157   -7.006  1.00 10.43 ? 16  GLU A O   1 
ATOM   107 C CB  . GLU A 1 17 ? 18.407  9.554   -8.789  1.00 10.07 ? 16  GLU A CB  1 
ATOM   108 C CG  . GLU A 1 17 ? 16.920  9.809   -8.998  1.00 17.80 ? 16  GLU A CG  1 
ATOM   109 C CD  . GLU A 1 17 ? 16.310  10.757  -7.971  1.00 33.56 ? 16  GLU A CD  1 
ATOM   110 O OE1 . GLU A 1 17 ? 15.064  10.861  -7.942  1.00 41.18 ? 16  GLU A OE1 1 
ATOM   111 O OE2 . GLU A 1 17 ? 17.061  11.404  -7.208  1.00 38.72 ? 16  GLU A OE2 1 
ATOM   112 N N   . ILE A 1 18 ? 18.694  6.420   -8.320  1.00 5.94  ? 17  ILE A N   1 
ATOM   113 C CA  . ILE A 1 18 ? 18.141  5.067   -8.373  1.00 5.23  ? 17  ILE A CA  1 
ATOM   114 C C   . ILE A 1 18 ? 18.102  4.469   -6.969  1.00 9.40  ? 17  ILE A C   1 
ATOM   115 O O   . ILE A 1 18 ? 17.091  3.902   -6.545  1.00 11.89 ? 17  ILE A O   1 
ATOM   116 C CB  . ILE A 1 18 ? 18.952  4.197   -9.354  1.00 10.31 ? 17  ILE A CB  1 
ATOM   117 C CG1 . ILE A 1 18 ? 18.592  4.559   -10.798 1.00 9.17  ? 17  ILE A CG1 1 
ATOM   118 C CG2 . ILE A 1 18 ? 18.737  2.703   -9.098  1.00 13.48 ? 17  ILE A CG2 1 
ATOM   119 C CD1 . ILE A 1 18 ? 19.686  4.202   -11.824 1.00 10.13 ? 17  ILE A CD1 1 
ATOM   120 N N   . GLU A 1 19 ? 19.187  4.637   -6.210  1.00 7.48  ? 18  GLU A N   1 
ATOM   121 C CA  . GLU A 1 19 ? 19.222  4.079   -4.855  1.00 10.21 ? 18  GLU A CA  1 
ATOM   122 C C   . GLU A 1 19 ? 18.166  4.722   -3.967  1.00 10.26 ? 18  GLU A C   1 
ATOM   123 O O   . GLU A 1 19 ? 17.501  4.035   -3.176  1.00 12.03 ? 18  GLU A O   1 
ATOM   124 C CB  . GLU A 1 19 ? 20.621  4.252   -4.260  1.00 12.77 ? 18  GLU A CB  1 
ATOM   125 C CG  . GLU A 1 19 ? 21.633  3.337   -4.942  1.00 15.72 ? 18  GLU A CG  1 
ATOM   126 C CD  . GLU A 1 19 ? 23.046  3.553   -4.487  1.00 23.91 ? 18  GLU A CD  1 
ATOM   127 O OE1 . GLU A 1 19 ? 23.256  4.106   -3.383  1.00 30.25 ? 18  GLU A OE1 1 
ATOM   128 O OE2 . GLU A 1 19 ? 23.947  3.161   -5.250  1.00 18.20 ? 18  GLU A OE2 1 
ATOM   129 N N   . GLU A 1 20 ? 17.974  6.036   -4.104  1.00 9.75  ? 19  GLU A N   1 
ATOM   130 C CA  . GLU A 1 20 ? 16.966  6.720   -3.301  1.00 10.55 ? 19  GLU A CA  1 
ATOM   131 C C   . GLU A 1 20 ? 15.559  6.288   -3.677  1.00 13.54 ? 19  GLU A C   1 
ATOM   132 O O   . GLU A 1 20 ? 14.690  6.162   -2.802  1.00 12.03 ? 19  GLU A O   1 
ATOM   133 C CB  . GLU A 1 20 ? 17.114  8.228   -3.454  1.00 10.89 ? 19  GLU A CB  1 
ATOM   134 C CG  . GLU A 1 20 ? 18.319  8.732   -2.720  1.00 17.10 ? 19  GLU A CG  1 
ATOM   135 C CD  . GLU A 1 20 ? 18.574  10.203  -2.967  1.00 26.67 ? 19  GLU A CD  1 
ATOM   136 O OE1 . GLU A 1 20 ? 17.801  10.820  -3.739  1.00 24.97 ? 19  GLU A OE1 1 
ATOM   137 O OE2 . GLU A 1 20 ? 19.552  10.727  -2.388  1.00 25.46 ? 19  GLU A OE2 1 
ATOM   138 N N   . LEU A 1 21 ? 15.307  6.057   -4.966  1.00 7.69  ? 20  LEU A N   1 
ATOM   139 C CA  . LEU A 1 21 ? 13.969  5.617   -5.369  1.00 6.74  ? 20  LEU A CA  1 
ATOM   140 C C   . LEU A 1 21 ? 13.688  4.208   -4.869  1.00 10.28 ? 20  LEU A C   1 
ATOM   141 O O   . LEU A 1 21 ? 12.568  3.913   -4.425  1.00 11.29 ? 20  LEU A O   1 
ATOM   142 C CB  . LEU A 1 21 ? 13.814  5.690   -6.895  1.00 7.94  ? 20  LEU A CB  1 
ATOM   143 C CG  . LEU A 1 21 ? 13.757  7.098   -7.503  1.00 10.55 ? 20  LEU A CG  1 
ATOM   144 C CD1 . LEU A 1 21 ? 13.936  7.029   -9.019  1.00 9.92  ? 20  LEU A CD1 1 
ATOM   145 C CD2 . LEU A 1 21 ? 12.465  7.800   -7.150  1.00 15.47 ? 20  LEU A CD2 1 
ATOM   146 N N   . LYS A 1 22 ? 14.698  3.331   -4.914  1.00 8.89  ? 21  LYS A N   1 
ATOM   147 C CA  . LYS A 1 22 ? 14.535  1.970   -4.404  1.00 11.03 ? 21  LYS A CA  1 
ATOM   148 C C   . LYS A 1 22 ? 14.194  1.982   -2.921  1.00 10.66 ? 21  LYS A C   1 
ATOM   149 O O   . LYS A 1 22 ? 13.363  1.187   -2.460  1.00 12.64 ? 21  LYS A O   1 
ATOM   150 C CB  . LYS A 1 22 ? 15.800  1.156   -4.649  1.00 12.09 ? 21  LYS A CB  1 
ATOM   151 C CG  . LYS A 1 22 ? 15.979  0.705   -6.091  1.00 13.87 ? 21  LYS A CG  1 
ATOM   152 C CD  . LYS A 1 22 ? 17.204  -0.181  -6.229  1.00 21.24 ? 21  LYS A CD  1 
ATOM   153 C CE  . LYS A 1 22 ? 17.613  -0.337  -7.677  1.00 31.37 ? 21  LYS A CE  1 
ATOM   154 N NZ  . LYS A 1 22 ? 16.598  -1.087  -8.462  1.00 39.64 ? 21  LYS A NZ  1 
ATOM   155 N N   . LYS A 1 23 ? 14.825  2.881   -2.162  1.00 10.22 ? 22  LYS A N   1 
ATOM   156 C CA  . LYS A 1 23 ? 14.511  3.036   -0.744  1.00 10.13 ? 22  LYS A CA  1 
ATOM   157 C C   . LYS A 1 23 ? 13.075  3.498   -0.542  1.00 15.10 ? 22  LYS A C   1 
ATOM   158 O O   . LYS A 1 23 ? 12.358  2.978   0.324   1.00 14.21 ? 22  LYS A O   1 
ATOM   159 C CB  . LYS A 1 23 ? 15.487  4.027   -0.112  1.00 14.07 ? 22  LYS A CB  1 
ATOM   160 C CG  . LYS A 1 23 ? 15.184  4.381   1.330   1.00 24.27 ? 22  LYS A CG  1 
ATOM   161 C CD  . LYS A 1 23 ? 16.409  4.981   1.990   1.00 34.17 ? 22  LYS A CD  1 
ATOM   162 C CE  . LYS A 1 23 ? 16.031  6.097   2.949   1.00 41.16 ? 22  LYS A CE  1 
ATOM   163 N NZ  . LYS A 1 23 ? 17.087  7.144   3.009   1.00 42.49 ? 22  LYS A NZ  1 
ATOM   164 N N   . LYS A 1 24 ? 12.646  4.499   -1.318  1.00 10.64 ? 23  LYS A N   1 
ATOM   165 C CA  . LYS A 1 24 ? 11.265  4.973   -1.239  1.00 9.08  ? 23  LYS A CA  1 
ATOM   166 C C   . LYS A 1 24 ? 10.284  3.864   -1.588  1.00 11.38 ? 23  LYS A C   1 
ATOM   167 O O   . LYS A 1 24 ? 9.192   3.796   -1.015  1.00 13.39 ? 23  LYS A O   1 
ATOM   168 C CB  . LYS A 1 24 ? 11.049  6.167   -2.173  1.00 14.08 ? 23  LYS A CB  1 
ATOM   169 C CG  . LYS A 1 24 ? 11.714  7.472   -1.747  1.00 19.45 ? 23  LYS A CG  1 
ATOM   170 C CD  . LYS A 1 24 ? 11.195  8.622   -2.607  1.00 27.64 ? 23  LYS A CD  1 
ATOM   171 C CE  . LYS A 1 24 ? 11.952  9.915   -2.345  1.00 37.82 ? 23  LYS A CE  1 
ATOM   172 N NZ  . LYS A 1 24 ? 13.354  9.841   -2.843  1.00 41.31 ? 23  LYS A NZ  1 
ATOM   173 N N   . LEU A 1 25 ? 10.648  2.997   -2.537  1.00 6.88  ? 24  LEU A N   1 
ATOM   174 C CA  . LEU A 1 25 ? 9.764   1.892   -2.901  1.00 10.27 ? 24  LEU A CA  1 
ATOM   175 C C   . LEU A 1 25 ? 9.587   0.936   -1.732  1.00 10.39 ? 24  LEU A C   1 
ATOM   176 O O   . LEU A 1 25 ? 8.473   0.477   -1.452  1.00 13.79 ? 24  LEU A O   1 
ATOM   177 C CB  . LEU A 1 25 ? 10.329  1.141   -4.101  1.00 13.86 ? 24  LEU A CB  1 
ATOM   178 C CG  . LEU A 1 25 ? 10.091  1.696   -5.495  1.00 21.82 ? 24  LEU A CG  1 
ATOM   179 C CD1 . LEU A 1 25 ? 10.848  0.836   -6.461  1.00 26.64 ? 24  LEU A CD1 1 
ATOM   180 C CD2 . LEU A 1 25 ? 8.619   1.653   -5.836  1.00 28.03 ? 24  LEU A CD2 1 
ATOM   181 N N   . GLU A 1 26 ? 10.688  0.608   -1.056  1.00 11.78 ? 25  GLU A N   1 
ATOM   182 C CA  . GLU A 1 26 ? 10.627  -0.292  0.090   1.00 13.85 ? 25  GLU A CA  1 
ATOM   183 C C   . GLU A 1 26 ? 9.786   0.308   1.209   1.00 14.11 ? 25  GLU A C   1 
ATOM   184 O O   . GLU A 1 26 ? 8.982   -0.396  1.838   1.00 14.69 ? 25  GLU A O   1 
ATOM   185 C CB  . GLU A 1 26 ? 12.041  -0.595  0.574   1.00 23.59 ? 25  GLU A CB  1 
ATOM   186 C CG  . GLU A 1 26 ? 12.115  -1.351  1.876   1.00 38.61 ? 25  GLU A CG  1 
ATOM   187 C CD  . GLU A 1 26 ? 13.098  -0.722  2.840   1.00 51.37 ? 25  GLU A CD  1 
ATOM   188 O OE1 . GLU A 1 26 ? 13.427  0.473   2.656   1.00 55.23 ? 25  GLU A OE1 1 
ATOM   189 O OE2 . GLU A 1 26 ? 13.548  -1.426  3.772   1.00 56.98 ? 25  GLU A OE2 1 
ATOM   190 N N   . GLU A 1 27 ? 9.953   1.608   1.462   1.00 12.51 ? 26  GLU A N   1 
ATOM   191 C CA  . GLU A 1 27 ? 9.142   2.289   2.468   1.00 13.14 ? 26  GLU A CA  1 
ATOM   192 C C   . GLU A 1 27 ? 7.664   2.283   2.094   1.00 13.50 ? 26  GLU A C   1 
ATOM   193 O O   . GLU A 1 27 ? 6.799   2.117   2.962   1.00 13.33 ? 26  GLU A O   1 
ATOM   194 C CB  . GLU A 1 27 ? 9.639   3.721   2.655   1.00 16.43 ? 26  GLU A CB  1 
ATOM   195 C CG  . GLU A 1 27 ? 11.038  3.799   3.246   1.00 25.64 ? 26  GLU A CG  1 
ATOM   196 C CD  . GLU A 1 27 ? 11.596  5.210   3.249   1.00 38.90 ? 26  GLU A CD  1 
ATOM   197 O OE1 . GLU A 1 27 ? 11.135  6.036   2.430   1.00 43.94 ? 26  GLU A OE1 1 
ATOM   198 O OE2 . GLU A 1 27 ? 12.494  5.494   4.074   1.00 45.98 ? 26  GLU A OE2 1 
ATOM   199 N N   . LEU A 1 28 ? 7.352   2.475   0.809   1.00 12.08 ? 27  LEU A N   1 
ATOM   200 C CA  . LEU A 1 28 ? 5.953   2.498   0.388   1.00 11.88 ? 27  LEU A CA  1 
ATOM   201 C C   . LEU A 1 28 ? 5.337   1.110   0.467   1.00 9.28  ? 27  LEU A C   1 
ATOM   202 O O   . LEU A 1 28 ? 4.154   0.965   0.812   1.00 10.80 ? 27  LEU A O   1 
ATOM   203 C CB  . LEU A 1 28 ? 5.838   3.050   -1.033  1.00 13.61 ? 27  LEU A CB  1 
ATOM   204 C CG  . LEU A 1 28 ? 5.476   4.520   -1.158  1.00 21.32 ? 27  LEU A CG  1 
ATOM   205 C CD1 . LEU A 1 28 ? 5.730   4.979   -2.581  1.00 23.75 ? 27  LEU A CD1 1 
ATOM   206 C CD2 . LEU A 1 28 ? 4.028   4.695   -0.792  1.00 24.20 ? 27  LEU A CD2 1 
ATOM   207 N N   . GLU A 1 29 ? 6.116   0.074   0.149   1.00 8.84  ? 28  GLU A N   1 
ATOM   208 C CA  . GLU A 1 29 ? 5.614   -1.289  0.302   1.00 10.83 ? 28  GLU A CA  1 
ATOM   209 C C   . GLU A 1 29 ? 5.298   -1.578  1.757   1.00 8.71  ? 28  GLU A C   1 
ATOM   210 O O   . GLU A 1 29 ? 4.312   -2.263  2.064   1.00 9.30  ? 28  GLU A O   1 
ATOM   211 C CB  . GLU A 1 29 ? 6.636   -2.303  -0.221  1.00 14.99 ? 28  GLU A CB  1 
ATOM   212 C CG  . GLU A 1 29 ? 6.782   -2.310  -1.726  1.00 24.66 ? 28  GLU A CG  1 
ATOM   213 C CD  . GLU A 1 29 ? 7.566   -3.504  -2.237  1.00 35.86 ? 28  GLU A CD  1 
ATOM   214 O OE1 . GLU A 1 29 ? 8.002   -4.326  -1.405  1.00 43.08 ? 28  GLU A OE1 1 
ATOM   215 O OE2 . GLU A 1 29 ? 7.731   -3.626  -3.470  1.00 38.11 ? 28  GLU A OE2 1 
ATOM   216 N N   . LYS A 1 30 ? 6.141   -1.075  2.668   1.00 9.49  ? 29  LYS A N   1 
ATOM   217 C CA  . LYS A 1 30 ? 5.889   -1.254  4.094   1.00 9.59  ? 29  LYS A CA  1 
ATOM   218 C C   . LYS A 1 30 ? 4.586   -0.595  4.522   1.00 11.09 ? 29  LYS A C   1 
ATOM   219 O O   . LYS A 1 30 ? 3.816   -1.180  5.294   1.00 10.75 ? 29  LYS A O   1 
ATOM   220 C CB  . LYS A 1 30 ? 7.041   -0.685  4.906   1.00 15.14 ? 29  LYS A CB  1 
ATOM   221 C CG  . LYS A 1 30 ? 8.230   -1.549  4.827   1.00 26.84 ? 29  LYS A CG  1 
ATOM   222 C CD  . LYS A 1 30 ? 7.943   -2.750  5.706   1.00 37.75 ? 29  LYS A CD  1 
ATOM   223 C CE  . LYS A 1 30 ? 8.814   -3.946  5.388   1.00 39.76 ? 29  LYS A CE  1 
ATOM   224 N NZ  . LYS A 1 30 ? 9.766   -4.233  6.510   1.00 43.80 ? 29  LYS A NZ  1 
ATOM   225 N N   . GLU A 1 31 ? 4.340   0.628   4.051   1.00 7.85  ? 30  GLU A N   1 
ATOM   226 C CA  . GLU A 1 31 ? 3.102   1.326   4.383   1.00 7.83  ? 30  GLU A CA  1 
ATOM   227 C C   . GLU A 1 31 ? 1.896   0.587   3.826   1.00 7.31  ? 30  GLU A C   1 
ATOM   228 O O   . GLU A 1 31 ? 0.898   0.388   4.526   1.00 7.93  ? 30  GLU A O   1 
ATOM   229 C CB  . GLU A 1 31 ? 3.140   2.760   3.845   1.00 10.59 ? 30  GLU A CB  1 
ATOM   230 C CG  . GLU A 1 31 ? 3.956   3.713   4.699   1.00 18.98 ? 30  GLU A CG  1 
ATOM   231 C CD  . GLU A 1 31 ? 4.236   5.030   4.003   1.00 29.53 ? 30  GLU A CD  1 
ATOM   232 O OE1 . GLU A 1 31 ? 5.152   5.757   4.446   1.00 39.06 ? 30  GLU A OE1 1 
ATOM   233 O OE2 . GLU A 1 31 ? 3.556   5.326   2.999   1.00 30.89 ? 30  GLU A OE2 1 
ATOM   234 N N   . ARG A 1 32 ? 1.974   0.169   2.560   1.00 6.14  ? 31  ARG A N   1 
ATOM   235 C CA  . ARG A 1 32 ? 0.902   -0.623  1.962   1.00 7.09  ? 31  ARG A CA  1 
ATOM   236 C C   . ARG A 1 32 ? 0.631   -1.874  2.780   1.00 9.79  ? 31  ARG A C   1 
ATOM   237 O O   . ARG A 1 32 ? -0.520  -2.170  3.114   1.00 9.71  ? 31  ARG A O   1 
ATOM   238 C CB  . ARG A 1 32 ? 1.270   -1.008  0.527   1.00 6.35  ? 31  ARG A CB  1 
ATOM   239 C CG  . ARG A 1 32 ? 0.201   -1.820  -0.180  1.00 8.22  ? 31  ARG A CG  1 
ATOM   240 C CD  . ARG A 1 32 ? 0.787   -2.567  -1.351  1.00 10.41 ? 31  ARG A CD  1 
ATOM   241 N NE  . ARG A 1 32 ? 1.794   -3.533  -0.911  1.00 11.46 ? 31  ARG A NE  1 
ATOM   242 C CZ  . ARG A 1 32 ? 2.606   -4.179  -1.739  1.00 16.47 ? 31  ARG A CZ  1 
ATOM   243 N NH1 . ARG A 1 32 ? 2.530   -3.958  -3.044  1.00 16.43 ? 31  ARG A NH1 1 
ATOM   244 N NH2 . ARG A 1 32 ? 3.492   -5.044  -1.262  1.00 17.85 ? 31  ARG A NH2 1 
ATOM   245 N N   . ASP A 1 33 ? 1.687   -2.625  3.112   1.00 9.19  ? 32  ASP A N   1 
ATOM   246 C CA  . ASP A 1 33 ? 1.493   -3.885  3.823   1.00 9.77  ? 32  ASP A CA  1 
ATOM   247 C C   . ASP A 1 33 ? 0.927   -3.664  5.217   1.00 8.69  ? 32  ASP A C   1 
ATOM   248 O O   . ASP A 1 33 ? 0.207   -4.529  5.733   1.00 8.88  ? 32  ASP A O   1 
ATOM   249 C CB  . ASP A 1 33 ? 2.815   -4.651  3.916   1.00 9.79  ? 32  ASP A CB  1 
ATOM   250 C CG  . ASP A 1 33 ? 3.295   -5.162  2.568   1.00 13.58 ? 32  ASP A CG  1 
ATOM   251 O OD1 . ASP A 1 33 ? 2.532   -5.086  1.593   1.00 17.84 ? 32  ASP A OD1 1 
ATOM   252 O OD2 . ASP A 1 33 ? 4.440   -5.650  2.486   1.00 18.61 ? 32  ASP A OD2 1 
ATOM   253 N N   . PHE A 1 34 ? 1.251   -2.528  5.838   1.00 7.55  ? 33  PHE A N   1 
ATOM   254 C CA  . PHE A 1 34 ? 0.713   -2.193  7.153   1.00 9.45  ? 33  PHE A CA  1 
ATOM   255 C C   . PHE A 1 34 ? -0.804  -2.031  7.101   1.00 7.01  ? 33  PHE A C   1 
ATOM   256 O O   . PHE A 1 34 ? -1.527  -2.598  7.929   1.00 7.41  ? 33  PHE A O   1 
ATOM   257 C CB  . PHE A 1 34 ? 1.393   -0.917  7.655   1.00 8.10  ? 33  PHE A CB  1 
ATOM   258 C CG  . PHE A 1 34 ? 0.874   -0.404  8.971   1.00 10.38 ? 33  PHE A CG  1 
ATOM   259 C CD1 . PHE A 1 34 ? -0.008  0.661   9.013   1.00 15.09 ? 33  PHE A CD1 1 
ATOM   260 C CD2 . PHE A 1 34 ? 1.314   -0.950  10.160  1.00 15.64 ? 33  PHE A CD2 1 
ATOM   261 C CE1 . PHE A 1 34 ? -0.466  1.156   10.219  1.00 20.17 ? 33  PHE A CE1 1 
ATOM   262 C CE2 . PHE A 1 34 ? 0.849   -0.462  11.373  1.00 16.17 ? 33  PHE A CE2 1 
ATOM   263 C CZ  . PHE A 1 34 ? -0.038  0.587   11.397  1.00 14.33 ? 33  PHE A CZ  1 
ATOM   264 N N   . TYR A 1 35 ? -1.301  -1.231  6.151   1.00 8.49  ? 34  TYR A N   1 
ATOM   265 C CA  . TYR A 1 35 ? -2.746  -1.056  6.022   1.00 6.47  ? 34  TYR A CA  1 
ATOM   266 C C   . TYR A 1 35 ? -3.422  -2.357  5.627   1.00 6.45  ? 34  TYR A C   1 
ATOM   267 O O   . TYR A 1 35 ? -4.506  -2.685  6.133   1.00 6.60  ? 34  TYR A O   1 
ATOM   268 C CB  . TYR A 1 35 ? -3.062  0.020   4.987   1.00 6.15  ? 34  TYR A CB  1 
ATOM   269 C CG  . TYR A 1 35 ? -2.615  1.393   5.369   1.00 6.27  ? 34  TYR A CG  1 
ATOM   270 C CD1 . TYR A 1 35 ? -2.771  1.866   6.660   1.00 8.03  ? 34  TYR A CD1 1 
ATOM   271 C CD2 . TYR A 1 35 ? -2.019  2.219   4.433   1.00 9.15  ? 34  TYR A CD2 1 
ATOM   272 C CE1 . TYR A 1 35 ? -2.350  3.143   7.009   1.00 13.46 ? 34  TYR A CE1 1 
ATOM   273 C CE2 . TYR A 1 35 ? -1.601  3.487   4.767   1.00 12.70 ? 34  TYR A CE2 1 
ATOM   274 C CZ  . TYR A 1 35 ? -1.766  3.943   6.051   1.00 13.81 ? 34  TYR A CZ  1 
ATOM   275 O OH  . TYR A 1 35 ? -1.347  5.214   6.365   1.00 16.61 ? 34  TYR A OH  1 
ATOM   276 N N   . PHE A 1 36 ? -2.807  -3.106  4.709   1.00 6.35  ? 35  PHE A N   1 
ATOM   277 C CA  . PHE A 1 36 ? -3.357  -4.402  4.339   1.00 6.49  ? 35  PHE A CA  1 
ATOM   278 C C   . PHE A 1 36 ? -3.453  -5.321  5.545   1.00 6.93  ? 35  PHE A C   1 
ATOM   279 O O   . PHE A 1 36 ? -4.465  -6.006  5.731   1.00 7.07  ? 35  PHE A O   1 
ATOM   280 C CB  . PHE A 1 36 ? -2.499  -5.064  3.259   1.00 6.51  ? 35  PHE A CB  1 
ATOM   281 C CG  . PHE A 1 36 ? -2.941  -6.452  2.912   1.00 12.51 ? 35  PHE A CG  1 
ATOM   282 C CD1 . PHE A 1 36 ? -3.938  -6.656  1.980   1.00 20.75 ? 35  PHE A CD1 1 
ATOM   283 C CD2 . PHE A 1 36 ? -2.355  -7.557  3.518   1.00 14.71 ? 35  PHE A CD2 1 
ATOM   284 C CE1 . PHE A 1 36 ? -4.352  -7.938  1.658   1.00 24.71 ? 35  PHE A CE1 1 
ATOM   285 C CE2 . PHE A 1 36 ? -2.769  -8.840  3.199   1.00 16.15 ? 35  PHE A CE2 1 
ATOM   286 C CZ  . PHE A 1 36 ? -3.761  -9.027  2.274   1.00 18.96 ? 35  PHE A CZ  1 
ATOM   287 N N   . GLY A 1 37 ? -2.410  -5.340  6.383   1.00 7.30  ? 36  GLY A N   1 
ATOM   288 C CA  . GLY A 1 37 ? -2.436  -6.173  7.579   1.00 8.45  ? 36  GLY A CA  1 
ATOM   289 C C   . GLY A 1 37 ? -3.573  -5.824  8.519   1.00 7.85  ? 36  GLY A C   1 
ATOM   290 O O   . GLY A 1 37 ? -4.186  -6.708  9.121   1.00 8.19  ? 36  GLY A O   1 
ATOM   291 N N   . LYS A 1 38 ? -3.865  -4.528  8.674   1.00 7.63  ? 37  LYS A N   1 
ATOM   292 C CA  . LYS A 1 38 ? -5.008  -4.145  9.502   1.00 7.79  ? 37  LYS A CA  1 
ATOM   293 C C   . LYS A 1 38 ? -6.316  -4.641  8.899   1.00 7.57  ? 37  LYS A C   1 
ATOM   294 O O   . LYS A 1 38 ? -7.191  -5.140  9.618   1.00 7.84  ? 37  LYS A O   1 
ATOM   295 C CB  . LYS A 1 38 ? -5.052  -2.623  9.681   1.00 7.73  ? 37  LYS A CB  1 
ATOM   296 C CG  . LYS A 1 38 ? -4.065  -2.095  10.703  1.00 8.52  ? 37  LYS A CG  1 
ATOM   297 C CD  . LYS A 1 38 ? -4.283  -0.614  10.996  1.00 8.33  ? 37  LYS A CD  1 
ATOM   298 C CE  . LYS A 1 38 ? -3.529  -0.220  12.286  1.00 13.85 ? 37  LYS A CE  1 
ATOM   299 N NZ  . LYS A 1 38 ? -3.804  1.167   12.726  1.00 15.83 ? 37  LYS A NZ  1 
ATOM   300 N N   . LEU A 1 39 ? -6.483  -4.493  7.582   1.00 7.16  ? 38  LEU A N   1 
ATOM   301 C CA  . LEU A 1 39 ? -7.698  -4.982  6.938   1.00 7.06  ? 38  LEU A CA  1 
ATOM   302 C C   . LEU A 1 39 ? -7.859  -6.482  7.136   1.00 7.40  ? 38  LEU A C   1 
ATOM   303 O O   . LEU A 1 39 ? -8.959  -6.963  7.419   1.00 7.70  ? 38  LEU A O   1 
ATOM   304 C CB  . LEU A 1 39 ? -7.668  -4.647  5.448   1.00 6.73  ? 38  LEU A CB  1 
ATOM   305 C CG  . LEU A 1 39 ? -7.909  -3.177  5.107   1.00 6.53  ? 38  LEU A CG  1 
ATOM   306 C CD1 . LEU A 1 39 ? -7.555  -2.928  3.656   1.00 6.38  ? 38  LEU A CD1 1 
ATOM   307 C CD2 . LEU A 1 39 ? -9.361  -2.810  5.369   1.00 6.68  ? 38  LEU A CD2 1 
ATOM   308 N N   . ARG A 1 40 ? -6.767  -7.236  6.989   1.00 7.52  ? 39  ARG A N   1 
ATOM   309 C CA  . ARG A 1 40 ? -6.831  -8.682  7.192   1.00 7.95  ? 39  ARG A CA  1 
ATOM   310 C C   . ARG A 1 40 ? -7.219  -9.031  8.628   1.00 8.36  ? 39  ARG A C   1 
ATOM   311 O O   . ARG A 1 40 ? -7.991  -9.969  8.863   1.00 10.44 ? 39  ARG A O   1 
ATOM   312 C CB  . ARG A 1 40 ? -5.488  -9.320  6.821   1.00 8.20  ? 39  ARG A CB  1 
ATOM   313 C CG  . ARG A 1 40 ? -5.451  -10.823 7.081   1.00 11.29 ? 39  ARG A CG  1 
ATOM   314 C CD  . ARG A 1 40 ? -4.225  -11.454 6.454   1.00 15.60 ? 39  ARG A CD  1 
ATOM   315 N NE  . ARG A 1 40 ? -2.995  -10.757 6.805   1.00 15.98 ? 39  ARG A NE  1 
ATOM   316 C CZ  . ARG A 1 40 ? -1.844  -10.937 6.164   1.00 19.03 ? 39  ARG A CZ  1 
ATOM   317 N NH1 . ARG A 1 40 ? -1.778  -11.794 5.149   1.00 20.33 ? 39  ARG A NH1 1 
ATOM   318 N NH2 . ARG A 1 40 ? -0.766  -10.261 6.532   1.00 23.99 ? 39  ARG A NH2 1 
ATOM   319 N N   . ASN A 1 41 ? -6.686  -8.294  9.605   1.00 8.48  ? 40  ASN A N   1 
ATOM   320 C CA  . ASN A 1 41 ? -7.037  -8.564  10.994  1.00 8.98  ? 40  ASN A CA  1 
ATOM   321 C C   . ASN A 1 41 ? -8.493  -8.233  11.278  1.00 9.40  ? 40  ASN A C   1 
ATOM   322 O O   . ASN A 1 41 ? -9.139  -8.925  12.071  1.00 10.84 ? 40  ASN A O   1 
ATOM   323 C CB  . ASN A 1 41 ? -6.106  -7.786  11.919  1.00 9.27  ? 40  ASN A CB  1 
ATOM   324 C CG  . ASN A 1 41 ? -4.759  -8.450  12.027  1.00 14.17 ? 40  ASN A CG  1 
ATOM   325 O OD1 . ASN A 1 41 ? -4.626  -9.620  11.679  1.00 19.13 ? 40  ASN A OD1 1 
ATOM   326 N ND2 . ASN A 1 41 ? -3.747  -7.712  12.464  1.00 9.87  ? 40  ASN A ND2 1 
ATOM   327 N N   . ILE A 1 42 ? -9.026  -7.183  10.646  1.00 8.41  ? 41  ILE A N   1 
ATOM   328 C CA  . ILE A 1 42 ? -10.452 -6.869  10.767  1.00 8.77  ? 41  ILE A CA  1 
ATOM   329 C C   . ILE A 1 42 ? -11.296 -7.971  10.138  1.00 8.35  ? 41  ILE A C   1 
ATOM   330 O O   . ILE A 1 42 ? -12.342 -8.362  10.673  1.00 13.36 ? 41  ILE A O   1 
ATOM   331 C CB  . ILE A 1 42 ? -10.743 -5.499  10.131  1.00 8.03  ? 41  ILE A CB  1 
ATOM   332 C CG1 . ILE A 1 42 ? -10.082 -4.383  10.951  1.00 8.23  ? 41  ILE A CG1 1 
ATOM   333 C CG2 . ILE A 1 42 ? -12.275 -5.283  9.968   1.00 8.05  ? 41  ILE A CG2 1 
ATOM   334 C CD1 . ILE A 1 42 ? -10.073 -3.015  10.269  1.00 7.98  ? 41  ILE A CD1 1 
ATOM   335 N N   . GLU A 1 43 ? -10.872 -8.470  8.980   1.00 10.07 ? 42  GLU A N   1 
ATOM   336 C CA  . GLU A 1 43 ? -11.610 -9.552  8.339   1.00 11.35 ? 42  GLU A CA  1 
ATOM   337 C C   . GLU A 1 43 ? -11.616 -10.798 9.209   1.00 14.32 ? 42  GLU A C   1 
ATOM   338 O O   . GLU A 1 43 ? -12.622 -11.514 9.269   1.00 19.40 ? 42  GLU A O   1 
ATOM   339 C CB  . GLU A 1 43 ? -11.012 -9.854  6.971   1.00 15.71 ? 42  GLU A CB  1 
ATOM   340 C CG  . GLU A 1 43 ? -11.963 -10.577 6.028   1.00 23.41 ? 42  GLU A CG  1 
ATOM   341 C CD  . GLU A 1 43 ? -11.854 -12.078 6.120   1.00 31.60 ? 42  GLU A CD  1 
ATOM   342 O OE1 . GLU A 1 43 ? -12.641 -12.767 5.432   1.00 38.13 ? 42  GLU A OE1 1 
ATOM   343 O OE2 . GLU A 1 43 ? -10.979 -12.571 6.866   1.00 33.62 ? 42  GLU A OE2 1 
ATOM   344 N N   . LEU A 1 44 ? -10.506 -11.072 9.901   1.00 9.08  ? 43  LEU A N   1 
ATOM   345 C CA  . LEU A 1 44 ? -10.470 -12.205 10.826  1.00 15.03 ? 43  LEU A CA  1 
ATOM   346 C C   . LEU A 1 44 ? -11.482 -12.039 11.954  1.00 18.75 ? 43  LEU A C   1 
ATOM   347 O O   . LEU A 1 44 ? -12.097 -13.020 12.396  1.00 21.15 ? 43  LEU A O   1 
ATOM   348 C CB  . LEU A 1 44 ? -9.068  -12.374 11.404  1.00 19.21 ? 43  LEU A CB  1 
ATOM   349 C CG  . LEU A 1 44 ? -8.062  -13.114 10.527  1.00 29.13 ? 43  LEU A CG  1 
ATOM   350 C CD1 . LEU A 1 44 ? -6.877  -13.540 11.375  1.00 33.75 ? 43  LEU A CD1 1 
ATOM   351 C CD2 . LEU A 1 44 ? -8.716  -14.322 9.875   1.00 34.28 ? 43  LEU A CD2 1 
ATOM   352 N N   . ILE A 1 45 ? -11.648 -10.812 12.454  1.00 14.51 ? 44  ILE A N   1 
ATOM   353 C CA  . ILE A 1 45 ? -12.669 -10.557 13.470  1.00 16.01 ? 44  ILE A CA  1 
ATOM   354 C C   . ILE A 1 45 ? -14.060 -10.804 12.894  1.00 22.24 ? 44  ILE A C   1 
ATOM   355 O O   . ILE A 1 45 ? -14.912 -11.425 13.538  1.00 22.49 ? 44  ILE A O   1 
ATOM   356 C CB  . ILE A 1 45 ? -12.545 -9.126  14.032  1.00 15.59 ? 44  ILE A CB  1 
ATOM   357 C CG1 . ILE A 1 45 ? -11.233 -8.940  14.791  1.00 19.32 ? 44  ILE A CG1 1 
ATOM   358 C CG2 . ILE A 1 45 ? -13.712 -8.810  14.957  1.00 19.93 ? 44  ILE A CG2 1 
ATOM   359 C CD1 . ILE A 1 45 ? -11.105 -9.842  15.993  1.00 23.89 ? 44  ILE A CD1 1 
ATOM   360 N N   . CYS A 1 46 ? -14.305 -10.333 11.681  1.00 16.06 ? 45  CYS A N   1 
ATOM   361 C CA  . CYS A 1 46 ? -15.611 -10.492 11.079  1.00 17.56 ? 45  CYS A CA  1 
ATOM   362 C C   . CYS A 1 46 ? -15.971 -11.945 10.879  1.00 21.89 ? 45  CYS A C   1 
ATOM   363 O O   . CYS A 1 46 ? -17.065 -12.301 11.075  1.00 25.74 ? 45  CYS A O   1 
ATOM   364 C CB  . CYS A 1 46 ? -15.742 -9.718  9.764   1.00 17.57 ? 45  CYS A CB  1 
ATOM   365 S SG  . CYS A 1 46 ? -15.728 -7.927  10.023  1.00 16.14 ? 45  CYS A SG  1 
ATOM   366 N N   . GLN A 1 47 ? -15.031 -12.740 10.441  1.00 19.52 ? 46  GLN A N   1 
ATOM   367 C CA  . GLN A 1 47 ? -15.270 -14.165 10.259  1.00 33.90 ? 46  GLN A CA  1 
ATOM   368 C C   . GLN A 1 47 ? -15.690 -14.717 11.584  1.00 47.67 ? 46  GLN A C   1 
ATOM   369 O O   . GLN A 1 47 ? -16.234 -15.784 11.652  1.00 54.91 ? 46  GLN A O   1 
ATOM   370 C CB  . GLN A 1 47 ? -13.994 -14.889 9.971   1.00 33.14 ? 46  GLN A CB  1 
ATOM   371 C CG  . GLN A 1 47 ? -13.447 -14.645 8.606   1.00 33.14 ? 46  GLN A CG  1 
ATOM   372 C CD  . GLN A 1 47 ? -12.386 -15.646 8.221   1.00 35.96 ? 46  GLN A CD  1 
ATOM   373 O OE1 . GLN A 1 47 ? -12.612 -16.826 8.281   1.00 37.18 ? 46  GLN A OE1 1 
ATOM   374 N NE2 . GLN A 1 47 ? -11.253 -15.176 7.795   1.00 36.15 ? 46  GLN A NE2 1 
ATOM   375 N N   . ASP A 1 54 ? -25.557 -9.318  11.975  1.00 54.09 ? 53  ASP A N   1 
ATOM   376 C CA  . ASP A 1 54 ? -25.185 -7.948  12.306  1.00 47.50 ? 53  ASP A CA  1 
ATOM   377 C C   . ASP A 1 54 ? -25.118 -7.077  11.056  1.00 41.98 ? 53  ASP A C   1 
ATOM   378 O O   . ASP A 1 54 ? -24.254 -7.267  10.201  1.00 42.31 ? 53  ASP A O   1 
ATOM   379 C CB  . ASP A 1 54 ? -23.843 -7.920  13.039  1.00 50.35 ? 53  ASP A CB  1 
ATOM   380 C CG  . ASP A 1 54 ? -23.591 -6.600  13.743  1.00 54.67 ? 53  ASP A CG  1 
ATOM   381 O OD1 . ASP A 1 54 ? -22.974 -6.613  14.829  1.00 59.43 ? 53  ASP A OD1 1 
ATOM   382 O OD2 . ASP A 1 54 ? -24.008 -5.551  13.209  1.00 53.97 ? 53  ASP A OD2 1 
ATOM   383 N N   . PRO A 1 55 ? -26.037 -6.121  10.957  1.00 35.68 ? 54  PRO A N   1 
ATOM   384 C CA  . PRO A 1 55 ? -26.084 -5.214  9.805   1.00 32.11 ? 54  PRO A CA  1 
ATOM   385 C C   . PRO A 1 55 ? -24.806 -4.392  9.677   1.00 26.59 ? 54  PRO A C   1 
ATOM   386 O O   . PRO A 1 55 ? -24.304 -4.204  8.569   1.00 28.66 ? 54  PRO A O   1 
ATOM   387 C CB  . PRO A 1 55 ? -27.266 -4.300  10.134  1.00 36.88 ? 54  PRO A CB  1 
ATOM   388 C CG  . PRO A 1 55 ? -28.153 -5.137  10.990  1.00 36.53 ? 54  PRO A CG  1 
ATOM   389 C CD  . PRO A 1 55 ? -27.236 -6.006  11.805  1.00 37.67 ? 54  PRO A CD  1 
ATOM   390 N N   . VAL A 1 56 ? -24.290 -3.911  10.804  1.00 22.42 ? 55  VAL A N   1 
ATOM   391 C CA  . VAL A 1 56 ? -23.071 -3.112  10.808  1.00 24.28 ? 55  VAL A CA  1 
ATOM   392 C C   . VAL A 1 56 ? -21.875 -3.926  10.326  1.00 19.28 ? 55  VAL A C   1 
ATOM   393 O O   . VAL A 1 56 ? -21.115 -3.481  9.466   1.00 18.48 ? 55  VAL A O   1 
ATOM   394 C CB  . VAL A 1 56 ? -22.768 -2.553  12.210  1.00 30.34 ? 55  VAL A CB  1 
ATOM   395 C CG1 . VAL A 1 56 ? -21.451 -1.793  12.205  1.00 27.46 ? 55  VAL A CG1 1 
ATOM   396 C CG2 . VAL A 1 56 ? -23.905 -1.659  12.682  1.00 34.10 ? 55  VAL A CG2 1 
ATOM   397 N N   . LEU A 1 57 ? -21.713 -5.120  10.888  1.00 21.86 ? 56  LEU A N   1 
ATOM   398 C CA  . LEU A 1 57 ? -20.606 -6.000  10.516  1.00 19.88 ? 56  LEU A CA  1 
ATOM   399 C C   . LEU A 1 57 ? -20.700 -6.421  9.059   1.00 18.50 ? 56  LEU A C   1 
ATOM   400 O O   . LEU A 1 57 ? -19.677 -6.559  8.376   1.00 14.28 ? 56  LEU A O   1 
ATOM   401 C CB  . LEU A 1 57 ? -20.595 -7.237  11.411  1.00 21.65 ? 56  LEU A CB  1 
ATOM   402 C CG  . LEU A 1 57 ? -19.272 -7.933  11.712  1.00 26.17 ? 56  LEU A CG  1 
ATOM   403 C CD1 . LEU A 1 57 ? -18.314 -6.965  12.391  1.00 27.55 ? 56  LEU A CD1 1 
ATOM   404 C CD2 . LEU A 1 57 ? -19.513 -9.148  12.586  1.00 29.16 ? 56  LEU A CD2 1 
ATOM   405 N N   . GLN A 1 58 ? -21.921 -6.652  8.565   1.00 18.45 ? 57  GLN A N   1 
ATOM   406 C CA  . GLN A 1 58 ? -22.083 -6.987  7.155   1.00 18.93 ? 57  GLN A CA  1 
ATOM   407 C C   . GLN A 1 58 ? -21.577 -5.863  6.261   1.00 15.26 ? 57  GLN A C   1 
ATOM   408 O O   . GLN A 1 58 ? -20.934 -6.117  5.233   1.00 12.95 ? 57  GLN A O   1 
ATOM   409 C CB  . GLN A 1 58 ? -23.547 -7.287  6.838   1.00 20.29 ? 57  GLN A CB  1 
ATOM   410 C CG  . GLN A 1 58 ? -23.761 -7.716  5.395   1.00 25.89 ? 57  GLN A CG  1 
ATOM   411 C CD  . GLN A 1 58 ? -22.915 -8.920  5.027   1.00 28.03 ? 57  GLN A CD  1 
ATOM   412 O OE1 . GLN A 1 58 ? -23.026 -9.975  5.650   1.00 34.17 ? 57  GLN A OE1 1 
ATOM   413 N NE2 . GLN A 1 58 ? -22.043 -8.764  4.022   1.00 20.38 ? 57  GLN A NE2 1 
ATOM   414 N N   . ARG A 1 59 ? -21.871 -4.612  6.624   1.00 14.28 ? 58  ARG A N   1 
ATOM   415 C CA  . ARG A 1 59 ? -21.388 -3.492  5.824   1.00 12.08 ? 58  ARG A CA  1 
ATOM   416 C C   . ARG A 1 59 ? -19.869 -3.445  5.821   1.00 11.11 ? 58  ARG A C   1 
ATOM   417 O O   . ARG A 1 59 ? -19.247 -3.172  4.785   1.00 9.98  ? 58  ARG A O   1 
ATOM   418 C CB  . ARG A 1 59 ? -21.968 -2.181  6.354   1.00 16.13 ? 58  ARG A CB  1 
ATOM   419 C CG  . ARG A 1 59 ? -21.422 -0.957  5.675   1.00 20.15 ? 58  ARG A CG  1 
ATOM   420 C CD  . ARG A 1 59 ? -21.528 -1.085  4.175   1.00 33.35 ? 58  ARG A CD  1 
ATOM   421 N NE  . ARG A 1 59 ? -20.644 -0.139  3.516   1.00 46.76 ? 58  ARG A NE  1 
ATOM   422 C CZ  . ARG A 1 59 ? -20.918 1.150   3.351   1.00 53.47 ? 58  ARG A CZ  1 
ATOM   423 N NH1 . ARG A 1 59 ? -20.043 1.946   2.747   1.00 53.55 ? 58  ARG A NH1 1 
ATOM   424 N NH2 . ARG A 1 59 ? -22.069 1.649   3.782   1.00 59.62 ? 58  ARG A NH2 1 
ATOM   425 N N   . ILE A 1 60 ? -19.251 -3.724  6.972   1.00 11.21 ? 59  ILE A N   1 
ATOM   426 C CA  . ILE A 1 60 ? -17.792 -3.769  7.034   1.00 9.43  ? 59  ILE A CA  1 
ATOM   427 C C   . ILE A 1 60 ? -17.261 -4.866  6.123   1.00 8.98  ? 59  ILE A C   1 
ATOM   428 O O   . ILE A 1 60 ? -16.268 -4.677  5.415   1.00 8.40  ? 59  ILE A O   1 
ATOM   429 C CB  . ILE A 1 60 ? -17.321 -3.955  8.488   1.00 9.95  ? 59  ILE A CB  1 
ATOM   430 C CG1 . ILE A 1 60 ? -17.562 -2.666  9.277   1.00 13.11 ? 59  ILE A CG1 1 
ATOM   431 C CG2 . ILE A 1 60 ? -15.832 -4.326  8.531   1.00 13.80 ? 59  ILE A CG2 1 
ATOM   432 C CD1 . ILE A 1 60 ? -17.330 -2.808  10.786  1.00 15.58 ? 59  ILE A CD1 1 
ATOM   433 N N   . VAL A 1 61 ? -17.923 -6.026  6.121   1.00 9.41  ? 60  VAL A N   1 
ATOM   434 C CA  . VAL A 1 61 ? -17.498 -7.106  5.234   1.00 9.33  ? 60  VAL A CA  1 
ATOM   435 C C   . VAL A 1 61 ? -17.651 -6.680  3.784   1.00 9.33  ? 60  VAL A C   1 
ATOM   436 O O   . VAL A 1 61 ? -16.784 -6.950  2.944   1.00 9.01  ? 60  VAL A O   1 
ATOM   437 C CB  . VAL A 1 61 ? -18.295 -8.391  5.535   1.00 10.60 ? 60  VAL A CB  1 
ATOM   438 C CG1 . VAL A 1 61 ? -18.086 -9.403  4.439   1.00 11.76 ? 60  VAL A CG1 1 
ATOM   439 C CG2 . VAL A 1 61 ? -17.858 -8.959  6.873   1.00 14.04 ? 60  VAL A CG2 1 
ATOM   440 N N   . ASP A 1 62 ? -18.741 -5.977  3.470   1.00 9.85  ? 61  ASP A N   1 
ATOM   441 C CA  . ASP A 1 62 ? -18.946 -5.517  2.101   1.00 10.77 ? 61  ASP A CA  1 
ATOM   442 C C   . ASP A 1 62 ? -17.819 -4.586  1.655   1.00 9.11  ? 61  ASP A C   1 
ATOM   443 O O   . ASP A 1 62 ? -17.353 -4.663  0.509   1.00 9.01  ? 61  ASP A O   1 
ATOM   444 C CB  . ASP A 1 62 ? -20.311 -4.825  1.973   1.00 10.99 ? 61  ASP A CB  1 
ATOM   445 C CG  . ASP A 1 62 ? -21.487 -5.802  2.063   1.00 22.96 ? 61  ASP A CG  1 
ATOM   446 O OD1 . ASP A 1 62 ? -22.626 -5.340  2.287   1.00 23.95 ? 61  ASP A OD1 1 
ATOM   447 O OD2 . ASP A 1 62 ? -21.284 -7.025  1.914   1.00 20.10 ? 61  ASP A OD2 1 
ATOM   448 N N   . ILE A 1 63 ? -17.353 -3.711  2.552   1.00 8.65  ? 62  ILE A N   1 
ATOM   449 C CA  . ILE A 1 63 ? -16.210 -2.865  2.223   1.00 7.92  ? 62  ILE A CA  1 
ATOM   450 C C   . ILE A 1 63 ? -14.969 -3.710  1.991   1.00 7.44  ? 62  ILE A C   1 
ATOM   451 O O   . ILE A 1 63 ? -14.205 -3.470  1.052   1.00 7.09  ? 62  ILE A O   1 
ATOM   452 C CB  . ILE A 1 63 ? -15.969 -1.826  3.331   1.00 7.87  ? 62  ILE A CB  1 
ATOM   453 C CG1 . ILE A 1 63 ? -17.137 -0.838  3.378   1.00 8.58  ? 62  ILE A CG1 1 
ATOM   454 C CG2 . ILE A 1 63 ? -14.644 -1.127  3.087   1.00 7.27  ? 62  ILE A CG2 1 
ATOM   455 C CD1 . ILE A 1 63 ? -17.192 -0.013  4.685   1.00 9.30  ? 62  ILE A CD1 1 
ATOM   456 N N   . LEU A 1 64 ? -14.741 -4.701  2.852   1.00 7.57  ? 63  LEU A N   1 
ATOM   457 C CA  . LEU A 1 64 ? -13.550 -5.532  2.731   1.00 7.95  ? 63  LEU A CA  1 
ATOM   458 C C   . LEU A 1 64 ? -13.475 -6.199  1.368   1.00 9.18  ? 63  LEU A C   1 
ATOM   459 O O   . LEU A 1 64 ? -12.397 -6.284  0.769   1.00 10.09 ? 63  LEU A O   1 
ATOM   460 C CB  . LEU A 1 64 ? -13.535 -6.591  3.832   1.00 7.78  ? 63  LEU A CB  1 
ATOM   461 C CG  . LEU A 1 64 ? -13.269 -6.086  5.250   1.00 7.76  ? 63  LEU A CG  1 
ATOM   462 C CD1 . LEU A 1 64 ? -13.457 -7.176  6.280   1.00 14.04 ? 63  LEU A CD1 1 
ATOM   463 C CD2 . LEU A 1 64 ? -11.860 -5.519  5.335   1.00 8.77  ? 63  LEU A CD2 1 
ATOM   464 N N   . TYR A 1 65 ? -14.616 -6.667  0.864   1.00 8.20  ? 64  TYR A N   1 
ATOM   465 C CA  . TYR A 1 65 ? -14.667 -7.415  -0.382  1.00 9.14  ? 64  TYR A CA  1 
ATOM   466 C C   . TYR A 1 65 ? -14.989 -6.557  -1.595  1.00 8.81  ? 64  TYR A C   1 
ATOM   467 O O   . TYR A 1 65 ? -15.019 -7.087  -2.714  1.00 9.65  ? 64  TYR A O   1 
ATOM   468 C CB  . TYR A 1 65 ? -15.687 -8.554  -0.250  1.00 9.78  ? 64  TYR A CB  1 
ATOM   469 C CG  . TYR A 1 65 ? -15.116 -9.702  0.519   1.00 9.99  ? 64  TYR A CG  1 
ATOM   470 C CD1 . TYR A 1 65 ? -14.545 -10.773 -0.146  1.00 16.44 ? 64  TYR A CD1 1 
ATOM   471 C CD2 . TYR A 1 65 ? -15.092 -9.701  1.913   1.00 9.65  ? 64  TYR A CD2 1 
ATOM   472 C CE1 . TYR A 1 65 ? -13.994 -11.815 0.541   1.00 17.66 ? 64  TYR A CE1 1 
ATOM   473 C CE2 . TYR A 1 65 ? -14.528 -10.749 2.615   1.00 15.59 ? 64  TYR A CE2 1 
ATOM   474 C CZ  . TYR A 1 65 ? -13.984 -11.805 1.916   1.00 19.89 ? 64  TYR A CZ  1 
ATOM   475 O OH  . TYR A 1 65 ? -13.415 -12.864 2.583   1.00 22.87 ? 64  TYR A OH  1 
ATOM   476 N N   . ALA A 1 66 ? -15.186 -5.270  -1.398  1.00 8.30  ? 65  ALA A N   1 
ATOM   477 C CA  . ALA A 1 66 ? -15.487 -4.399  -2.510  1.00 8.40  ? 65  ALA A CA  1 
ATOM   478 C C   . ALA A 1 66 ? -14.309 -4.285  -3.446  1.00 8.01  ? 65  ALA A C   1 
ATOM   479 O O   . ALA A 1 66 ? -13.212 -4.367  -3.072  1.00 7.47  ? 65  ALA A O   1 
ATOM   480 C CB  . ALA A 1 66 ? -15.884 -3.011  -2.047  1.00 8.40  ? 65  ALA A CB  1 
ATOM   481 N N   . THR A 1 67 ? -14.613 -4.049  -4.720  1.00 9.65  ? 66  THR A N   1 
ATOM   482 C CA  . THR A 1 67 ? -13.565 -3.892  -5.710  1.00 9.78  ? 66  THR A CA  1 
ATOM   483 C C   . THR A 1 67 ? -13.007 -2.495  -5.741  1.00 11.31 ? 66  THR A C   1 
ATOM   484 O O   . THR A 1 67 ? -12.025 -2.270  -6.376  1.00 15.70 ? 66  THR A O   1 
ATOM   485 C CB  . THR A 1 67 ? -14.011 -4.263  -7.133  1.00 12.41 ? 66  THR A CB  1 
ATOM   486 O OG1 . THR A 1 67 ? -15.087 -3.432  -7.512  1.00 11.66 ? 66  THR A OG1 1 
ATOM   487 C CG2 . THR A 1 67 ? -14.514 -5.676  -7.166  1.00 14.19 ? 66  THR A CG2 1 
ATOM   488 N N   . ASP A 1 68 ? -13.679 -1.618  -5.051  1.00 8.59  ? 67  ASP A N   1 
ATOM   489 C CA  . ASP A 1 68 ? -13.226 -0.287  -4.858  1.00 12.07 ? 67  ASP A CA  1 
ATOM   490 C C   . ASP A 1 68 ? -13.110 0.025   -3.357  1.00 7.65  ? 67  ASP A C   1 
ATOM   491 O O   . ASP A 1 68 ? -13.124 -0.843  -2.570  1.00 8.18  ? 67  ASP A O   1 
ATOM   492 C CB  . ASP A 1 68 ? -14.064 0.806   -5.583  1.00 12.66 ? 67  ASP A CB  1 
ATOM   493 C CG  . ASP A 1 68 ? -15.466 0.826   -5.139  1.00 20.42 ? 67  ASP A CG  1 
ATOM   494 O OD1 . ASP A 1 68 ? -15.812 0.150   -4.217  1.00 14.47 ? 67  ASP A OD1 1 
ATOM   495 O OD2 . ASP A 1 68 ? -16.243 1.511   -5.809  1.00 23.11 ? 67  ASP A OD2 1 
ATOM   496 N N   . GLU A 1 69 ? -13.009 1.304   -3.022  1.00 9.35  ? 68  GLU A N   1 
ATOM   497 C CA  . GLU A 1 69 ? -12.878 1.708   -1.631  1.00 8.86  ? 68  GLU A CA  1 
ATOM   498 C C   . GLU A 1 69 ? -14.102 1.445   -0.777  1.00 7.51  ? 68  GLU A C   1 
ATOM   499 O O   . GLU A 1 69 ? -14.017 1.476   0.386   1.00 8.55  ? 68  GLU A O   1 
ATOM   500 C CB  . GLU A 1 69 ? -12.533 3.178   -1.512  1.00 10.62 ? 68  GLU A CB  1 
ATOM   501 C CG  . GLU A 1 69 ? -11.158 3.579   -1.981  1.00 15.58 ? 68  GLU A CG  1 
ATOM   502 C CD  . GLU A 1 69 ? -11.009 3.719   -3.460  1.00 20.14 ? 68  GLU A CD  1 
ATOM   503 O OE1 . GLU A 1 69 ? -11.973 3.591   -4.168  1.00 17.27 ? 68  GLU A OE1 1 
ATOM   504 O OE2 . GLU A 1 69 ? -9.858  3.912   -3.852  1.00 26.58 ? 68  GLU A OE2 1 
ATOM   505 N N   . GLY A 1 70 ? -15.244 1.245   -1.426  1.00 7.46  ? 69  GLY A N   1 
ATOM   506 C CA  . GLY A 1 70 ? -16.441 0.880   -0.694  1.00 7.94  ? 69  GLY A CA  1 
ATOM   507 C C   . GLY A 1 70 ? -17.316 2.028   -0.238  1.00 8.70  ? 69  GLY A C   1 
ATOM   508 O O   . GLY A 1 70 ? -18.070 1.868   0.734   1.00 9.74  ? 69  GLY A O   1 
ATOM   509 N N   . PHE A 1 71 ? -17.263 3.179   -0.921  1.00 8.84  ? 70  PHE A N   1 
ATOM   510 C CA  . PHE A 1 71 ? -18.173 4.276   -0.601  1.00 9.91  ? 70  PHE A CA  1 
ATOM   511 C C   . PHE A 1 71 ? -19.615 3.924   -0.942  1.00 11.12 ? 70  PHE A C   1 
ATOM   512 O O   . PHE A 1 71 ? -20.543 4.245   -0.186  1.00 12.22 ? 70  PHE A O   1 
ATOM   513 C CB  . PHE A 1 71 ? -17.756 5.538   -1.361  1.00 9.89  ? 70  PHE A CB  1 
ATOM   514 C CG  . PHE A 1 71 ? -16.462 6.161   -0.870  1.00 9.69  ? 70  PHE A CG  1 
ATOM   515 C CD1 . PHE A 1 71 ? -16.414 6.793   0.359   1.00 15.63 ? 70  PHE A CD1 1 
ATOM   516 C CD2 . PHE A 1 71 ? -15.313 6.119   -1.649  1.00 13.82 ? 70  PHE A CD2 1 
ATOM   517 C CE1 . PHE A 1 71 ? -15.241 7.384   0.813   1.00 14.38 ? 70  PHE A CE1 1 
ATOM   518 C CE2 . PHE A 1 71 ? -14.130 6.700   -1.196  1.00 14.81 ? 70  PHE A CE2 1 
ATOM   519 C CZ  . PHE A 1 71 ? -14.109 7.335   0.042   1.00 13.22 ? 70  PHE A CZ  1 
ATOM   520 N N   . VAL A 1 72 ? -19.823 3.288   -2.089  1.00 11.19 ? 71  VAL A N   1 
ATOM   521 C CA  . VAL A 1 72 ? -21.148 2.890   -2.552  1.00 12.61 ? 71  VAL A CA  1 
ATOM   522 C C   . VAL A 1 72 ? -21.163 1.371   -2.589  1.00 12.41 ? 71  VAL A C   1 
ATOM   523 O O   . VAL A 1 72 ? -20.349 0.758   -3.289  1.00 13.64 ? 71  VAL A O   1 
ATOM   524 C CB  . VAL A 1 72 ? -21.473 3.480   -3.933  1.00 13.34 ? 71  VAL A CB  1 
ATOM   525 C CG1 . VAL A 1 72 ? -22.756 2.892   -4.470  1.00 17.34 ? 71  VAL A CG1 1 
ATOM   526 C CG2 . VAL A 1 72 ? -21.593 5.008   -3.848  1.00 13.84 ? 71  VAL A CG2 1 
ATOM   527 N N   . ILE A 1 73 ? -22.044 0.778   -1.801  1.00 13.23 ? 72  ILE A N   1 
ATOM   528 C CA  . ILE A 1 73 ? -22.205 -0.678  -1.741  1.00 18.18 ? 72  ILE A CA  1 
ATOM   529 C C   . ILE A 1 73 ? -23.551 -1.009  -2.375  1.00 22.11 ? 72  ILE A C   1 
ATOM   530 O O   . ILE A 1 73 ? -24.601 -0.660  -1.816  1.00 26.50 ? 72  ILE A O   1 
ATOM   531 C CB  . ILE A 1 73 ? -22.124 -1.195  -0.302  1.00 20.09 ? 72  ILE A CB  1 
ATOM   532 C CG1 . ILE A 1 73 ? -20.809 -0.772  0.348   1.00 17.66 ? 72  ILE A CG1 1 
ATOM   533 C CG2 . ILE A 1 73 ? -22.244 -2.708  -0.290  1.00 26.49 ? 72  ILE A CG2 1 
ATOM   534 C CD1 . ILE A 1 73 ? -19.582 -1.415  -0.257  1.00 14.75 ? 72  ILE A CD1 1 
ATOM   535 N N   . PRO A 1 74 ? -23.577 -1.673  -3.532  1.00 24.17 ? 73  PRO A N   1 
ATOM   536 C CA  . PRO A 1 74 ? -24.830 -2.035  -4.198  1.00 33.92 ? 73  PRO A CA  1 
ATOM   537 C C   . PRO A 1 74 ? -25.451 -3.296  -3.609  1.00 41.24 ? 73  PRO A C   1 
ATOM   538 O O   . PRO A 1 74 ? -26.652 -3.506  -3.793  1.00 50.23 ? 73  PRO A O   1 
ATOM   539 C CB  . PRO A 1 74 ? -24.393 -2.265  -5.642  1.00 34.83 ? 73  PRO A CB  1 
ATOM   540 C CG  . PRO A 1 74 ? -23.013 -2.791  -5.515  1.00 33.17 ? 73  PRO A CG  1 
ATOM   541 C CD  . PRO A 1 74 ? -22.401 -2.103  -4.309  1.00 26.57 ? 73  PRO A CD  1 
HETATM 542 O O   . HOH B 2 .  ? 11.573  -4.876  6.330   1.00 43.05 ? 101 HOH A O   1 
HETATM 543 O O   . HOH B 2 .  ? -21.211 -11.007 6.191   1.00 42.26 ? 102 HOH A O   1 
HETATM 544 O O   . HOH B 2 .  ? 32.421  14.317  -14.006 1.00 24.33 ? 103 HOH A O   1 
HETATM 545 O O   . HOH B 2 .  ? 25.932  0.936   -10.912 1.00 22.14 ? 104 HOH A O   1 
HETATM 546 O O   . HOH B 2 .  ? 33.540  10.532  -22.508 0.50 17.54 ? 105 HOH A O   1 
HETATM 547 O O   . HOH B 2 .  ? -23.917 -3.573  3.366   1.00 34.23 ? 106 HOH A O   1 
HETATM 548 O O   . HOH B 2 .  ? 36.389  9.020   -16.681 1.00 41.04 ? 107 HOH A O   1 
HETATM 549 O O   . HOH B 2 .  ? 6.681   -4.693  3.144   1.00 26.93 ? 108 HOH A O   1 
HETATM 550 O O   . HOH B 2 .  ? -14.154 4.882   -4.226  1.00 29.93 ? 109 HOH A O   1 
HETATM 551 O O   . HOH B 2 .  ? 32.285  12.413  -22.083 1.00 32.82 ? 110 HOH A O   1 
HETATM 552 O O   . HOH B 2 .  ? -8.476  -12.397 7.258   1.00 23.92 ? 111 HOH A O   1 
HETATM 553 O O   . HOH B 2 .  ? -16.865 -3.776  -9.324  1.00 36.80 ? 112 HOH A O   1 
HETATM 554 O O   . HOH B 2 .  ? 1.027   -6.742  6.742   1.00 24.23 ? 113 HOH A O   1 
HETATM 555 O O   . HOH B 2 .  ? -7.720  5.078   -3.027  1.00 21.16 ? 114 HOH A O   1 
HETATM 556 O O   . HOH B 2 .  ? -1.749  6.480   8.598   1.00 35.04 ? 115 HOH A O   1 
HETATM 557 O O   . HOH B 2 .  ? 5.256   -7.212  0.563   1.00 24.08 ? 116 HOH A O   1 
HETATM 558 O O   . HOH B 2 .  ? -18.856 1.647   -5.935  1.00 24.08 ? 117 HOH A O   1 
HETATM 559 O O   . HOH B 2 .  ? -18.233 -0.785  -3.815  1.00 22.49 ? 118 HOH A O   1 
HETATM 560 O O   . HOH B 2 .  ? 22.207  17.089  -12.973 1.00 24.27 ? 119 HOH A O   1 
HETATM 561 O O   . HOH B 2 .  ? -14.347 -1.314  -8.960  1.00 35.18 ? 120 HOH A O   1 
HETATM 562 O O   . HOH B 2 .  ? 15.176  11.757  -10.456 1.00 41.16 ? 121 HOH A O   1 
HETATM 563 O O   . HOH B 2 .  ? 25.186  1.444   -3.602  1.00 26.43 ? 122 HOH A O   1 
HETATM 564 O O   . HOH B 2 .  ? 13.223  7.469   1.526   1.00 33.78 ? 123 HOH A O   1 
HETATM 565 O O   . HOH B 2 .  ? -23.764 -8.151  2.039   1.00 40.09 ? 124 HOH A O   1 
HETATM 566 O O   . HOH B 2 .  ? -0.768  6.827   4.219   1.00 25.88 ? 125 HOH A O   1 
HETATM 567 O O   . HOH B 2 .  ? -2.874  -9.381  9.188   1.00 16.60 ? 126 HOH A O   1 
HETATM 568 O O   . HOH B 2 .  ? 22.366  0.018   -9.103  1.00 33.96 ? 127 HOH A O   1 
HETATM 569 O O   . HOH B 2 .  ? 20.736  12.650  -3.971  1.00 30.38 ? 128 HOH A O   1 
HETATM 570 O O   . HOH B 2 .  ? -11.317 -0.212  -8.076  1.00 44.08 ? 129 HOH A O   1 
HETATM 571 O O   . HOH B 2 .  ? 34.176  12.717  -5.821  1.00 31.18 ? 130 HOH A O   1 
HETATM 572 O O   . HOH B 2 .  ? 32.184  6.947   -14.819 1.00 16.74 ? 131 HOH A O   1 
HETATM 573 O O   . HOH B 2 .  ? -12.942 -8.519  -3.862  1.00 9.60  ? 132 HOH A O   1 
HETATM 574 O O   . HOH B 2 .  ? -3.206  3.306   11.047  1.00 33.05 ? 133 HOH A O   1 
HETATM 575 O O   . HOH B 2 .  ? -11.969 -14.337 0.711   1.00 28.16 ? 134 HOH A O   1 
HETATM 576 O O   . HOH B 2 .  ? -18.547 -6.157  -1.535  1.00 15.13 ? 135 HOH A O   1 
HETATM 577 O O   . HOH B 2 .  ? -8.044  -10.055 14.389  1.00 18.13 ? 136 HOH A O   1 
HETATM 578 O O   . HOH B 2 .  ? 13.219  -1.403  -3.538  1.00 23.64 ? 137 HOH A O   1 
HETATM 579 O O   . HOH B 2 .  ? 9.241   -3.161  2.293   1.00 23.94 ? 138 HOH A O   1 
HETATM 580 O O   . HOH B 2 .  ? 4.657   -3.188  7.087   1.00 19.96 ? 139 HOH A O   1 
HETATM 581 O O   . HOH B 2 .  ? 26.122  7.228   -6.696  1.00 17.74 ? 140 HOH A O   1 
HETATM 582 O O   . HOH B 2 .  ? 14.958  7.571   -0.371  1.00 21.46 ? 141 HOH A O   1 
HETATM 583 O O   . HOH B 2 .  ? 29.903  16.220  -8.621  1.00 37.47 ? 142 HOH A O   1 
HETATM 584 O O   . HOH B 2 .  ? 23.152  18.546  -10.222 1.00 17.00 ? 143 HOH A O   1 
HETATM 585 O O   . HOH B 2 .  ? -16.643 3.424   -3.760  1.00 12.21 ? 144 HOH A O   1 
HETATM 586 O O   . HOH B 2 .  ? 27.918  16.738  -15.019 1.00 18.34 ? 145 HOH A O   1 
HETATM 587 O O   . HOH B 2 .  ? -25.573 -4.242  5.963   1.00 35.91 ? 146 HOH A O   1 
HETATM 588 O O   . HOH B 2 .  ? 20.677  11.957  -7.121  1.00 42.38 ? 147 HOH A O   1 
HETATM 589 O O   . HOH B 2 .  ? 33.159  14.601  -6.475  1.00 40.83 ? 148 HOH A O   1 
HETATM 590 O O   . HOH B 2 .  ? 0.889   -7.426  0.900   1.00 39.89 ? 149 HOH A O   1 
HETATM 591 O O   . HOH B 2 .  ? 8.393   6.279   0.371   1.00 25.96 ? 150 HOH A O   1 
HETATM 592 O O   . HOH B 2 .  ? 35.561  12.183  -13.360 1.00 34.15 ? 151 HOH A O   1 
HETATM 593 O O   . HOH B 2 .  ? 11.337  -3.644  4.069   1.00 36.55 ? 152 HOH A O   1 
HETATM 594 O O   . HOH B 2 .  ? 21.350  18.391  -8.606  1.00 35.43 ? 153 HOH A O   1 
HETATM 595 O O   . HOH B 2 .  ? 7.314   2.863   5.797   1.00 33.31 ? 154 HOH A O   1 
HETATM 596 O O   . HOH B 2 .  ? -5.594  -11.603 13.684  1.00 23.19 ? 155 HOH A O   1 
HETATM 597 O O   . HOH B 2 .  ? 23.136  8.922   1.981   1.00 32.76 ? 156 HOH A O   1 
HETATM 598 O O   . HOH B 2 .  ? 0.484   -11.311 3.098   1.00 49.60 ? 157 HOH A O   1 
HETATM 599 O O   . HOH B 2 .  ? 2.310   -10.495 5.975   1.00 31.12 ? 158 HOH A O   1 
HETATM 600 O O   . HOH B 2 .  ? -9.436  -4.071  -6.512  1.00 31.10 ? 159 HOH A O   1 
HETATM 601 O O   . HOH B 2 .  ? -20.858 -0.182  -6.398  1.00 44.73 ? 160 HOH A O   1 
HETATM 602 O O   . HOH B 2 .  ? -10.464 1.846   -6.541  1.00 18.74 ? 161 HOH A O   1 
HETATM 603 O O   . HOH B 2 .  ? -15.234 -4.660  -10.790 1.00 30.34 ? 162 HOH A O   1 
HETATM 604 O O   . HOH B 2 .  ? -20.939 4.437   5.614   1.00 39.74 ? 163 HOH A O   1 
HETATM 605 O O   . HOH B 2 .  ? -19.142 -8.316  -0.875  1.00 43.01 ? 164 HOH A O   1 
HETATM 606 O O   . HOH B 2 .  ? 13.553  -2.114  -6.074  1.00 32.37 ? 165 HOH A O   1 
HETATM 607 O O   . HOH B 2 .  ? -11.186 -13.675 16.343  1.00 40.36 ? 166 HOH A O   1 
HETATM 608 O O   . HOH B 2 .  ? 31.827  17.314  -13.969 1.00 46.32 ? 167 HOH A O   1 
HETATM 609 O O   . HOH B 2 .  ? 6.764   -2.617  -7.443  1.00 42.25 ? 168 HOH A O   1 
HETATM 610 O O   . HOH B 2 .  ? 31.831  15.040  -23.568 1.00 26.40 ? 169 HOH A O   1 
HETATM 611 O O   . HOH B 2 .  ? 17.475  11.806  -11.558 1.00 42.40 ? 170 HOH A O   1 
HETATM 612 O O   . HOH B 2 .  ? -16.469 -18.251 15.782  1.00 31.43 ? 171 HOH A O   1 
# 
loop_
_atom_site_anisotrop.id 
_atom_site_anisotrop.type_symbol 
_atom_site_anisotrop.pdbx_label_atom_id 
_atom_site_anisotrop.pdbx_label_alt_id 
_atom_site_anisotrop.pdbx_label_comp_id 
_atom_site_anisotrop.pdbx_label_asym_id 
_atom_site_anisotrop.pdbx_label_seq_id 
_atom_site_anisotrop.pdbx_PDB_ins_code 
_atom_site_anisotrop.U[1][1] 
_atom_site_anisotrop.U[2][2] 
_atom_site_anisotrop.U[3][3] 
_atom_site_anisotrop.U[1][2] 
_atom_site_anisotrop.U[1][3] 
_atom_site_anisotrop.U[2][3] 
_atom_site_anisotrop.pdbx_auth_seq_id 
_atom_site_anisotrop.pdbx_auth_comp_id 
_atom_site_anisotrop.pdbx_auth_asym_id 
_atom_site_anisotrop.pdbx_auth_atom_id 
1   N N   . ASP A 5  ? 0.3235 0.3790 0.3068 -0.0037 -0.0331 -0.0011 4  ASP A N   
2   C CA  . ASP A 5  ? 0.2902 0.3312 0.2685 -0.0079 -0.0330 -0.0075 4  ASP A CA  
3   C C   . ASP A 5  ? 0.2545 0.2839 0.2345 -0.0086 -0.0355 -0.0098 4  ASP A C   
4   O O   . ASP A 5  ? 0.2417 0.2749 0.2219 -0.0060 -0.0350 -0.0087 4  ASP A O   
5   C CB  . ASP A 5  ? 0.3314 0.3618 0.3084 -0.0037 -0.0227 -0.0085 4  ASP A CB  
6   C CG  . ASP A 5  ? 0.3782 0.3960 0.3481 -0.0108 -0.0217 -0.0153 4  ASP A CG  
7   O OD1 . ASP A 5  ? 0.3788 0.3893 0.3458 -0.0105 -0.0125 -0.0181 4  ASP A OD1 
8   O OD2 . ASP A 5  ? 0.3502 0.3662 0.3180 -0.0171 -0.0294 -0.0176 4  ASP A OD2 
9   N N   . PRO A 6  ? 0.2179 0.2415 0.2032 -0.0089 -0.0348 -0.0134 5  PRO A N   
10  C CA  . PRO A 6  ? 0.1762 0.2012 0.1666 -0.0094 -0.0311 -0.0157 5  PRO A CA  
11  C C   . PRO A 6  ? 0.1209 0.1400 0.1061 -0.0121 -0.0305 -0.0162 5  PRO A C   
12  O O   . PRO A 6  ? 0.1254 0.1423 0.1119 -0.0128 -0.0296 -0.0160 5  PRO A O   
13  C CB  . PRO A 6  ? 0.2323 0.2556 0.2262 -0.0130 -0.0315 -0.0157 5  PRO A CB  
14  C CG  . PRO A 6  ? 0.3559 0.3815 0.3497 -0.0126 -0.0337 -0.0145 5  PRO A CG  
15  C CD  . PRO A 6  ? 0.2938 0.3185 0.2818 -0.0103 -0.0347 -0.0138 5  PRO A CD  
16  N N   . LYS A 7  ? 0.1113 0.1233 0.0892 -0.0136 -0.0314 -0.0177 6  LYS A N   
17  C CA  . LYS A 7  ? 0.1249 0.1238 0.0965 -0.0146 -0.0301 -0.0202 6  LYS A CA  
18  C C   . LYS A 7  ? 0.1241 0.1217 0.0964 -0.0072 -0.0271 -0.0180 6  LYS A C   
19  O O   . LYS A 7  ? 0.0996 0.0891 0.0714 -0.0058 -0.0250 -0.0192 6  LYS A O   
20  C CB  . LYS A 7  ? 0.1667 0.1571 0.1295 -0.0189 -0.0259 -0.0238 6  LYS A CB  
21  C CG  . LYS A 7  ? 0.1874 0.1825 0.1558 -0.0223 -0.0265 -0.0229 6  LYS A CG  
22  C CD  . LYS A 7  ? 0.2622 0.2518 0.2210 -0.0283 -0.0216 -0.0264 6  LYS A CD  
23  C CE  . LYS A 7  ? 0.3327 0.3286 0.2958 -0.0319 -0.0237 -0.0230 6  LYS A CE  
24  N NZ  . LYS A 7  ? 0.3648 0.3590 0.3181 -0.0392 -0.0183 -0.0262 6  LYS A NZ  
25  N N   . ASP A 8  ? 0.0896 0.0984 0.0661 -0.0020 -0.0256 -0.0130 7  ASP A N   
26  C CA  . ASP A 8  ? 0.0850 0.0984 0.0664 0.0052  -0.0215 -0.0077 7  ASP A CA  
27  C C   . ASP A 8  ? 0.0795 0.0955 0.0615 0.0036  -0.0270 -0.0083 7  ASP A C   
28  O O   . ASP A 8  ? 0.0812 0.0936 0.0646 0.0071  -0.0240 -0.0069 7  ASP A O   
29  C CB  . ASP A 8  ? 0.0938 0.1232 0.0808 0.0097  -0.0202 -0.0001 7  ASP A CB  
30  C CG  . ASP A 8  ? 0.1895 0.2162 0.1782 0.0128  -0.0122 0.0014  7  ASP A CG  
31  O OD1 . ASP A 8  ? 0.2030 0.2431 0.1965 0.0155  -0.0118 0.0074  7  ASP A OD1 
32  O OD2 . ASP A 8  ? 0.2038 0.2156 0.1893 0.0120  -0.0057 -0.0036 7  ASP A OD2 
33  N N   . ALA A 9  ? 0.0751 0.0979 0.0569 -0.0017 -0.0341 -0.0107 8  ALA A N   
34  C CA  . ALA A 9  ? 0.0828 0.1066 0.0666 -0.0051 -0.0344 -0.0108 8  ALA A CA  
35  C C   . ALA A 9  ? 0.0699 0.0814 0.0537 -0.0064 -0.0323 -0.0147 8  ALA A C   
36  O O   . ALA A 9  ? 0.0696 0.0801 0.0539 -0.0058 -0.0322 -0.0154 8  ALA A O   
37  C CB  . ALA A 9  ? 0.1490 0.1710 0.1347 -0.0111 -0.0338 -0.0087 8  ALA A CB  
38  N N   . LEU A 10 ? 0.0705 0.0742 0.0538 -0.0086 -0.0307 -0.0165 9  LEU A N   
39  C CA  . LEU A 10 ? 0.0704 0.0651 0.0544 -0.0099 -0.0285 -0.0178 9  LEU A CA  
40  C C   . LEU A 10 ? 0.0780 0.0620 0.0562 -0.0066 -0.0293 -0.0198 9  LEU A C   
41  O O   . LEU A 10 ? 0.0788 0.0585 0.0582 -0.0061 -0.0281 -0.0201 9  LEU A O   
42  C CB  . LEU A 10 ? 0.0692 0.0638 0.0547 -0.0134 -0.0266 -0.0178 9  LEU A CB  
43  C CG  . LEU A 10 ? 0.0895 0.0798 0.0773 -0.0148 -0.0250 -0.0175 9  LEU A CG  
44  C CD1 . LEU A 10 ? 0.1269 0.1166 0.1192 -0.0140 -0.0261 -0.0161 9  LEU A CD1 
45  C CD2 . LEU A 10 ? 0.0806 0.0713 0.0693 -0.0179 -0.0264 -0.0162 9  LEU A CD2 
46  N N   . LEU A 11 ? 0.0850 0.0663 0.0594 -0.0029 -0.0265 -0.0196 10 LEU A N   
47  C CA  . LEU A 11 ? 0.0917 0.0652 0.0660 0.0022  -0.0189 -0.0181 10 LEU A CA  
48  C C   . LEU A 11 ? 0.0881 0.0689 0.0671 0.0071  -0.0193 -0.0138 10 LEU A C   
49  O O   . LEU A 11 ? 0.0904 0.0643 0.0696 0.0086  -0.0169 -0.0138 10 LEU A O   
50  C CB  . LEU A 11 ? 0.0989 0.0717 0.0745 0.0064  -0.0105 -0.0158 10 LEU A CB  
51  C CG  . LEU A 11 ? 0.1071 0.0696 0.0763 0.0008  -0.0063 -0.0217 10 LEU A CG  
52  C CD1 . LEU A 11 ? 0.1223 0.0862 0.0941 0.0045  0.0022  -0.0200 10 LEU A CD1 
53  C CD2 . LEU A 11 ? 0.1251 0.0729 0.0907 -0.0011 -0.0010 -0.0256 10 LEU A CD2 
54  N N   . ARG A 12 ? 0.0829 0.0792 0.0652 0.0082  -0.0226 -0.0098 11 ARG A N   
55  C CA  . ARG A 12 ? 0.0805 0.0875 0.0659 0.0106  -0.0235 -0.0054 11 ARG A CA  
56  C C   . ARG A 12 ? 0.0837 0.0860 0.0671 0.0060  -0.0276 -0.0110 11 ARG A C   
57  O O   . ARG A 12 ? 0.1088 0.1115 0.0932 0.0080  -0.0262 -0.0091 11 ARG A O   
58  C CB  . ARG A 12 ? 0.0768 0.1035 0.0647 0.0099  -0.0265 -0.0008 11 ARG A CB  
59  C CG  . ARG A 12 ? 0.0755 0.1172 0.0656 0.0100  -0.0275 0.0043  11 ARG A CG  
60  C CD  . ARG A 12 ? 0.0879 0.1518 0.0792 0.0074  -0.0305 0.0096  11 ARG A CD  
61  N NE  . ARG A 12 ? 0.1105 0.1686 0.0984 -0.0002 -0.0332 0.0012  11 ARG A NE  
62  C CZ  . ARG A 12 ? 0.1937 0.2596 0.1823 -0.0035 -0.0326 0.0026  11 ARG A CZ  
63  N NH1 . ARG A 12 ? 0.2022 0.2851 0.1941 -0.0015 -0.0308 0.0118  11 ARG A NH1 
64  N NH2 . ARG A 12 ? 0.1919 0.2489 0.1793 -0.0082 -0.0335 -0.0040 11 ARG A NH2 
65  N N   . GLN A 13 ? 0.0742 0.0728 0.0563 0.0002  -0.0323 -0.0170 12 GLN A N   
66  C CA  . GLN A 13 ? 0.0708 0.0660 0.0558 -0.0038 -0.0304 -0.0192 12 GLN A CA  
67  C C   . GLN A 13 ? 0.1005 0.0827 0.0839 -0.0023 -0.0293 -0.0202 12 GLN A C   
68  O O   . GLN A 13 ? 0.0845 0.0656 0.0689 -0.0020 -0.0287 -0.0208 12 GLN A O   
69  C CB  . GLN A 13 ? 0.0662 0.0627 0.0551 -0.0086 -0.0272 -0.0192 12 GLN A CB  
70  C CG  . GLN A 13 ? 0.0842 0.0794 0.0765 -0.0113 -0.0245 -0.0202 12 GLN A CG  
71  C CD  . GLN A 13 ? 0.1975 0.1923 0.1939 -0.0135 -0.0241 -0.0204 12 GLN A CD  
72  O OE1 . GLN A 13 ? 0.2785 0.2696 0.2768 -0.0130 -0.0250 -0.0187 12 GLN A OE1 
73  N NE2 . GLN A 13 ? 0.2872 0.2849 0.2846 -0.0169 -0.0235 -0.0222 12 GLN A NE2 
74  N N   . PHE A 14 ? 0.0808 0.0540 0.0613 -0.0023 -0.0279 -0.0207 13 PHE A N   
75  C CA  . PHE A 14 ? 0.0811 0.0445 0.0600 -0.0026 -0.0244 -0.0209 13 PHE A CA  
76  C C   . PHE A 14 ? 0.0877 0.0444 0.0640 0.0030  -0.0224 -0.0206 13 PHE A C   
77  O O   . PHE A 14 ? 0.1125 0.0630 0.0885 0.0028  -0.0216 -0.0212 13 PHE A O   
78  C CB  . PHE A 14 ? 0.0856 0.0441 0.0614 -0.0055 -0.0210 -0.0217 13 PHE A CB  
79  C CG  . PHE A 14 ? 0.1287 0.0952 0.1089 -0.0105 -0.0207 -0.0202 13 PHE A CG  
80  C CD1 . PHE A 14 ? 0.1366 0.1026 0.1152 -0.0142 -0.0188 -0.0217 13 PHE A CD1 
81  C CD2 . PHE A 14 ? 0.1702 0.1440 0.1564 -0.0110 -0.0220 -0.0181 13 PHE A CD2 
82  C CE1 . PHE A 14 ? 0.1469 0.1195 0.1292 -0.0173 -0.0203 -0.0199 13 PHE A CE1 
83  C CE2 . PHE A 14 ? 0.2032 0.1789 0.1923 -0.0135 -0.0237 -0.0162 13 PHE A CE2 
84  C CZ  . PHE A 14 ? 0.1705 0.1458 0.1572 -0.0167 -0.0234 -0.0163 13 PHE A CZ  
85  N N   . GLN A 15 ? 0.0896 0.0533 0.0685 0.0084  -0.0182 -0.0155 14 GLN A N   
86  C CA  . GLN A 15 ? 0.1040 0.0689 0.0868 0.0146  -0.0128 -0.0097 14 GLN A CA  
87  C C   . GLN A 15 ? 0.1209 0.0952 0.1054 0.0142  -0.0168 -0.0081 14 GLN A C   
88  O O   . GLN A 15 ? 0.1094 0.0798 0.0949 0.0163  -0.0143 -0.0061 14 GLN A O   
89  C CB  . GLN A 15 ? 0.1333 0.1076 0.1219 0.0205  -0.0080 -0.0023 14 GLN A CB  
90  C CG  . GLN A 15 ? 0.1548 0.1349 0.1514 0.0274  -0.0027 0.0073  14 GLN A CG  
91  C CD  . GLN A 15 ? 0.2939 0.2562 0.2922 0.0304  0.0064  0.0066  14 GLN A CD  
92  O OE1 . GLN A 15 ? 0.3741 0.3264 0.3730 0.0313  0.0135  0.0045  14 GLN A OE1 
93  N NE2 . GLN A 15 ? 0.2974 0.2555 0.2964 0.0310  0.0069  0.0077  14 GLN A NE2 
94  N N   . LYS A 16 ? 0.0823 0.0688 0.0664 0.0105  -0.0223 -0.0097 15 LYS A N   
95  C CA  . LYS A 16 ? 0.1007 0.0964 0.0853 0.0081  -0.0250 -0.0104 15 LYS A CA  
96  C C   . LYS A 16 ? 0.1459 0.1289 0.1290 0.0051  -0.0263 -0.0163 15 LYS A C   
97  O O   . LYS A 16 ? 0.1452 0.1298 0.1288 0.0056  -0.0254 -0.0152 15 LYS A O   
98  C CB  . LYS A 16 ? 0.1113 0.1211 0.0955 0.0029  -0.0292 -0.0129 15 LYS A CB  
99  C CG  . LYS A 16 ? 0.1581 0.1796 0.1416 -0.0016 -0.0305 -0.0148 15 LYS A CG  
100 C CD  . LYS A 16 ? 0.2611 0.2980 0.2461 0.0015  -0.0287 -0.0049 15 LYS A CD  
101 C CE  . LYS A 16 ? 0.3607 0.4123 0.3433 -0.0053 -0.0300 -0.0072 15 LYS A CE  
102 N NZ  . LYS A 16 ? 0.4287 0.4982 0.4134 -0.0031 -0.0289 0.0044  15 LYS A NZ  
103 N N   . GLU A 17 ? 0.1070 0.0792 0.0892 0.0018  -0.0282 -0.0215 16 GLU A N   
104 C CA  . GLU A 17 ? 0.1316 0.0996 0.1173 -0.0007 -0.0247 -0.0209 16 GLU A CA  
105 C C   . GLU A 17 ? 0.1251 0.0826 0.1076 0.0019  -0.0231 -0.0200 16 GLU A C   
106 O O   . GLU A 17 ? 0.1515 0.1090 0.1357 0.0013  -0.0219 -0.0196 16 GLU A O   
107 C CB  . GLU A 17 ? 0.1415 0.1107 0.1304 -0.0040 -0.0221 -0.0193 16 GLU A CB  
108 C CG  . GLU A 17 ? 0.2385 0.2071 0.2308 -0.0059 -0.0199 -0.0179 16 GLU A CG  
109 C CD  . GLU A 17 ? 0.4358 0.4075 0.4320 -0.0067 -0.0200 -0.0191 16 GLU A CD  
110 O OE1 . GLU A 17 ? 0.5321 0.5016 0.5311 -0.0069 -0.0199 -0.0183 16 GLU A OE1 
111 O OE2 . GLU A 17 ? 0.4995 0.4758 0.4956 -0.0080 -0.0196 -0.0212 16 GLU A OE2 
112 N N   . ILE A 18 ? 0.0994 0.0479 0.0783 0.0047  -0.0208 -0.0197 17 ILE A N   
113 C CA  . ILE A 18 ? 0.0938 0.0332 0.0716 0.0070  -0.0154 -0.0178 17 ILE A CA  
114 C C   . ILE A 18 ? 0.1439 0.0884 0.1247 0.0120  -0.0144 -0.0133 17 ILE A C   
115 O O   . ILE A 18 ? 0.1775 0.1164 0.1580 0.0120  -0.0134 -0.0131 17 ILE A O   
116 C CB  . ILE A 18 ? 0.1614 0.0927 0.1376 0.0091  -0.0090 -0.0173 17 ILE A CB  
117 C CG1 . ILE A 18 ? 0.1457 0.0806 0.1223 0.0013  -0.0078 -0.0202 17 ILE A CG1 
118 C CG2 . ILE A 18 ? 0.2033 0.1268 0.1823 0.0132  -0.0010 -0.0142 17 ILE A CG2 
119 C CD1 . ILE A 18 ? 0.1604 0.0898 0.1346 0.0018  -0.0037 -0.0221 17 ILE A CD1 
120 N N   . GLU A 19 ? 0.1134 0.0730 0.0977 0.0150  -0.0145 -0.0081 18 GLU A N   
121 C CA  . GLU A 19 ? 0.1428 0.1140 0.1311 0.0182  -0.0135 -0.0012 18 GLU A CA  
122 C C   . GLU A 19 ? 0.1429 0.1179 0.1290 0.0136  -0.0178 -0.0056 18 GLU A C   
123 O O   . GLU A 19 ? 0.1645 0.1405 0.1520 0.0148  -0.0164 -0.0025 18 GLU A O   
124 C CB  . GLU A 19 ? 0.1674 0.1580 0.1599 0.0204  -0.0138 0.0062  18 GLU A CB  
125 C CG  . GLU A 19 ? 0.2039 0.1913 0.2021 0.0267  -0.0074 0.0130  18 GLU A CG  
126 C CD  . GLU A 19 ? 0.2992 0.3066 0.3026 0.0288  -0.0079 0.0218  18 GLU A CD  
127 O OE1 . GLU A 19 ? 0.3731 0.4000 0.3762 0.0254  -0.0128 0.0249  18 GLU A OE1 
128 O OE2 . GLU A 19 ? 0.2263 0.2308 0.2344 0.0331  -0.0032 0.0252  18 GLU A OE2 
129 N N   . GLU A 20 ? 0.1365 0.1131 0.1208 0.0081  -0.0221 -0.0128 19 GLU A N   
130 C CA  . GLU A 20 ? 0.1459 0.1248 0.1300 0.0036  -0.0242 -0.0179 19 GLU A CA  
131 C C   . GLU A 20 ? 0.1889 0.1527 0.1728 0.0035  -0.0237 -0.0202 19 GLU A C   
132 O O   . GLU A 20 ? 0.1689 0.1345 0.1536 0.0023  -0.0234 -0.0210 19 GLU A O   
133 C CB  . GLU A 20 ? 0.1489 0.1309 0.1340 -0.0019 -0.0270 -0.0249 19 GLU A CB  
134 C CG  . GLU A 20 ? 0.2221 0.2217 0.2061 -0.0042 -0.0277 -0.0237 19 GLU A CG  
135 C CD  . GLU A 20 ? 0.3423 0.3431 0.3280 -0.0100 -0.0261 -0.0275 19 GLU A CD  
136 O OE1 . GLU A 20 ? 0.3230 0.3136 0.3122 -0.0109 -0.0224 -0.0275 19 GLU A OE1 
137 O OE2 . GLU A 20 ? 0.3238 0.3360 0.3074 -0.0130 -0.0270 -0.0270 19 GLU A OE2 
138 N N   . LEU A 21 ? 0.1183 0.0718 0.1022 0.0034  -0.0220 -0.0199 20 LEU A N   
139 C CA  . LEU A 21 ? 0.1062 0.0577 0.0921 0.0015  -0.0181 -0.0177 20 LEU A CA  
140 C C   . LEU A 21 ? 0.1547 0.0978 0.1381 0.0050  -0.0165 -0.0158 20 LEU A C   
141 O O   . LEU A 21 ? 0.1670 0.1104 0.1518 0.0038  -0.0155 -0.0153 20 LEU A O   
142 C CB  . LEU A 21 ? 0.1211 0.0728 0.1078 -0.0013 -0.0149 -0.0166 20 LEU A CB  
143 C CG  . LEU A 21 ? 0.1509 0.1090 0.1409 -0.0039 -0.0161 -0.0167 20 LEU A CG  
144 C CD1 . LEU A 21 ? 0.1441 0.1001 0.1326 -0.0057 -0.0161 -0.0160 20 LEU A CD1 
145 C CD2 . LEU A 21 ? 0.2114 0.1711 0.2053 -0.0050 -0.0172 -0.0162 20 LEU A CD2 
146 N N   . LYS A 22 ? 0.1401 0.0761 0.1214 0.0105  -0.0150 -0.0132 21 LYS A N   
147 C CA  . LYS A 22 ? 0.1675 0.1005 0.1509 0.0148  -0.0099 -0.0074 21 LYS A CA  
148 C C   . LYS A 22 ? 0.1575 0.1038 0.1436 0.0155  -0.0117 -0.0038 21 LYS A C   
149 O O   . LYS A 22 ? 0.1837 0.1257 0.1706 0.0165  -0.0099 -0.0015 21 LYS A O   
150 C CB  . LYS A 22 ? 0.1794 0.1136 0.1667 0.0204  -0.0040 -0.0013 21 LYS A CB  
151 C CG  . LYS A 22 ? 0.2060 0.1284 0.1926 0.0183  0.0010  -0.0051 21 LYS A CG  
152 C CD  . LYS A 22 ? 0.2977 0.2192 0.2901 0.0247  0.0083  0.0010  21 LYS A CD  
153 C CE  . LYS A 22 ? 0.4281 0.3448 0.4191 0.0206  0.0111  -0.0047 21 LYS A CE  
154 N NZ  . LYS A 22 ? 0.5350 0.4470 0.5240 0.0146  0.0120  -0.0096 21 LYS A NZ  
155 N N   . LYS A 23 ? 0.1464 0.1091 0.1331 0.0139  -0.0151 -0.0036 22 LYS A N   
156 C CA  . LYS A 23 ? 0.1399 0.1176 0.1274 0.0119  -0.0167 -0.0017 22 LYS A CA  
157 C C   . LYS A 23 ? 0.2058 0.1764 0.1915 0.0077  -0.0183 -0.0088 22 LYS A C   
158 O O   . LYS A 23 ? 0.1932 0.1673 0.1794 0.0077  -0.0176 -0.0065 22 LYS A O   
159 C CB  . LYS A 23 ? 0.1837 0.1802 0.1706 0.0083  -0.0193 -0.0023 22 LYS A CB  
160 C CG  . LYS A 23 ? 0.3076 0.3214 0.2931 0.0031  -0.0206 -0.0029 22 LYS A CG  
161 C CD  . LYS A 23 ? 0.4260 0.4619 0.4104 -0.0009 -0.0221 -0.0004 22 LYS A CD  
162 C CE  . LYS A 23 ? 0.5122 0.5594 0.4924 -0.0106 -0.0230 -0.0096 22 LYS A CE  
163 N NZ  . LYS A 23 ? 0.5257 0.5852 0.5034 -0.0163 -0.0242 -0.0133 22 LYS A NZ  
164 N N   . LYS A 24 ? 0.1524 0.1143 0.1374 0.0043  -0.0204 -0.0165 23 LYS A N   
165 C CA  . LYS A 24 ? 0.1345 0.0896 0.1210 0.0009  -0.0213 -0.0218 23 LYS A CA  
166 C C   . LYS A 24 ? 0.1667 0.1126 0.1530 0.0026  -0.0190 -0.0180 23 LYS A C   
167 O O   . LYS A 24 ? 0.1913 0.1381 0.1793 0.0011  -0.0182 -0.0183 23 LYS A O   
168 C CB  . LYS A 24 ? 0.1947 0.1539 0.1861 -0.0024 -0.0180 -0.0219 23 LYS A CB  
169 C CG  . LYS A 24 ? 0.2597 0.2269 0.2523 -0.0056 -0.0177 -0.0257 23 LYS A CG  
170 C CD  . LYS A 24 ? 0.3623 0.3291 0.3587 -0.0078 -0.0140 -0.0241 23 LYS A CD  
171 C CE  . LYS A 24 ? 0.4901 0.4607 0.4862 -0.0108 -0.0135 -0.0267 23 LYS A CE  
172 N NZ  . LYS A 24 ? 0.5338 0.5075 0.5283 -0.0099 -0.0158 -0.0266 23 LYS A NZ  
173 N N   . LEU A 25 ? 0.1121 0.0523 0.0971 0.0047  -0.0161 -0.0142 24 LEU A N   
174 C CA  . LEU A 25 ? 0.1560 0.0924 0.1420 0.0044  -0.0118 -0.0115 24 LEU A CA  
175 C C   . LEU A 25 ? 0.1599 0.0904 0.1445 0.0086  -0.0124 -0.0080 24 LEU A C   
176 O O   . LEU A 25 ? 0.2028 0.1328 0.1884 0.0070  -0.0110 -0.0074 24 LEU A O   
177 C CB  . LEU A 25 ? 0.2023 0.1352 0.1892 0.0044  -0.0071 -0.0105 24 LEU A CB  
178 C CG  . LEU A 25 ? 0.3011 0.2384 0.2896 -0.0001 -0.0059 -0.0128 24 LEU A CG  
179 C CD1 . LEU A 25 ? 0.3630 0.2959 0.3532 0.0003  -0.0025 -0.0133 24 LEU A CD1 
180 C CD2 . LEU A 25 ? 0.3794 0.3175 0.3681 -0.0033 -0.0067 -0.0130 24 LEU A CD2 
181 N N   . GLU A 26 ? 0.1744 0.1127 0.1605 0.0129  -0.0115 -0.0026 25 GLU A N   
182 C CA  . GLU A 26 ? 0.1966 0.1439 0.1861 0.0160  -0.0095 0.0052  25 GLU A CA  
183 C C   . GLU A 26 ? 0.1965 0.1546 0.1851 0.0119  -0.0127 0.0026  25 GLU A C   
184 O O   . GLU A 26 ? 0.2034 0.1616 0.1931 0.0123  -0.0118 0.0059  25 GLU A O   
185 C CB  . GLU A 26 ? 0.3133 0.2752 0.3077 0.0200  -0.0077 0.0140  25 GLU A CB  
186 C CG  . GLU A 26 ? 0.4965 0.4742 0.4964 0.0221  -0.0067 0.0247  25 GLU A CG  
187 C CD  . GLU A 26 ? 0.6492 0.6525 0.6501 0.0198  -0.0099 0.0294  25 GLU A CD  
188 O OE1 . GLU A 26 ? 0.6984 0.7059 0.6943 0.0154  -0.0131 0.0214  25 GLU A OE1 
189 O OE2 . GLU A 26 ? 0.7125 0.7328 0.7197 0.0218  -0.0089 0.0418  25 GLU A OE2 
190 N N   . GLU A 27 ? 0.1739 0.1407 0.1609 0.0076  -0.0157 -0.0038 26 GLU A N   
191 C CA  . GLU A 27 ? 0.1791 0.1545 0.1658 0.0026  -0.0168 -0.0086 26 GLU A CA  
192 C C   . GLU A 27 ? 0.1881 0.1494 0.1754 0.0015  -0.0169 -0.0128 26 GLU A C   
193 O O   . GLU A 27 ? 0.1843 0.1499 0.1723 -0.0004 -0.0163 -0.0129 26 GLU A O   
194 C CB  . GLU A 27 ? 0.2181 0.2022 0.2040 -0.0024 -0.0180 -0.0162 26 GLU A CB  
195 C CG  . GLU A 27 ? 0.3289 0.3317 0.3134 -0.0032 -0.0185 -0.0118 26 GLU A CG  
196 C CD  . GLU A 27 ? 0.4952 0.5042 0.4785 -0.0088 -0.0191 -0.0202 26 GLU A CD  
197 O OE1 . GLU A 27 ? 0.5629 0.5583 0.5484 -0.0097 -0.0191 -0.0276 26 GLU A OE1 
198 O OE2 . GLU A 27 ? 0.5793 0.6077 0.5601 -0.0130 -0.0194 -0.0188 26 GLU A OE2 
199 N N   . LEU A 28 ? 0.1751 0.1213 0.1627 0.0016  -0.0177 -0.0155 27 LEU A N   
200 C CA  . LEU A 28 ? 0.1729 0.1152 0.1634 -0.0006 -0.0159 -0.0159 27 LEU A CA  
201 C C   . LEU A 28 ? 0.1429 0.0783 0.1315 0.0013  -0.0147 -0.0113 27 LEU A C   
202 O O   . LEU A 28 ? 0.1614 0.0972 0.1516 -0.0003 -0.0140 -0.0112 27 LEU A O   
203 C CB  . LEU A 28 ? 0.1927 0.1386 0.1859 -0.0024 -0.0126 -0.0148 27 LEU A CB  
204 C CG  . LEU A 28 ? 0.2871 0.2385 0.2842 -0.0050 -0.0113 -0.0169 27 LEU A CG  
205 C CD1 . LEU A 28 ? 0.3174 0.2695 0.3154 -0.0053 -0.0119 -0.0153 27 LEU A CD1 
206 C CD2 . LEU A 28 ? 0.3229 0.2740 0.3226 -0.0064 -0.0099 -0.0167 27 LEU A CD2 
207 N N   . GLU A 29 ? 0.1401 0.0695 0.1265 0.0047  -0.0130 -0.0070 28 GLU A N   
208 C CA  . GLU A 29 ? 0.1665 0.0912 0.1535 0.0065  -0.0097 -0.0021 28 GLU A CA  
209 C C   . GLU A 29 ? 0.1375 0.0687 0.1249 0.0081  -0.0111 0.0020  28 GLU A C   
210 O O   . GLU A 29 ? 0.1463 0.0731 0.1338 0.0076  -0.0103 0.0040  28 GLU A O   
211 C CB  . GLU A 29 ? 0.2197 0.1406 0.2090 0.0101  -0.0048 0.0024  28 GLU A CB  
212 C CG  . GLU A 29 ? 0.3405 0.2630 0.3335 0.0066  -0.0018 -0.0018 28 GLU A CG  
213 C CD  . GLU A 29 ? 0.4824 0.4002 0.4800 0.0089  0.0004  0.0007  28 GLU A CD  
214 O OE1 . GLU A 29 ? 0.5751 0.4895 0.5721 0.0138  0.0018  0.0070  28 GLU A OE1 
215 O OE2 . GLU A 29 ? 0.5111 0.4279 0.5090 0.0062  0.0008  -0.0030 28 GLU A OE2 
216 N N   . LYS A 30 ? 0.1412 0.0895 0.1298 0.0084  -0.0121 0.0037  29 LYS A N   
217 C CA  . LYS A 30 ? 0.1366 0.1014 0.1264 0.0072  -0.0123 0.0076  29 LYS A CA  
218 C C   . LYS A 30 ? 0.1559 0.1205 0.1448 0.0026  -0.0136 0.0007  29 LYS A C   
219 O O   . LYS A 30 ? 0.1500 0.1186 0.1398 0.0021  -0.0131 0.0039  29 LYS A O   
220 C CB  . LYS A 30 ? 0.1998 0.1856 0.1898 0.0057  -0.0134 0.0096  29 LYS A CB  
221 C CG  . LYS A 30 ? 0.3450 0.3359 0.3390 0.0110  -0.0116 0.0203  29 LYS A CG  
222 C CD  . LYS A 30 ? 0.4791 0.4775 0.4778 0.0133  -0.0099 0.0315  29 LYS A CD  
223 C CE  . LYS A 30 ? 0.5026 0.4982 0.5098 0.0205  -0.0057 0.0439  29 LYS A CE  
224 N NZ  . LYS A 30 ? 0.5424 0.5654 0.5562 0.0210  -0.0063 0.0575  29 LYS A NZ  
225 N N   . GLU A 31 ? 0.1161 0.0767 0.1054 -0.0005 -0.0147 -0.0081 30 GLU A N   
226 C CA  . GLU A 31 ? 0.1155 0.0749 0.1072 -0.0043 -0.0144 -0.0142 30 GLU A CA  
227 C C   . GLU A 31 ? 0.1131 0.0589 0.1057 -0.0034 -0.0148 -0.0116 30 GLU A C   
228 O O   . GLU A 31 ? 0.1195 0.0681 0.1137 -0.0048 -0.0141 -0.0113 30 GLU A O   
229 C CB  . GLU A 31 ? 0.1502 0.1067 0.1456 -0.0071 -0.0144 -0.0223 30 GLU A CB  
230 C CG  . GLU A 31 ? 0.2517 0.2228 0.2465 -0.0108 -0.0127 -0.0278 30 GLU A CG  
231 C CD  . GLU A 31 ? 0.3855 0.3516 0.3850 -0.0127 -0.0122 -0.0347 30 GLU A CD  
232 O OE1 . GLU A 31 ? 0.5033 0.4797 0.5011 -0.0159 -0.0110 -0.0391 30 GLU A OE1 
233 O OE2 . GLU A 31 ? 0.4049 0.3627 0.4062 -0.0109 -0.0106 -0.0296 30 GLU A OE2 
234 N N   . ARG A 32 ? 0.1033 0.0353 0.0945 -0.0019 -0.0157 -0.0098 31 ARG A N   
235 C CA  . ARG A 32 ? 0.1153 0.0463 0.1076 -0.0025 -0.0126 -0.0065 31 ARG A CA  
236 C C   . ARG A 32 ? 0.1526 0.0773 0.1422 -0.0008 -0.0132 -0.0015 31 ARG A C   
237 O O   . ARG A 32 ? 0.1512 0.0757 0.1421 -0.0023 -0.0130 -0.0006 31 ARG A O   
238 C CB  . ARG A 32 ? 0.1058 0.0373 0.0981 -0.0027 -0.0091 -0.0055 31 ARG A CB  
239 C CG  . ARG A 32 ? 0.1294 0.0599 0.1229 -0.0047 -0.0066 -0.0042 31 ARG A CG  
240 C CD  . ARG A 32 ? 0.1576 0.0860 0.1518 -0.0052 -0.0038 -0.0043 31 ARG A CD  
241 N NE  . ARG A 32 ? 0.1724 0.0957 0.1675 -0.0018 -0.0019 -0.0018 31 ARG A NE  
242 C CZ  . ARG A 32 ? 0.2354 0.1565 0.2339 -0.0014 -0.0002 -0.0021 31 ARG A CZ  
243 N NH1 . ARG A 32 ? 0.2359 0.1565 0.2317 -0.0047 -0.0008 -0.0053 31 ARG A NH1 
244 N NH2 . ARG A 32 ? 0.2537 0.1702 0.2541 0.0023  -0.0001 0.0017  31 ARG A NH2 
245 N N   . ASP A 33 ? 0.1451 0.0710 0.1333 0.0030  -0.0118 0.0037  32 ASP A N   
246 C CA  . ASP A 33 ? 0.1513 0.0791 0.1409 0.0054  -0.0094 0.0114  32 ASP A CA  
247 C C   . ASP A 33 ? 0.1318 0.0755 0.1229 0.0037  -0.0107 0.0125  32 ASP A C   
248 O O   . ASP A 33 ? 0.1338 0.0773 0.1260 0.0040  -0.0097 0.0175  32 ASP A O   
249 C CB  . ASP A 33 ? 0.1495 0.0807 0.1419 0.0103  -0.0063 0.0187  32 ASP A CB  
250 C CG  . ASP A 33 ? 0.2025 0.1181 0.1951 0.0115  -0.0027 0.0174  32 ASP A CG  
251 O OD1 . ASP A 33 ? 0.2558 0.1713 0.2507 0.0068  -0.0016 0.0107  32 ASP A OD1 
252 O OD2 . ASP A 33 ? 0.2648 0.1820 0.2605 0.0156  0.0001  0.0221  32 ASP A OD2 
253 N N   . PHE A 34 ? 0.1128 0.0703 0.1037 0.0010  -0.0120 0.0076  33 PHE A N   
254 C CA  . PHE A 34 ? 0.1315 0.1047 0.1228 -0.0026 -0.0120 0.0064  33 PHE A CA  
255 C C   . PHE A 34 ? 0.1027 0.0681 0.0954 -0.0050 -0.0119 0.0024  33 PHE A C   
256 O O   . PHE A 34 ? 0.1058 0.0770 0.0988 -0.0060 -0.0114 0.0058  33 PHE A O   
257 C CB  . PHE A 34 ? 0.1103 0.0972 0.1004 -0.0067 -0.0120 -0.0006 33 PHE A CB  
258 C CG  . PHE A 34 ? 0.1339 0.1372 0.1233 -0.0128 -0.0104 -0.0048 33 PHE A CG  
259 C CD1 . PHE A 34 ? 0.1940 0.1934 0.1861 -0.0165 -0.0080 -0.0152 33 PHE A CD1 
260 C CD2 . PHE A 34 ? 0.1944 0.2184 0.1815 -0.0153 -0.0105 0.0018  33 PHE A CD2 
261 C CE1 . PHE A 34 ? 0.2538 0.2675 0.2451 -0.0230 -0.0047 -0.0208 33 PHE A CE1 
262 C CE2 . PHE A 34 ? 0.1963 0.2369 0.1811 -0.0227 -0.0084 -0.0032 33 PHE A CE2 
263 C CZ  . PHE A 34 ? 0.1745 0.2089 0.1609 -0.0266 -0.0050 -0.0156 33 PHE A CZ  
264 N N   . TYR A 35 ? 0.1248 0.0784 0.1195 -0.0060 -0.0126 -0.0038 34 TYR A N   
265 C CA  . TYR A 35 ? 0.1000 0.0474 0.0985 -0.0080 -0.0125 -0.0056 34 TYR A CA  
266 C C   . TYR A 35 ? 0.1039 0.0411 0.1001 -0.0068 -0.0133 0.0010  34 TYR A C   
267 O O   . TYR A 35 ? 0.1048 0.0433 0.1025 -0.0083 -0.0130 0.0027  34 TYR A O   
268 C CB  . TYR A 35 ? 0.0971 0.0358 0.1008 -0.0094 -0.0132 -0.0105 34 TYR A CB  
269 C CG  . TYR A 35 ? 0.0945 0.0410 0.1027 -0.0111 -0.0110 -0.0179 34 TYR A CG  
270 C CD1 . TYR A 35 ? 0.1122 0.0712 0.1219 -0.0140 -0.0072 -0.0227 34 TYR A CD1 
271 C CD2 . TYR A 35 ? 0.1316 0.0753 0.1409 -0.0107 -0.0108 -0.0196 34 TYR A CD2 
272 C CE1 . TYR A 35 ? 0.1777 0.1425 0.1912 -0.0171 -0.0035 -0.0312 34 TYR A CE1 
273 C CE2 . TYR A 35 ? 0.1733 0.1230 0.1862 -0.0124 -0.0081 -0.0255 34 TYR A CE2 
274 C CZ  . TYR A 35 ? 0.1830 0.1412 0.2003 -0.0162 -0.0043 -0.0336 34 TYR A CZ  
275 O OH  . TYR A 35 ? 0.2156 0.1802 0.2353 -0.0182 -0.0001 -0.0391 34 TYR A OH  
276 N N   . PHE A 36 ? 0.1073 0.0339 0.1001 -0.0049 -0.0136 0.0042  35 PHE A N   
277 C CA  . PHE A 36 ? 0.1121 0.0315 0.1031 -0.0046 -0.0116 0.0090  35 PHE A CA  
278 C C   . PHE A 36 ? 0.1158 0.0402 0.1072 -0.0028 -0.0110 0.0157  35 PHE A C   
279 O O   . PHE A 36 ? 0.1188 0.0394 0.1103 -0.0043 -0.0108 0.0186  35 PHE A O   
280 C CB  . PHE A 36 ? 0.1129 0.0305 0.1039 -0.0027 -0.0071 0.0091  35 PHE A CB  
281 C CG  . PHE A 36 ? 0.1893 0.1034 0.1826 -0.0029 -0.0026 0.0121  35 PHE A CG  
282 C CD1 . PHE A 36 ? 0.2928 0.2077 0.2878 -0.0067 -0.0016 0.0092  35 PHE A CD1 
283 C CD2 . PHE A 36 ? 0.2171 0.1285 0.2134 0.0006  0.0000  0.0188  35 PHE A CD2 
284 C CE1 . PHE A 36 ? 0.3429 0.2543 0.3417 -0.0077 0.0008  0.0111  35 PHE A CE1 
285 C CE2 . PHE A 36 ? 0.2339 0.1442 0.2357 -0.0010 -0.0006 0.0204  35 PHE A CE2 
286 C CZ  . PHE A 36 ? 0.2695 0.1789 0.2721 -0.0050 0.0009  0.0161  35 PHE A CZ  
287 N N   . GLY A 37 ? 0.1157 0.0535 0.1082 -0.0002 -0.0102 0.0190  36 GLY A N   
288 C CA  . GLY A 37 ? 0.1254 0.0756 0.1202 0.0010  -0.0092 0.0271  36 GLY A CA  
289 C C   . GLY A 37 ? 0.1144 0.0744 0.1094 -0.0028 -0.0103 0.0249  36 GLY A C   
290 O O   . GLY A 37 ? 0.1174 0.0801 0.1136 -0.0028 -0.0098 0.0312  36 GLY A O   
291 N N   . LYS A 38 ? 0.1099 0.0753 0.1047 -0.0062 -0.0110 0.0160  37 LYS A N   
292 C CA  . LYS A 38 ? 0.1088 0.0820 0.1051 -0.0099 -0.0104 0.0129  37 LYS A CA  
293 C C   . LYS A 38 ? 0.1103 0.0695 0.1080 -0.0101 -0.0110 0.0143  37 LYS A C   
294 O O   . LYS A 38 ? 0.1117 0.0758 0.1103 -0.0115 -0.0107 0.0175  37 LYS A O   
295 C CB  . LYS A 38 ? 0.1055 0.0843 0.1039 -0.0134 -0.0087 0.0022  37 LYS A CB  
296 C CG  . LYS A 38 ? 0.1101 0.1082 0.1056 -0.0166 -0.0073 -0.0005 37 LYS A CG  
297 C CD  . LYS A 38 ? 0.1053 0.1075 0.1037 -0.0215 -0.0034 -0.0127 37 LYS A CD  
298 C CE  . LYS A 38 ? 0.1692 0.1944 0.1626 -0.0279 -0.0011 -0.0162 37 LYS A CE  
299 N NZ  . LYS A 38 ? 0.1920 0.2211 0.1882 -0.0343 0.0051  -0.0297 37 LYS A NZ  
300 N N   . LEU A 39 ? 0.1102 0.0536 0.1081 -0.0097 -0.0122 0.0125  38 LEU A N   
301 C CA  . LEU A 39 ? 0.1125 0.0448 0.1111 -0.0116 -0.0132 0.0147  38 LEU A CA  
302 C C   . LEU A 39 ? 0.1194 0.0471 0.1148 -0.0107 -0.0124 0.0220  38 LEU A C   
303 O O   . LEU A 39 ? 0.1231 0.0502 0.1192 -0.0127 -0.0127 0.0248  38 LEU A O   
304 C CB  . LEU A 39 ? 0.1113 0.0349 0.1094 -0.0123 -0.0135 0.0118  38 LEU A CB  
305 C CG  . LEU A 39 ? 0.1053 0.0334 0.1093 -0.0133 -0.0136 0.0066  38 LEU A CG  
306 C CD1 . LEU A 39 ? 0.1036 0.0329 0.1059 -0.0129 -0.0119 0.0051  38 LEU A CD1 
307 C CD2 . LEU A 39 ? 0.1041 0.0352 0.1146 -0.0156 -0.0135 0.0075  38 LEU A CD2 
308 N N   . ARG A 40 ? 0.1226 0.0469 0.1160 -0.0076 -0.0108 0.0258  39 ARG A N   
309 C CA  . ARG A 40 ? 0.1298 0.0488 0.1235 -0.0062 -0.0083 0.0336  39 ARG A CA  
310 C C   . ARG A 40 ? 0.1287 0.0636 0.1254 -0.0057 -0.0085 0.0394  39 ARG A C   
311 O O   . ARG A 40 ? 0.1559 0.0872 0.1534 -0.0065 -0.0076 0.0445  39 ARG A O   
312 C CB  . ARG A 40 ? 0.1340 0.0499 0.1278 -0.0016 -0.0040 0.0358  39 ARG A CB  
313 C CG  . ARG A 40 ? 0.1743 0.0869 0.1679 0.0004  -0.0003 0.0413  39 ARG A CG  
314 C CD  . ARG A 40 ? 0.2302 0.1378 0.2248 0.0031  0.0022  0.0411  39 ARG A CD  
315 N NE  . ARG A 40 ? 0.2298 0.1474 0.2297 0.0070  0.0022  0.0446  39 ARG A NE  
316 C CZ  . ARG A 40 ? 0.2690 0.1837 0.2704 0.0093  0.0044  0.0435  39 ARG A CZ  
317 N NH1 . ARG A 40 ? 0.2897 0.1930 0.2896 0.0079  0.0068  0.0389  39 ARG A NH1 
318 N NH2 . ARG A 40 ? 0.3270 0.2520 0.3325 0.0127  0.0041  0.0475  39 ARG A NH2 
319 N N   . ASN A 41 ? 0.1236 0.0773 0.1214 -0.0055 -0.0094 0.0385  40 ASN A N   
320 C CA  . ASN A 41 ? 0.1233 0.0953 0.1227 -0.0070 -0.0096 0.0437  40 ASN A CA  
321 C C   . ASN A 41 ? 0.1285 0.1009 0.1276 -0.0107 -0.0103 0.0394  40 ASN A C   
322 O O   . ASN A 41 ? 0.1439 0.1235 0.1443 -0.0118 -0.0102 0.0453  40 ASN A O   
323 C CB  . ASN A 41 ? 0.1199 0.1134 0.1188 -0.0084 -0.0100 0.0423  40 ASN A CB  
324 C CG  . ASN A 41 ? 0.1790 0.1787 0.1806 -0.0046 -0.0094 0.0520  40 ASN A CG  
325 O OD1 . ASN A 41 ? 0.2437 0.2335 0.2497 -0.0005 -0.0076 0.0608  40 ASN A OD1 
326 N ND2 . ASN A 41 ? 0.1196 0.1353 0.1200 -0.0061 -0.0101 0.0504  40 ASN A ND2 
327 N N   . ILE A 42 ? 0.1182 0.0839 0.1175 -0.0126 -0.0108 0.0305  41 ILE A N   
328 C CA  . ILE A 42 ? 0.1221 0.0872 0.1240 -0.0157 -0.0108 0.0279  41 ILE A CA  
329 C C   . ILE A 42 ? 0.1216 0.0730 0.1225 -0.0160 -0.0119 0.0338  41 ILE A C   
330 O O   . ILE A 42 ? 0.1834 0.1384 0.1858 -0.0179 -0.0121 0.0367  41 ILE A O   
331 C CB  . ILE A 42 ? 0.1127 0.0738 0.1186 -0.0169 -0.0104 0.0193  41 ILE A CB  
332 C CG1 . ILE A 42 ? 0.1102 0.0853 0.1173 -0.0181 -0.0076 0.0120  41 ILE A CG1 
333 C CG2 . ILE A 42 ? 0.1122 0.0700 0.1236 -0.0192 -0.0104 0.0193  41 ILE A CG2 
334 C CD1 . ILE A 42 ? 0.1068 0.0767 0.1198 -0.0186 -0.0061 0.0040  41 ILE A CD1 
335 N N   . GLU A 43 ? 0.1496 0.0851 0.1477 -0.0152 -0.0123 0.0348  42 GLU A N   
336 C CA  . GLU A 43 ? 0.1702 0.0952 0.1661 -0.0165 -0.0112 0.0373  42 GLU A CA  
337 C C   . GLU A 43 ? 0.2067 0.1344 0.2030 -0.0150 -0.0093 0.0452  42 GLU A C   
338 O O   . GLU A 43 ? 0.2716 0.1981 0.2674 -0.0166 -0.0084 0.0464  42 GLU A O   
339 C CB  . GLU A 43 ? 0.2292 0.1461 0.2216 -0.0151 -0.0073 0.0320  42 GLU A CB  
340 C CG  . GLU A 43 ? 0.3285 0.2414 0.3197 -0.0180 -0.0046 0.0298  42 GLU A CG  
341 C CD  . GLU A 43 ? 0.4346 0.3409 0.4252 -0.0170 0.0008  0.0332  42 GLU A CD  
342 O OE1 . GLU A 43 ? 0.5181 0.4212 0.5096 -0.0202 0.0029  0.0319  42 GLU A OE1 
343 O OE2 . GLU A 43 ? 0.4616 0.3653 0.4504 -0.0132 0.0026  0.0374  42 GLU A OE2 
344 N N   . LEU A 44 ? 0.1372 0.0716 0.1361 -0.0118 -0.0087 0.0514  43 LEU A N   
345 C CA  . LEU A 44 ? 0.2090 0.1509 0.2111 -0.0097 -0.0067 0.0603  43 LEU A CA  
346 C C   . LEU A 44 ? 0.2506 0.2076 0.2542 -0.0128 -0.0090 0.0632  43 LEU A C   
347 O O   . LEU A 44 ? 0.2803 0.2377 0.2857 -0.0132 -0.0081 0.0696  43 LEU A O   
348 C CB  . LEU A 44 ? 0.2567 0.2099 0.2634 -0.0056 -0.0055 0.0673  43 LEU A CB  
349 C CG  . LEU A 44 ? 0.3865 0.3270 0.3932 -0.0014 -0.0011 0.0650  43 LEU A CG  
350 C CD1 . LEU A 44 ? 0.4371 0.3934 0.4520 0.0027  0.0002  0.0747  43 LEU A CD1 
351 C CD2 . LEU A 44 ? 0.4583 0.3828 0.4615 -0.0024 0.0023  0.0616  43 LEU A CD2 
352 N N   . ILE A 45 ? 0.1930 0.1631 0.1954 -0.0148 -0.0105 0.0562  44 ILE A N   
353 C CA  . ILE A 45 ? 0.2069 0.1912 0.2103 -0.0182 -0.0109 0.0556  44 ILE A CA  
354 C C   . ILE A 45 ? 0.2897 0.2616 0.2936 -0.0205 -0.0117 0.0551  44 ILE A C   
355 O O   . ILE A 45 ? 0.2907 0.2680 0.2957 -0.0222 -0.0119 0.0602  44 ILE A O   
356 C CB  . ILE A 45 ? 0.1968 0.1954 0.2001 -0.0207 -0.0101 0.0461  44 ILE A CB  
357 C CG1 . ILE A 45 ? 0.2390 0.2544 0.2406 -0.0208 -0.0097 0.0477  44 ILE A CG1 
358 C CG2 . ILE A 45 ? 0.2473 0.2576 0.2523 -0.0248 -0.0088 0.0438  44 ILE A CG2 
359 C CD1 . ILE A 45 ? 0.2905 0.3246 0.2927 -0.0222 -0.0102 0.0584  44 ILE A CD1 
360 N N   . CYS A 46 ? 0.2167 0.1738 0.2197 -0.0212 -0.0125 0.0497  45 CYS A N   
361 C CA  . CYS A 46 ? 0.2383 0.1869 0.2420 -0.0246 -0.0138 0.0502  45 CYS A CA  
362 C C   . CYS A 46 ? 0.2966 0.2379 0.2972 -0.0244 -0.0124 0.0540  45 CYS A C   
363 O O   . CYS A 46 ? 0.3446 0.2876 0.3458 -0.0267 -0.0128 0.0554  45 CYS A O   
364 C CB  . CYS A 46 ? 0.2416 0.1804 0.2454 -0.0257 -0.0149 0.0443  45 CYS A CB  
365 S SG  . CYS A 46 ? 0.2179 0.1663 0.2292 -0.0253 -0.0142 0.0373  45 CYS A SG  
366 N N   . GLN A 47 ? 0.2698 0.2042 0.2677 -0.0211 -0.0093 0.0543  46 GLN A N   
367 C CA  . GLN A 47 ? 0.4557 0.3815 0.4507 -0.0206 -0.0054 0.0554  46 GLN A CA  
368 C C   . GLN A 47 ? 0.6263 0.5605 0.6244 -0.0211 -0.0061 0.0626  46 GLN A C   
369 O O   . GLN A 47 ? 0.7182 0.6504 0.7175 -0.0187 -0.0032 0.0671  46 GLN A O   
370 C CB  . GLN A 47 ? 0.4495 0.3669 0.4427 -0.0168 -0.0010 0.0558  46 GLN A CB  
371 C CG  . GLN A 47 ? 0.4548 0.3611 0.4433 -0.0170 0.0020  0.0482  46 GLN A CG  
372 C CD  . GLN A 47 ? 0.4967 0.3900 0.4798 -0.0153 0.0062  0.0479  46 GLN A CD  
373 O OE1 . GLN A 47 ? 0.5148 0.4015 0.4964 -0.0165 0.0072  0.0508  46 GLN A OE1 
374 N NE2 . GLN A 47 ? 0.5003 0.3913 0.4819 -0.0135 0.0058  0.0446  46 GLN A NE2 
375 N N   . ASP A 54 ? 0.6576 0.6812 0.7163 -0.0952 0.0685  -0.0423 53 ASP A N   
376 C CA  . ASP A 54 ? 0.5649 0.6025 0.6372 -0.0956 0.0538  -0.0392 53 ASP A CA  
377 C C   . ASP A 54 ? 0.4850 0.5350 0.5750 -0.0907 0.0516  -0.0381 53 ASP A C   
378 O O   . ASP A 54 ? 0.4945 0.5397 0.5735 -0.0887 0.0404  -0.0389 53 ASP A O   
379 C CB  . ASP A 54 ? 0.5885 0.6426 0.6819 -0.1015 0.0509  -0.0349 53 ASP A CB  
380 C CG  . ASP A 54 ? 0.6543 0.6950 0.7279 -0.1067 0.0456  -0.0358 53 ASP A CG  
381 O OD1 . ASP A 54 ? 0.7182 0.7532 0.7865 -0.1088 0.0542  -0.0367 53 ASP A OD1 
382 O OD2 . ASP A 54 ? 0.6512 0.6854 0.7139 -0.1085 0.0345  -0.0356 53 ASP A OD2 
383 N N   . PRO A 55 ? 0.3905 0.4566 0.5088 -0.0863 0.0636  -0.0350 54 PRO A N   
384 C CA  . PRO A 55 ? 0.3326 0.4148 0.4725 -0.0789 0.0613  -0.0320 54 PRO A CA  
385 C C   . PRO A 55 ? 0.2791 0.3389 0.3924 -0.0731 0.0612  -0.0369 54 PRO A C   
386 O O   . PRO A 55 ? 0.3041 0.3678 0.4172 -0.0668 0.0483  -0.0352 54 PRO A O   
387 C CB  . PRO A 55 ? 0.3768 0.4759 0.5487 -0.0695 0.0795  -0.0237 54 PRO A CB  
388 C CG  . PRO A 55 ? 0.3766 0.4683 0.5429 -0.0743 0.0898  -0.0235 54 PRO A CG  
389 C CD  . PRO A 55 ? 0.4132 0.4779 0.5403 -0.0837 0.0834  -0.0333 54 PRO A CD  
390 N N   . VAL A 56 ? 0.2428 0.2782 0.3309 -0.0765 0.0746  -0.0421 55 VAL A N   
391 C CA  . VAL A 56 ? 0.2826 0.2970 0.3431 -0.0745 0.0740  -0.0450 55 VAL A CA  
392 C C   . VAL A 56 ? 0.2272 0.2373 0.2679 -0.0797 0.0562  -0.0448 55 VAL A C   
393 O O   . VAL A 56 ? 0.2201 0.2281 0.2539 -0.0736 0.0466  -0.0430 55 VAL A O   
394 C CB  . VAL A 56 ? 0.3769 0.3650 0.4110 -0.0805 0.0925  -0.0494 55 VAL A CB  
395 C CG1 . VAL A 56 ? 0.3573 0.3250 0.3609 -0.0831 0.0903  -0.0513 55 VAL A CG1 
396 C CG2 . VAL A 56 ? 0.4188 0.4058 0.4710 -0.0724 0.1149  -0.0480 55 VAL A CG2 
397 N N   . LEU A 57 ? 0.2654 0.2722 0.2930 -0.0834 0.0511  -0.0432 56 LEU A N   
398 C CA  . LEU A 57 ? 0.2480 0.2497 0.2578 -0.0823 0.0383  -0.0385 56 LEU A CA  
399 C C   . LEU A 57 ? 0.2240 0.2333 0.2455 -0.0790 0.0267  -0.0374 56 LEU A C   
400 O O   . LEU A 57 ? 0.1769 0.1796 0.1860 -0.0757 0.0191  -0.0339 56 LEU A O   
401 C CB  . LEU A 57 ? 0.2754 0.2728 0.2744 -0.0859 0.0395  -0.0364 56 LEU A CB  
402 C CG  . LEU A 57 ? 0.3424 0.3320 0.3199 -0.0861 0.0351  -0.0295 56 LEU A CG  
403 C CD1 . LEU A 57 ? 0.3670 0.3521 0.3276 -0.0879 0.0360  -0.0270 56 LEU A CD1 
404 C CD2 . LEU A 57 ? 0.3830 0.3699 0.3551 -0.0898 0.0384  -0.0283 56 LEU A CD2 
405 N N   . GLN A 58 ? 0.2113 0.2346 0.2551 -0.0810 0.0249  -0.0390 57 GLN A N   
406 C CA  . GLN A 58 ? 0.2131 0.2428 0.2633 -0.0804 0.0119  -0.0381 57 GLN A CA  
407 C C   . GLN A 58 ? 0.1644 0.1972 0.2180 -0.0712 0.0070  -0.0374 57 GLN A C   
408 O O   . GLN A 58 ? 0.1419 0.1670 0.1830 -0.0676 -0.0032 -0.0358 57 GLN A O   
409 C CB  . GLN A 58 ? 0.2151 0.2655 0.2905 -0.0860 0.0087  -0.0365 57 GLN A CB  
410 C CG  . GLN A 58 ? 0.2848 0.3393 0.3597 -0.0886 -0.0070 -0.0345 57 GLN A CG  
411 C CD  . GLN A 58 ? 0.3326 0.3586 0.3740 -0.0900 -0.0114 -0.0357 57 GLN A CD  
412 O OE1 . GLN A 58 ? 0.4174 0.4326 0.4481 -0.0948 -0.0067 -0.0360 57 GLN A OE1 
413 N NE2 . GLN A 58 ? 0.2453 0.2587 0.2704 -0.0850 -0.0179 -0.0359 57 GLN A NE2 
414 N N   . ARG A 59 ? 0.1453 0.1850 0.2122 -0.0644 0.0160  -0.0372 58 ARG A N   
415 C CA  . ARG A 59 ? 0.1172 0.1570 0.1850 -0.0527 0.0128  -0.0351 58 ARG A CA  
416 C C   . ARG A 59 ? 0.1203 0.1412 0.1605 -0.0516 0.0093  -0.0346 58 ARG A C   
417 O O   . ARG A 59 ? 0.1083 0.1273 0.1438 -0.0438 0.0003  -0.0319 58 ARG A O   
418 C CB  . ARG A 59 ? 0.1624 0.2058 0.2447 -0.0459 0.0279  -0.0346 58 ARG A CB  
419 C CG  . ARG A 59 ? 0.2157 0.2545 0.2955 -0.0343 0.0277  -0.0329 58 ARG A CG  
420 C CD  . ARG A 59 ? 0.3738 0.4277 0.4657 -0.0274 0.0115  -0.0282 58 ARG A CD  
421 N NE  . ARG A 59 ? 0.5502 0.5947 0.6320 -0.0176 0.0090  -0.0272 58 ARG A NE  
422 C CZ  . ARG A 59 ? 0.6307 0.6771 0.7241 -0.0066 0.0184  -0.0244 58 ARG A CZ  
423 N NH1 . ARG A 59 ? 0.6390 0.6750 0.7209 0.0010  0.0157  -0.0238 58 ARG A NH1 
424 N NH2 . ARG A 59 ? 0.6969 0.7548 0.8138 -0.0022 0.0327  -0.0209 58 ARG A NH2 
425 N N   . ILE A 60 ? 0.1315 0.1406 0.1539 -0.0597 0.0160  -0.0353 59 ILE A N   
426 C CA  . ILE A 60 ? 0.1201 0.1180 0.1200 -0.0603 0.0119  -0.0300 59 ILE A CA  
427 C C   . ILE A 60 ? 0.1175 0.1124 0.1111 -0.0565 0.0023  -0.0249 59 ILE A C   
428 O O   . ILE A 60 ? 0.1148 0.1050 0.0996 -0.0492 -0.0032 -0.0187 59 ILE A O   
429 C CB  . ILE A 60 ? 0.1348 0.1253 0.1177 -0.0720 0.0194  -0.0285 59 ILE A CB  
430 C CG1 . ILE A 60 ? 0.1793 0.1624 0.1565 -0.0758 0.0304  -0.0332 59 ILE A CG1 
431 C CG2 . ILE A 60 ? 0.1906 0.1783 0.1556 -0.0730 0.0130  -0.0171 59 ILE A CG2 
432 C CD1 . ILE A 60 ? 0.2204 0.1956 0.1763 -0.0833 0.0367  -0.0319 59 ILE A CD1 
433 N N   . VAL A 61 ? 0.1227 0.1167 0.1183 -0.0618 0.0021  -0.0272 60 VAL A N   
434 C CA  . VAL A 61 ? 0.1302 0.1119 0.1126 -0.0592 -0.0032 -0.0235 60 VAL A CA  
435 C C   . VAL A 61 ? 0.1289 0.1110 0.1145 -0.0513 -0.0123 -0.0246 60 VAL A C   
436 O O   . VAL A 61 ? 0.1347 0.1029 0.1046 -0.0441 -0.0152 -0.0193 60 VAL A O   
437 C CB  . VAL A 61 ? 0.1487 0.1251 0.1289 -0.0696 -0.0004 -0.0271 60 VAL A CB  
438 C CG1 . VAL A 61 ? 0.1762 0.1327 0.1379 -0.0686 -0.0040 -0.0258 60 VAL A CG1 
439 C CG2 . VAL A 61 ? 0.1963 0.1689 0.1684 -0.0750 0.0089  -0.0232 60 VAL A CG2 
440 N N   . ASP A 62 ? 0.1229 0.1219 0.1294 -0.0517 -0.0159 -0.0293 61 ASP A N   
441 C CA  . ASP A 62 ? 0.1317 0.1349 0.1425 -0.0451 -0.0258 -0.0287 61 ASP A CA  
442 C C   . ASP A 62 ? 0.1149 0.1125 0.1188 -0.0325 -0.0265 -0.0244 61 ASP A C   
443 O O   . ASP A 62 ? 0.1206 0.1087 0.1132 -0.0261 -0.0333 -0.0218 61 ASP A O   
444 C CB  . ASP A 62 ? 0.1161 0.1452 0.1564 -0.0463 -0.0279 -0.0297 61 ASP A CB  
445 C CG  . ASP A 62 ? 0.2615 0.3004 0.3102 -0.0604 -0.0312 -0.0311 61 ASP A CG  
446 O OD1 . ASP A 62 ? 0.2559 0.3205 0.3337 -0.0621 -0.0298 -0.0285 61 ASP A OD1 
447 O OD2 . ASP A 62 ? 0.2387 0.2594 0.2655 -0.0698 -0.0338 -0.0333 61 ASP A OD2 
448 N N   . ILE A 63 ? 0.1067 0.1076 0.1142 -0.0304 -0.0193 -0.0234 62 ILE A N   
449 C CA  . ILE A 63 ? 0.1021 0.0975 0.1012 -0.0217 -0.0202 -0.0182 62 ILE A CA  
450 C C   . ILE A 63 ? 0.1072 0.0889 0.0866 -0.0193 -0.0216 -0.0097 62 ILE A C   
451 O O   . ILE A 63 ? 0.1071 0.0826 0.0796 -0.0095 -0.0255 -0.0040 62 ILE A O   
452 C CB  . ILE A 63 ? 0.1007 0.0977 0.1006 -0.0256 -0.0118 -0.0191 62 ILE A CB  
453 C CG1 . ILE A 63 ? 0.1003 0.1062 0.1193 -0.0227 -0.0058 -0.0249 62 ILE A CG1 
454 C CG2 . ILE A 63 ? 0.0991 0.0904 0.0868 -0.0210 -0.0140 -0.0119 62 ILE A CG2 
455 C CD1 . ILE A 63 ? 0.1140 0.1123 0.1270 -0.0297 0.0080  -0.0282 62 ILE A CD1 
456 N N   . LEU A 64 ? 0.1133 0.0901 0.0842 -0.0268 -0.0166 -0.0068 63 LEU A N   
457 C CA  . LEU A 64 ? 0.1273 0.0925 0.0821 -0.0222 -0.0141 0.0056  63 LEU A CA  
458 C C   . LEU A 64 ? 0.1530 0.1002 0.0956 -0.0136 -0.0160 0.0066  63 LEU A C   
459 O O   . LEU A 64 ? 0.1713 0.1086 0.1034 -0.0029 -0.0140 0.0179  63 LEU A O   
460 C CB  . LEU A 64 ? 0.1278 0.0907 0.0770 -0.0310 -0.0071 0.0090  63 LEU A CB  
461 C CG  . LEU A 64 ? 0.1222 0.0983 0.0745 -0.0412 -0.0043 0.0119  63 LEU A CG  
462 C CD1 . LEU A 64 ? 0.2040 0.1781 0.1514 -0.0501 0.0022  0.0142  63 LEU A CD1 
463 C CD2 . LEU A 64 ? 0.1343 0.1174 0.0818 -0.0382 -0.0065 0.0276  63 LEU A CD2 
464 N N   . TYR A 65 ? 0.1427 0.0845 0.0845 -0.0194 -0.0195 -0.0040 64 TYR A N   
465 C CA  . TYR A 65 ? 0.1693 0.0874 0.0906 -0.0168 -0.0212 -0.0048 64 TYR A CA  
466 C C   . TYR A 65 ? 0.1624 0.0850 0.0873 -0.0117 -0.0313 -0.0086 64 TYR A C   
467 O O   . TYR A 65 ? 0.1878 0.0882 0.0908 -0.0113 -0.0337 -0.0096 64 TYR A O   
468 C CB  . TYR A 65 ? 0.1840 0.0914 0.0961 -0.0311 -0.0203 -0.0128 64 TYR A CB  
469 C CG  . TYR A 65 ? 0.1976 0.0872 0.0947 -0.0323 -0.0075 -0.0065 64 TYR A CG  
470 C CD1 . TYR A 65 ? 0.3020 0.1550 0.1676 -0.0281 0.0019  -0.0013 64 TYR A CD1 
471 C CD2 . TYR A 65 ? 0.1828 0.0895 0.0945 -0.0367 -0.0027 -0.0042 64 TYR A CD2 
472 C CE1 . TYR A 65 ? 0.3271 0.1635 0.1803 -0.0265 0.0164  0.0074  64 TYR A CE1 
473 C CE2 . TYR A 65 ? 0.2668 0.1596 0.1660 -0.0368 0.0091  0.0044  64 TYR A CE2 
474 C CZ  . TYR A 65 ? 0.3416 0.2006 0.2135 -0.0306 0.0190  0.0109  64 TYR A CZ  
475 O OH  . TYR A 65 ? 0.3857 0.2339 0.2493 -0.0273 0.0328  0.0209  64 TYR A OH  
476 N N   . ALA A 66 ? 0.1401 0.0869 0.0884 -0.0083 -0.0360 -0.0100 65 ALA A N   
477 C CA  . ALA A 66 ? 0.1369 0.0906 0.0916 -0.0019 -0.0448 -0.0115 65 ALA A CA  
478 C C   . ALA A 66 ? 0.1445 0.0793 0.0805 0.0110  -0.0440 -0.0042 65 ALA A C   
479 O O   . ALA A 66 ? 0.1425 0.0697 0.0717 0.0178  -0.0364 0.0049  65 ALA A O   
480 C CB  . ALA A 66 ? 0.1194 0.0983 0.1014 0.0015  -0.0449 -0.0129 65 ALA A CB  
481 N N   . THR A 67 ? 0.1700 0.0986 0.0980 0.0139  -0.0519 -0.0060 66 THR A N   
482 C CA  . THR A 67 ? 0.1830 0.0937 0.0949 0.0266  -0.0489 0.0007  66 THR A CA  
483 C C   . THR A 67 ? 0.1840 0.1217 0.1243 0.0316  -0.0421 0.0023  66 THR A C   
484 O O   . THR A 67 ? 0.2383 0.1783 0.1801 0.0342  -0.0327 0.0060  66 THR A O   
485 C CB  . THR A 67 ? 0.2300 0.1220 0.1196 0.0237  -0.0561 -0.0029 66 THR A CB  
486 O OG1 . THR A 67 ? 0.2030 0.1233 0.1165 0.0192  -0.0667 -0.0066 66 THR A OG1 
487 C CG2 . THR A 67 ? 0.2716 0.1364 0.1310 0.0095  -0.0548 -0.0076 66 THR A CG2 
488 N N   . ASP A 68 ? 0.1357 0.0937 0.0968 0.0304  -0.0458 -0.0001 67 ASP A N   
489 C CA  . ASP A 68 ? 0.1697 0.1426 0.1463 0.0319  -0.0378 0.0023  67 ASP A CA  
490 C C   . ASP A 68 ? 0.1098 0.0883 0.0925 0.0295  -0.0369 0.0027  67 ASP A C   
491 O O   . ASP A 68 ? 0.1210 0.0935 0.0961 0.0261  -0.0398 0.0033  67 ASP A O   
492 C CB  . ASP A 68 ? 0.1694 0.1533 0.1583 0.0344  -0.0405 0.0004  67 ASP A CB  
493 C CG  . ASP A 68 ? 0.2581 0.2557 0.2622 0.0337  -0.0494 -0.0034 67 ASP A CG  
494 O OD1 . ASP A 68 ? 0.1808 0.1807 0.1881 0.0295  -0.0538 -0.0069 67 ASP A OD1 
495 O OD2 . ASP A 68 ? 0.2835 0.2945 0.3001 0.0357  -0.0516 -0.0014 67 ASP A OD2 
496 N N   . GLU A 69 ? 0.1257 0.1118 0.1179 0.0308  -0.0341 0.0026  68 GLU A N   
497 C CA  . GLU A 69 ? 0.1198 0.1057 0.1115 0.0275  -0.0342 0.0021  68 GLU A CA  
498 C C   . GLU A 69 ? 0.0966 0.0896 0.0991 0.0189  -0.0296 -0.0062 68 GLU A C   
499 O O   . GLU A 69 ? 0.1117 0.1031 0.1100 0.0083  -0.0227 -0.0080 68 GLU A O   
500 C CB  . GLU A 69 ? 0.1420 0.1266 0.1349 0.0298  -0.0298 0.0027  68 GLU A CB  
501 C CG  . GLU A 69 ? 0.2066 0.1917 0.1937 0.0273  -0.0262 0.0116  68 GLU A CG  
502 C CD  . GLU A 69 ? 0.2608 0.2495 0.2548 0.0293  -0.0227 0.0116  68 GLU A CD  
503 O OE1 . GLU A 69 ? 0.2226 0.2127 0.2208 0.0328  -0.0244 0.0074  68 GLU A OE1 
504 O OE2 . GLU A 69 ? 0.3439 0.3315 0.3344 0.0290  -0.0214 0.0149  68 GLU A OE2 
505 N N   . GLY A 70 ? 0.0884 0.0905 0.1044 0.0218  -0.0335 -0.0099 69 GLY A N   
506 C CA  . GLY A 70 ? 0.0866 0.0989 0.1161 0.0138  -0.0293 -0.0149 69 GLY A CA  
507 C C   . GLY A 70 ? 0.0868 0.1084 0.1354 0.0171  -0.0189 -0.0167 69 GLY A C   
508 O O   . GLY A 70 ? 0.0959 0.1216 0.1525 0.0102  -0.0101 -0.0198 69 GLY A O   
509 N N   . PHE A 71 ? 0.0857 0.1089 0.1413 0.0287  -0.0173 -0.0137 70 PHE A N   
510 C CA  . PHE A 71 ? 0.0908 0.1203 0.1653 0.0353  -0.0036 -0.0129 70 PHE A CA  
511 C C   . PHE A 71 ? 0.0875 0.1437 0.1914 0.0374  -0.0062 -0.0081 70 PHE A C   
512 O O   . PHE A 71 ? 0.0933 0.1568 0.2141 0.0379  0.0079  -0.0066 70 PHE A O   
513 C CB  . PHE A 71 ? 0.0923 0.1163 0.1671 0.0484  -0.0009 -0.0092 70 PHE A CB  
514 C CG  . PHE A 71 ? 0.1068 0.1061 0.1551 0.0441  0.0046  -0.0122 70 PHE A CG  
515 C CD1 . PHE A 71 ? 0.1928 0.1735 0.2276 0.0358  0.0213  -0.0168 70 PHE A CD1 
516 C CD2 . PHE A 71 ? 0.1653 0.1594 0.2003 0.0468  -0.0067 -0.0090 70 PHE A CD2 
517 C CE1 . PHE A 71 ? 0.1933 0.1522 0.2007 0.0269  0.0243  -0.0184 70 PHE A CE1 
518 C CE2 . PHE A 71 ? 0.1909 0.1675 0.2043 0.0405  -0.0031 -0.0086 70 PHE A CE2 
519 C CZ  . PHE A 71 ? 0.1810 0.1411 0.1803 0.0289  0.0111  -0.0133 70 PHE A CZ  
520 N N   . VAL A 72 ? 0.0821 0.1524 0.1906 0.0376  -0.0234 -0.0042 71 VAL A N   
521 C CA  . VAL A 72 ? 0.0813 0.1815 0.2162 0.0352  -0.0306 0.0031  71 VAL A CA  
522 C C   . VAL A 72 ? 0.0849 0.1821 0.2047 0.0191  -0.0434 -0.0016 71 VAL A C   
523 O O   . VAL A 72 ? 0.1147 0.1948 0.2089 0.0161  -0.0541 -0.0048 71 VAL A O   
524 C CB  . VAL A 72 ? 0.0835 0.1990 0.2244 0.0440  -0.0389 0.0125  71 VAL A CB  
525 C CG1 . VAL A 72 ? 0.1191 0.2633 0.2765 0.0358  -0.0494 0.0191  71 VAL A CG1 
526 C CG2 . VAL A 72 ? 0.0895 0.2012 0.2353 0.0586  -0.0228 0.0148  71 VAL A CG2 
527 N N   . ILE A 73 ? 0.0865 0.1962 0.2200 0.0093  -0.0394 -0.0016 72 ILE A N   
528 C CA  . ILE A 73 ? 0.1552 0.2606 0.2747 -0.0076 -0.0491 -0.0060 72 ILE A CA  
529 C C   . ILE A 73 ? 0.1859 0.3243 0.3300 -0.0162 -0.0608 0.0034  72 ILE A C   
530 O O   . ILE A 73 ? 0.2214 0.3869 0.3985 -0.0151 -0.0529 0.0112  72 ILE A O   
531 C CB  . ILE A 73 ? 0.1852 0.2791 0.2991 -0.0149 -0.0365 -0.0126 72 ILE A CB  
532 C CG1 . ILE A 73 ? 0.1709 0.2381 0.2620 -0.0094 -0.0269 -0.0184 72 ILE A CG1 
533 C CG2 . ILE A 73 ? 0.2743 0.3605 0.3718 -0.0314 -0.0449 -0.0167 72 ILE A CG2 
534 C CD1 . ILE A 73 ? 0.1515 0.1965 0.2126 -0.0100 -0.0356 -0.0204 72 ILE A CD1 
535 N N   . PRO A 74 ? 0.2180 0.3550 0.3454 -0.0259 -0.0786 0.0045  73 PRO A N   
536 C CA  . PRO A 74 ? 0.3310 0.4905 0.4674 -0.0357 -0.0865 0.0113  73 PRO A CA  
537 C C   . PRO A 74 ? 0.4259 0.5837 0.5572 -0.0545 -0.0877 0.0076  73 PRO A C   
538 O O   . PRO A 74 ? 0.5259 0.7079 0.6747 -0.0624 -0.0920 0.0157  73 PRO A O   
539 C CB  . PRO A 74 ? 0.3584 0.5009 0.4641 -0.0380 -0.0984 0.0097  73 PRO A CB  
540 C CG  . PRO A 74 ? 0.3622 0.4657 0.4324 -0.0373 -0.0960 -0.0008 73 PRO A CG  
541 C CD  . PRO A 74 ? 0.2733 0.3757 0.3604 -0.0256 -0.0851 -0.0026 73 PRO A CD  
# 
loop_
_pdbx_poly_seq_scheme.asym_id 
_pdbx_poly_seq_scheme.entity_id 
_pdbx_poly_seq_scheme.seq_id 
_pdbx_poly_seq_scheme.mon_id 
_pdbx_poly_seq_scheme.ndb_seq_num 
_pdbx_poly_seq_scheme.pdb_seq_num 
_pdbx_poly_seq_scheme.auth_seq_num 
_pdbx_poly_seq_scheme.pdb_mon_id 
_pdbx_poly_seq_scheme.auth_mon_id 
_pdbx_poly_seq_scheme.pdb_strand_id 
_pdbx_poly_seq_scheme.pdb_ins_code 
_pdbx_poly_seq_scheme.hetero 
A 1 1  LEU 1  0  ?  ?   ?   A . n 
A 1 2  SER 2  1  ?  ?   ?   A . n 
A 1 3  ASN 3  2  ?  ?   ?   A . n 
A 1 4  GLU 4  3  ?  ?   ?   A . n 
A 1 5  ASP 5  4  4  ASP ASP A . n 
A 1 6  PRO 6  5  5  PRO PRO A . n 
A 1 7  LYS 7  6  6  LYS LYS A . n 
A 1 8  ASP 8  7  7  ASP ASP A . n 
A 1 9  ALA 9  8  8  ALA ALA A . n 
A 1 10 LEU 10 9  9  LEU LEU A . n 
A 1 11 LEU 11 10 10 LEU LEU A . n 
A 1 12 ARG 12 11 11 ARG ARG A . n 
A 1 13 GLN 13 12 12 GLN GLN A . n 
A 1 14 PHE 14 13 13 PHE PHE A . n 
A 1 15 GLN 15 14 14 GLN GLN A . n 
A 1 16 LYS 16 15 15 LYS LYS A . n 
A 1 17 GLU 17 16 16 GLU GLU A . n 
A 1 18 ILE 18 17 17 ILE ILE A . n 
A 1 19 GLU 19 18 18 GLU GLU A . n 
A 1 20 GLU 20 19 19 GLU GLU A . n 
A 1 21 LEU 21 20 20 LEU LEU A . n 
A 1 22 LYS 22 21 21 LYS LYS A . n 
A 1 23 LYS 23 22 22 LYS LYS A . n 
A 1 24 LYS 24 23 23 LYS LYS A . n 
A 1 25 LEU 25 24 24 LEU LEU A . n 
A 1 26 GLU 26 25 25 GLU GLU A . n 
A 1 27 GLU 27 26 26 GLU GLU A . n 
A 1 28 LEU 28 27 27 LEU LEU A . n 
A 1 29 GLU 29 28 28 GLU GLU A . n 
A 1 30 LYS 30 29 29 LYS LYS A . n 
A 1 31 GLU 31 30 30 GLU GLU A . n 
A 1 32 ARG 32 31 31 ARG ARG A . n 
A 1 33 ASP 33 32 32 ASP ASP A . n 
A 1 34 PHE 34 33 33 PHE PHE A . n 
A 1 35 TYR 35 34 34 TYR TYR A . n 
A 1 36 PHE 36 35 35 PHE PHE A . n 
A 1 37 GLY 37 36 36 GLY GLY A . n 
A 1 38 LYS 38 37 37 LYS LYS A . n 
A 1 39 LEU 39 38 38 LEU LEU A . n 
A 1 40 ARG 40 39 39 ARG ARG A . n 
A 1 41 ASN 41 40 40 ASN ASN A . n 
A 1 42 ILE 42 41 41 ILE ILE A . n 
A 1 43 GLU 43 42 42 GLU GLU A . n 
A 1 44 LEU 44 43 43 LEU LEU A . n 
A 1 45 ILE 45 44 44 ILE ILE A . n 
A 1 46 CYS 46 45 45 CYS CYS A . n 
A 1 47 GLN 47 46 46 GLN GLN A . n 
A 1 48 GLU 48 47 ?  ?   ?   A . n 
A 1 49 ASN 49 48 ?  ?   ?   A . n 
A 1 50 GLU 50 49 ?  ?   ?   A . n 
A 1 51 GLY 51 50 ?  ?   ?   A . n 
A 1 52 GLU 52 51 ?  ?   ?   A . n 
A 1 53 ASN 53 52 ?  ?   ?   A . n 
A 1 54 ASP 54 53 53 ASP ASP A . n 
A 1 55 PRO 55 54 54 PRO PRO A . n 
A 1 56 VAL 56 55 55 VAL VAL A . n 
A 1 57 LEU 57 56 56 LEU LEU A . n 
A 1 58 GLN 58 57 57 GLN GLN A . n 
A 1 59 ARG 59 58 58 ARG ARG A . n 
A 1 60 ILE 60 59 59 ILE ILE A . n 
A 1 61 VAL 61 60 60 VAL VAL A . n 
A 1 62 ASP 62 61 61 ASP ASP A . n 
A 1 63 ILE 63 62 62 ILE ILE A . n 
A 1 64 LEU 64 63 63 LEU LEU A . n 
A 1 65 TYR 65 64 64 TYR TYR A . n 
A 1 66 ALA 66 65 65 ALA ALA A . n 
A 1 67 THR 67 66 66 THR THR A . n 
A 1 68 ASP 68 67 67 ASP ASP A . n 
A 1 69 GLU 69 68 68 GLU GLU A . n 
A 1 70 GLY 70 69 69 GLY GLY A . n 
A 1 71 PHE 71 70 70 PHE PHE A . n 
A 1 72 VAL 72 71 71 VAL VAL A . n 
A 1 73 ILE 73 72 72 ILE ILE A . n 
A 1 74 PRO 74 73 73 PRO PRO A . n 
A 1 75 ASP 75 74 ?  ?   ?   A . n 
# 
loop_
_pdbx_nonpoly_scheme.asym_id 
_pdbx_nonpoly_scheme.entity_id 
_pdbx_nonpoly_scheme.mon_id 
_pdbx_nonpoly_scheme.ndb_seq_num 
_pdbx_nonpoly_scheme.pdb_seq_num 
_pdbx_nonpoly_scheme.auth_seq_num 
_pdbx_nonpoly_scheme.pdb_mon_id 
_pdbx_nonpoly_scheme.auth_mon_id 
_pdbx_nonpoly_scheme.pdb_strand_id 
_pdbx_nonpoly_scheme.pdb_ins_code 
B 2 HOH 1  101 55 HOH HOH A . 
B 2 HOH 2  102 49 HOH HOH A . 
B 2 HOH 3  103 26 HOH HOH A . 
B 2 HOH 4  104 10 HOH HOH A . 
B 2 HOH 5  105 18 HOH HOH A . 
B 2 HOH 6  106 44 HOH HOH A . 
B 2 HOH 7  107 40 HOH HOH A . 
B 2 HOH 8  108 13 HOH HOH A . 
B 2 HOH 9  109 21 HOH HOH A . 
B 2 HOH 10 110 35 HOH HOH A . 
B 2 HOH 11 111 19 HOH HOH A . 
B 2 HOH 12 112 64 HOH HOH A . 
B 2 HOH 13 113 11 HOH HOH A . 
B 2 HOH 14 114 16 HOH HOH A . 
B 2 HOH 15 115 39 HOH HOH A . 
B 2 HOH 16 116 31 HOH HOH A . 
B 2 HOH 17 117 33 HOH HOH A . 
B 2 HOH 18 118 12 HOH HOH A . 
B 2 HOH 19 119 23 HOH HOH A . 
B 2 HOH 20 120 29 HOH HOH A . 
B 2 HOH 21 121 62 HOH HOH A . 
B 2 HOH 22 122 45 HOH HOH A . 
B 2 HOH 23 123 27 HOH HOH A . 
B 2 HOH 24 124 47 HOH HOH A . 
B 2 HOH 25 125 34 HOH HOH A . 
B 2 HOH 26 126 50 HOH HOH A . 
B 2 HOH 27 127 65 HOH HOH A . 
B 2 HOH 28 128 57 HOH HOH A . 
B 2 HOH 29 129 68 HOH HOH A . 
B 2 HOH 30 130 20 HOH HOH A . 
B 2 HOH 31 131 6  HOH HOH A . 
B 2 HOH 32 132 2  HOH HOH A . 
B 2 HOH 33 133 25 HOH HOH A . 
B 2 HOH 34 134 41 HOH HOH A . 
B 2 HOH 35 135 7  HOH HOH A . 
B 2 HOH 36 136 15 HOH HOH A . 
B 2 HOH 37 137 22 HOH HOH A . 
B 2 HOH 38 138 17 HOH HOH A . 
B 2 HOH 39 139 14 HOH HOH A . 
B 2 HOH 40 140 9  HOH HOH A . 
B 2 HOH 41 141 24 HOH HOH A . 
B 2 HOH 42 142 51 HOH HOH A . 
B 2 HOH 43 143 5  HOH HOH A . 
B 2 HOH 44 144 3  HOH HOH A . 
B 2 HOH 45 145 4  HOH HOH A . 
B 2 HOH 46 146 48 HOH HOH A . 
B 2 HOH 47 147 42 HOH HOH A . 
B 2 HOH 48 148 30 HOH HOH A . 
B 2 HOH 49 149 52 HOH HOH A . 
B 2 HOH 50 150 63 HOH HOH A . 
B 2 HOH 51 151 60 HOH HOH A . 
B 2 HOH 52 152 56 HOH HOH A . 
B 2 HOH 53 153 58 HOH HOH A . 
B 2 HOH 54 154 36 HOH HOH A . 
B 2 HOH 55 155 8  HOH HOH A . 
B 2 HOH 56 156 54 HOH HOH A . 
B 2 HOH 57 157 67 HOH HOH A . 
B 2 HOH 58 158 43 HOH HOH A . 
B 2 HOH 59 159 46 HOH HOH A . 
B 2 HOH 60 160 53 HOH HOH A . 
B 2 HOH 61 161 1  HOH HOH A . 
B 2 HOH 62 162 28 HOH HOH A . 
B 2 HOH 63 163 61 HOH HOH A . 
B 2 HOH 64 164 38 HOH HOH A . 
B 2 HOH 65 165 32 HOH HOH A . 
B 2 HOH 66 166 66 HOH HOH A . 
B 2 HOH 67 167 69 HOH HOH A . 
B 2 HOH 68 168 70 HOH HOH A . 
B 2 HOH 69 169 37 HOH HOH A . 
B 2 HOH 70 170 71 HOH HOH A . 
B 2 HOH 71 171 59 HOH HOH A . 
# 
_pdbx_struct_assembly.id                   1 
_pdbx_struct_assembly.details              author_and_software_defined_assembly 
_pdbx_struct_assembly.method_details       PISA 
_pdbx_struct_assembly.oligomeric_details   dimeric 
_pdbx_struct_assembly.oligomeric_count     2 
# 
_pdbx_struct_assembly_gen.assembly_id       1 
_pdbx_struct_assembly_gen.oper_expression   1,2 
_pdbx_struct_assembly_gen.asym_id_list      A,B 
# 
loop_
_pdbx_struct_assembly_prop.biol_id 
_pdbx_struct_assembly_prop.type 
_pdbx_struct_assembly_prop.value 
_pdbx_struct_assembly_prop.details 
1 'ABSA (A^2)' 3970 ? 
1 MORE         -32  ? 
1 'SSA (A^2)'  9280 ? 
# 
loop_
_pdbx_struct_oper_list.id 
_pdbx_struct_oper_list.type 
_pdbx_struct_oper_list.name 
_pdbx_struct_oper_list.symmetry_operation 
_pdbx_struct_oper_list.matrix[1][1] 
_pdbx_struct_oper_list.matrix[1][2] 
_pdbx_struct_oper_list.matrix[1][3] 
_pdbx_struct_oper_list.vector[1] 
_pdbx_struct_oper_list.matrix[2][1] 
_pdbx_struct_oper_list.matrix[2][2] 
_pdbx_struct_oper_list.matrix[2][3] 
_pdbx_struct_oper_list.vector[2] 
_pdbx_struct_oper_list.matrix[3][1] 
_pdbx_struct_oper_list.matrix[3][2] 
_pdbx_struct_oper_list.matrix[3][3] 
_pdbx_struct_oper_list.vector[3] 
1 'identity operation'         1_555 x,y,z         1.0000000000 0.0000000000 0.0000000000  0.0000000000 0.0000000000 1.0000000000  0.0000000000  0.0000000000 0.0000000000  0.0000000000  1.0000000000  0.0000000000 
2 'crystal symmetry operation' 3_655 -x+1,y,-z+1/2 0.2805863197 0.3724753017 -0.8846092170 0.2948423349 0.3724753017 -0.8916606805 -0.2573001757 1.6404297396 -0.8846092170 -0.2573001757 -0.3889256392 1.1175450173 
# 
_pdbx_struct_special_symmetry.id              1 
_pdbx_struct_special_symmetry.PDB_model_num   1 
_pdbx_struct_special_symmetry.auth_asym_id    A 
_pdbx_struct_special_symmetry.auth_comp_id    HOH 
_pdbx_struct_special_symmetry.auth_seq_id     105 
_pdbx_struct_special_symmetry.PDB_ins_code    ? 
_pdbx_struct_special_symmetry.label_asym_id   B 
_pdbx_struct_special_symmetry.label_comp_id   HOH 
_pdbx_struct_special_symmetry.label_seq_id    . 
# 
loop_
_pdbx_audit_revision_history.ordinal 
_pdbx_audit_revision_history.data_content_type 
_pdbx_audit_revision_history.major_revision 
_pdbx_audit_revision_history.minor_revision 
_pdbx_audit_revision_history.revision_date 
1 'Structure model' 1 0 2016-08-03 
2 'Structure model' 1 1 2016-08-10 
3 'Structure model' 1 2 2016-10-05 
4 'Structure model' 1 3 2023-09-27 
# 
_pdbx_audit_revision_details.ordinal             1 
_pdbx_audit_revision_details.revision_ordinal    1 
_pdbx_audit_revision_details.data_content_type   'Structure model' 
_pdbx_audit_revision_details.provider            repository 
_pdbx_audit_revision_details.type                'Initial release' 
_pdbx_audit_revision_details.description         ? 
_pdbx_audit_revision_details.details             ? 
# 
loop_
_pdbx_audit_revision_group.ordinal 
_pdbx_audit_revision_group.revision_ordinal 
_pdbx_audit_revision_group.data_content_type 
_pdbx_audit_revision_group.group 
1 2 'Structure model' 'Database references'    
2 3 'Structure model' 'Database references'    
3 4 'Structure model' 'Data collection'        
4 4 'Structure model' 'Database references'    
5 4 'Structure model' 'Derived calculations'   
6 4 'Structure model' 'Refinement description' 
# 
loop_
_pdbx_audit_revision_category.ordinal 
_pdbx_audit_revision_category.revision_ordinal 
_pdbx_audit_revision_category.data_content_type 
_pdbx_audit_revision_category.category 
1 4 'Structure model' chem_comp_atom                
2 4 'Structure model' chem_comp_bond                
3 4 'Structure model' citation                      
4 4 'Structure model' database_2                    
5 4 'Structure model' pdbx_initial_refinement_model 
6 4 'Structure model' pdbx_struct_oper_list         
# 
loop_
_pdbx_audit_revision_item.ordinal 
_pdbx_audit_revision_item.revision_ordinal 
_pdbx_audit_revision_item.data_content_type 
_pdbx_audit_revision_item.item 
1 4 'Structure model' '_citation.journal_id_CSD'                  
2 4 'Structure model' '_database_2.pdbx_DOI'                      
3 4 'Structure model' '_database_2.pdbx_database_accession'       
4 4 'Structure model' '_pdbx_struct_oper_list.symmetry_operation' 
# 
loop_
_pdbx_refine_tls.pdbx_refine_id 
_pdbx_refine_tls.id 
_pdbx_refine_tls.details 
_pdbx_refine_tls.method 
_pdbx_refine_tls.origin_x 
_pdbx_refine_tls.origin_y 
_pdbx_refine_tls.origin_z 
_pdbx_refine_tls.T[1][1] 
_pdbx_refine_tls.T[2][2] 
_pdbx_refine_tls.T[3][3] 
_pdbx_refine_tls.T[1][2] 
_pdbx_refine_tls.T[1][3] 
_pdbx_refine_tls.T[2][3] 
_pdbx_refine_tls.L[1][1] 
_pdbx_refine_tls.L[2][2] 
_pdbx_refine_tls.L[3][3] 
_pdbx_refine_tls.L[1][2] 
_pdbx_refine_tls.L[1][3] 
_pdbx_refine_tls.L[2][3] 
_pdbx_refine_tls.S[1][1] 
_pdbx_refine_tls.S[1][2] 
_pdbx_refine_tls.S[1][3] 
_pdbx_refine_tls.S[2][1] 
_pdbx_refine_tls.S[2][2] 
_pdbx_refine_tls.S[2][3] 
_pdbx_refine_tls.S[3][1] 
_pdbx_refine_tls.S[3][2] 
_pdbx_refine_tls.S[3][3] 
'X-RAY DIFFRACTION' 1 ? refined 8.6340   1.1752  -0.8253 0.0971 0.0289 0.0814 0.0071  -0.0150 -0.0094 1.9307 0.6046 0.7540 1.0041 -0.8195 -0.6261 -0.0676 -0.2316 -0.1153 -0.0312 -0.0450 0.0012 0.1134 0.1546  0.0828 
'X-RAY DIFFRACTION' 2 ? refined -19.0463 -3.8253 3.4681  0.1076 0.1254 0.1386 -0.0404 -0.0127 -0.0296 1.0293 2.4289 3.0593 0.9125 -1.5591 -2.2720 0.1687  -0.0295 0.1035  -0.0241 -0.0456 0.4166 0.1669 -0.3721 0.0020 
# 
loop_
_pdbx_refine_tls_group.pdbx_refine_id 
_pdbx_refine_tls_group.id 
_pdbx_refine_tls_group.refine_tls_id 
_pdbx_refine_tls_group.beg_auth_asym_id 
_pdbx_refine_tls_group.beg_auth_seq_id 
_pdbx_refine_tls_group.beg_label_asym_id 
_pdbx_refine_tls_group.beg_label_seq_id 
_pdbx_refine_tls_group.end_auth_asym_id 
_pdbx_refine_tls_group.end_auth_seq_id 
_pdbx_refine_tls_group.end_label_asym_id 
_pdbx_refine_tls_group.end_label_seq_id 
_pdbx_refine_tls_group.selection 
_pdbx_refine_tls_group.selection_details 
'X-RAY DIFFRACTION' 1 1 ? ? ? ? ? ? ? ? ? 
;chain 'A' and (resid 4 through 46 )
;
'X-RAY DIFFRACTION' 2 2 ? ? ? ? ? ? ? ? ? 
;chain 'A' and (resid 53 through 73 )
;
# 
loop_
_software.citation_id 
_software.classification 
_software.compiler_name 
_software.compiler_version 
_software.contact_author 
_software.contact_author_email 
_software.date 
_software.description 
_software.dependencies 
_software.hardware 
_software.language 
_software.location 
_software.mods 
_software.name 
_software.os 
_software.os_version 
_software.type 
_software.version 
_software.pdbx_ordinal 
? refinement       ? ? ? ? ? ? ? ? ? ? ? PHENIX   ? ? ? '(1.10_2142: ???)' 1 
? 'data reduction' ? ? ? ? ? ? ? ? ? ? ? HKL-3000 ? ? ? .                  2 
? 'data scaling'   ? ? ? ? ? ? ? ? ? ? ? HKL-3000 ? ? ? .                  3 
? phasing          ? ? ? ? ? ? ? ? ? ? ? PHASER   ? ? ? .                  4 
# 
loop_
_pdbx_validate_close_contact.id 
_pdbx_validate_close_contact.PDB_model_num 
_pdbx_validate_close_contact.auth_atom_id_1 
_pdbx_validate_close_contact.auth_asym_id_1 
_pdbx_validate_close_contact.auth_comp_id_1 
_pdbx_validate_close_contact.auth_seq_id_1 
_pdbx_validate_close_contact.PDB_ins_code_1 
_pdbx_validate_close_contact.label_alt_id_1 
_pdbx_validate_close_contact.auth_atom_id_2 
_pdbx_validate_close_contact.auth_asym_id_2 
_pdbx_validate_close_contact.auth_comp_id_2 
_pdbx_validate_close_contact.auth_seq_id_2 
_pdbx_validate_close_contact.PDB_ins_code_2 
_pdbx_validate_close_contact.label_alt_id_2 
_pdbx_validate_close_contact.dist 
1 1 NZ  A LYS 29 ? ? O A HOH 101 ? ? 1.93 
2 1 OE1 A GLN 57 ? ? O A HOH 102 ? ? 2.16 
3 1 O   A ASP 4  ? ? O A HOH 103 ? ? 2.18 
# 
loop_
_pdbx_validate_symm_contact.id 
_pdbx_validate_symm_contact.PDB_model_num 
_pdbx_validate_symm_contact.auth_atom_id_1 
_pdbx_validate_symm_contact.auth_asym_id_1 
_pdbx_validate_symm_contact.auth_comp_id_1 
_pdbx_validate_symm_contact.auth_seq_id_1 
_pdbx_validate_symm_contact.PDB_ins_code_1 
_pdbx_validate_symm_contact.label_alt_id_1 
_pdbx_validate_symm_contact.site_symmetry_1 
_pdbx_validate_symm_contact.auth_atom_id_2 
_pdbx_validate_symm_contact.auth_asym_id_2 
_pdbx_validate_symm_contact.auth_comp_id_2 
_pdbx_validate_symm_contact.auth_seq_id_2 
_pdbx_validate_symm_contact.PDB_ins_code_2 
_pdbx_validate_symm_contact.label_alt_id_2 
_pdbx_validate_symm_contact.site_symmetry_2 
_pdbx_validate_symm_contact.dist 
1 1 O A HOH 166 ? ? 1_555 O A HOH 169 ? ? 2_665 2.11 
2 1 O A HOH 115 ? ? 1_555 O A HOH 148 ? ? 7_545 2.16 
3 1 O A HOH 147 ? ? 1_555 O A HOH 164 ? ? 5_455 2.18 
4 1 O A HOH 128 ? ? 1_555 O A HOH 164 ? ? 5_455 2.19 
# 
_pdbx_validate_torsion.id              1 
_pdbx_validate_torsion.PDB_model_num   1 
_pdbx_validate_torsion.auth_comp_id    ASP 
_pdbx_validate_torsion.auth_asym_id    A 
_pdbx_validate_torsion.auth_seq_id     67 
_pdbx_validate_torsion.PDB_ins_code    ? 
_pdbx_validate_torsion.label_alt_id    ? 
_pdbx_validate_torsion.phi             -122.84 
_pdbx_validate_torsion.psi             -164.50 
# 
loop_
_pdbx_unobs_or_zero_occ_residues.id 
_pdbx_unobs_or_zero_occ_residues.PDB_model_num 
_pdbx_unobs_or_zero_occ_residues.polymer_flag 
_pdbx_unobs_or_zero_occ_residues.occupancy_flag 
_pdbx_unobs_or_zero_occ_residues.auth_asym_id 
_pdbx_unobs_or_zero_occ_residues.auth_comp_id 
_pdbx_unobs_or_zero_occ_residues.auth_seq_id 
_pdbx_unobs_or_zero_occ_residues.PDB_ins_code 
_pdbx_unobs_or_zero_occ_residues.label_asym_id 
_pdbx_unobs_or_zero_occ_residues.label_comp_id 
_pdbx_unobs_or_zero_occ_residues.label_seq_id 
1  1 Y 1 A LEU 0  ? A LEU 1  
2  1 Y 1 A SER 1  ? A SER 2  
3  1 Y 1 A ASN 2  ? A ASN 3  
4  1 Y 1 A GLU 3  ? A GLU 4  
5  1 Y 1 A GLU 47 ? A GLU 48 
6  1 Y 1 A ASN 48 ? A ASN 49 
7  1 Y 1 A GLU 49 ? A GLU 50 
8  1 Y 1 A GLY 50 ? A GLY 51 
9  1 Y 1 A GLU 51 ? A GLU 52 
10 1 Y 1 A ASN 52 ? A ASN 53 
11 1 Y 1 A ASP 74 ? A ASP 75 
# 
loop_
_chem_comp_atom.comp_id 
_chem_comp_atom.atom_id 
_chem_comp_atom.type_symbol 
_chem_comp_atom.pdbx_aromatic_flag 
_chem_comp_atom.pdbx_stereo_config 
_chem_comp_atom.pdbx_ordinal 
ALA N    N N N 1   
ALA CA   C N S 2   
ALA C    C N N 3   
ALA O    O N N 4   
ALA CB   C N N 5   
ALA OXT  O N N 6   
ALA H    H N N 7   
ALA H2   H N N 8   
ALA HA   H N N 9   
ALA HB1  H N N 10  
ALA HB2  H N N 11  
ALA HB3  H N N 12  
ALA HXT  H N N 13  
ARG N    N N N 14  
ARG CA   C N S 15  
ARG C    C N N 16  
ARG O    O N N 17  
ARG CB   C N N 18  
ARG CG   C N N 19  
ARG CD   C N N 20  
ARG NE   N N N 21  
ARG CZ   C N N 22  
ARG NH1  N N N 23  
ARG NH2  N N N 24  
ARG OXT  O N N 25  
ARG H    H N N 26  
ARG H2   H N N 27  
ARG HA   H N N 28  
ARG HB2  H N N 29  
ARG HB3  H N N 30  
ARG HG2  H N N 31  
ARG HG3  H N N 32  
ARG HD2  H N N 33  
ARG HD3  H N N 34  
ARG HE   H N N 35  
ARG HH11 H N N 36  
ARG HH12 H N N 37  
ARG HH21 H N N 38  
ARG HH22 H N N 39  
ARG HXT  H N N 40  
ASN N    N N N 41  
ASN CA   C N S 42  
ASN C    C N N 43  
ASN O    O N N 44  
ASN CB   C N N 45  
ASN CG   C N N 46  
ASN OD1  O N N 47  
ASN ND2  N N N 48  
ASN OXT  O N N 49  
ASN H    H N N 50  
ASN H2   H N N 51  
ASN HA   H N N 52  
ASN HB2  H N N 53  
ASN HB3  H N N 54  
ASN HD21 H N N 55  
ASN HD22 H N N 56  
ASN HXT  H N N 57  
ASP N    N N N 58  
ASP CA   C N S 59  
ASP C    C N N 60  
ASP O    O N N 61  
ASP CB   C N N 62  
ASP CG   C N N 63  
ASP OD1  O N N 64  
ASP OD2  O N N 65  
ASP OXT  O N N 66  
ASP H    H N N 67  
ASP H2   H N N 68  
ASP HA   H N N 69  
ASP HB2  H N N 70  
ASP HB3  H N N 71  
ASP HD2  H N N 72  
ASP HXT  H N N 73  
CYS N    N N N 74  
CYS CA   C N R 75  
CYS C    C N N 76  
CYS O    O N N 77  
CYS CB   C N N 78  
CYS SG   S N N 79  
CYS OXT  O N N 80  
CYS H    H N N 81  
CYS H2   H N N 82  
CYS HA   H N N 83  
CYS HB2  H N N 84  
CYS HB3  H N N 85  
CYS HG   H N N 86  
CYS HXT  H N N 87  
GLN N    N N N 88  
GLN CA   C N S 89  
GLN C    C N N 90  
GLN O    O N N 91  
GLN CB   C N N 92  
GLN CG   C N N 93  
GLN CD   C N N 94  
GLN OE1  O N N 95  
GLN NE2  N N N 96  
GLN OXT  O N N 97  
GLN H    H N N 98  
GLN H2   H N N 99  
GLN HA   H N N 100 
GLN HB2  H N N 101 
GLN HB3  H N N 102 
GLN HG2  H N N 103 
GLN HG3  H N N 104 
GLN HE21 H N N 105 
GLN HE22 H N N 106 
GLN HXT  H N N 107 
GLU N    N N N 108 
GLU CA   C N S 109 
GLU C    C N N 110 
GLU O    O N N 111 
GLU CB   C N N 112 
GLU CG   C N N 113 
GLU CD   C N N 114 
GLU OE1  O N N 115 
GLU OE2  O N N 116 
GLU OXT  O N N 117 
GLU H    H N N 118 
GLU H2   H N N 119 
GLU HA   H N N 120 
GLU HB2  H N N 121 
GLU HB3  H N N 122 
GLU HG2  H N N 123 
GLU HG3  H N N 124 
GLU HE2  H N N 125 
GLU HXT  H N N 126 
GLY N    N N N 127 
GLY CA   C N N 128 
GLY C    C N N 129 
GLY O    O N N 130 
GLY OXT  O N N 131 
GLY H    H N N 132 
GLY H2   H N N 133 
GLY HA2  H N N 134 
GLY HA3  H N N 135 
GLY HXT  H N N 136 
HOH O    O N N 137 
HOH H1   H N N 138 
HOH H2   H N N 139 
ILE N    N N N 140 
ILE CA   C N S 141 
ILE C    C N N 142 
ILE O    O N N 143 
ILE CB   C N S 144 
ILE CG1  C N N 145 
ILE CG2  C N N 146 
ILE CD1  C N N 147 
ILE OXT  O N N 148 
ILE H    H N N 149 
ILE H2   H N N 150 
ILE HA   H N N 151 
ILE HB   H N N 152 
ILE HG12 H N N 153 
ILE HG13 H N N 154 
ILE HG21 H N N 155 
ILE HG22 H N N 156 
ILE HG23 H N N 157 
ILE HD11 H N N 158 
ILE HD12 H N N 159 
ILE HD13 H N N 160 
ILE HXT  H N N 161 
LEU N    N N N 162 
LEU CA   C N S 163 
LEU C    C N N 164 
LEU O    O N N 165 
LEU CB   C N N 166 
LEU CG   C N N 167 
LEU CD1  C N N 168 
LEU CD2  C N N 169 
LEU OXT  O N N 170 
LEU H    H N N 171 
LEU H2   H N N 172 
LEU HA   H N N 173 
LEU HB2  H N N 174 
LEU HB3  H N N 175 
LEU HG   H N N 176 
LEU HD11 H N N 177 
LEU HD12 H N N 178 
LEU HD13 H N N 179 
LEU HD21 H N N 180 
LEU HD22 H N N 181 
LEU HD23 H N N 182 
LEU HXT  H N N 183 
LYS N    N N N 184 
LYS CA   C N S 185 
LYS C    C N N 186 
LYS O    O N N 187 
LYS CB   C N N 188 
LYS CG   C N N 189 
LYS CD   C N N 190 
LYS CE   C N N 191 
LYS NZ   N N N 192 
LYS OXT  O N N 193 
LYS H    H N N 194 
LYS H2   H N N 195 
LYS HA   H N N 196 
LYS HB2  H N N 197 
LYS HB3  H N N 198 
LYS HG2  H N N 199 
LYS HG3  H N N 200 
LYS HD2  H N N 201 
LYS HD3  H N N 202 
LYS HE2  H N N 203 
LYS HE3  H N N 204 
LYS HZ1  H N N 205 
LYS HZ2  H N N 206 
LYS HZ3  H N N 207 
LYS HXT  H N N 208 
PHE N    N N N 209 
PHE CA   C N S 210 
PHE C    C N N 211 
PHE O    O N N 212 
PHE CB   C N N 213 
PHE CG   C Y N 214 
PHE CD1  C Y N 215 
PHE CD2  C Y N 216 
PHE CE1  C Y N 217 
PHE CE2  C Y N 218 
PHE CZ   C Y N 219 
PHE OXT  O N N 220 
PHE H    H N N 221 
PHE H2   H N N 222 
PHE HA   H N N 223 
PHE HB2  H N N 224 
PHE HB3  H N N 225 
PHE HD1  H N N 226 
PHE HD2  H N N 227 
PHE HE1  H N N 228 
PHE HE2  H N N 229 
PHE HZ   H N N 230 
PHE HXT  H N N 231 
PRO N    N N N 232 
PRO CA   C N S 233 
PRO C    C N N 234 
PRO O    O N N 235 
PRO CB   C N N 236 
PRO CG   C N N 237 
PRO CD   C N N 238 
PRO OXT  O N N 239 
PRO H    H N N 240 
PRO HA   H N N 241 
PRO HB2  H N N 242 
PRO HB3  H N N 243 
PRO HG2  H N N 244 
PRO HG3  H N N 245 
PRO HD2  H N N 246 
PRO HD3  H N N 247 
PRO HXT  H N N 248 
SER N    N N N 249 
SER CA   C N S 250 
SER C    C N N 251 
SER O    O N N 252 
SER CB   C N N 253 
SER OG   O N N 254 
SER OXT  O N N 255 
SER H    H N N 256 
SER H2   H N N 257 
SER HA   H N N 258 
SER HB2  H N N 259 
SER HB3  H N N 260 
SER HG   H N N 261 
SER HXT  H N N 262 
THR N    N N N 263 
THR CA   C N S 264 
THR C    C N N 265 
THR O    O N N 266 
THR CB   C N R 267 
THR OG1  O N N 268 
THR CG2  C N N 269 
THR OXT  O N N 270 
THR H    H N N 271 
THR H2   H N N 272 
THR HA   H N N 273 
THR HB   H N N 274 
THR HG1  H N N 275 
THR HG21 H N N 276 
THR HG22 H N N 277 
THR HG23 H N N 278 
THR HXT  H N N 279 
TYR N    N N N 280 
TYR CA   C N S 281 
TYR C    C N N 282 
TYR O    O N N 283 
TYR CB   C N N 284 
TYR CG   C Y N 285 
TYR CD1  C Y N 286 
TYR CD2  C Y N 287 
TYR CE1  C Y N 288 
TYR CE2  C Y N 289 
TYR CZ   C Y N 290 
TYR OH   O N N 291 
TYR OXT  O N N 292 
TYR H    H N N 293 
TYR H2   H N N 294 
TYR HA   H N N 295 
TYR HB2  H N N 296 
TYR HB3  H N N 297 
TYR HD1  H N N 298 
TYR HD2  H N N 299 
TYR HE1  H N N 300 
TYR HE2  H N N 301 
TYR HH   H N N 302 
TYR HXT  H N N 303 
VAL N    N N N 304 
VAL CA   C N S 305 
VAL C    C N N 306 
VAL O    O N N 307 
VAL CB   C N N 308 
VAL CG1  C N N 309 
VAL CG2  C N N 310 
VAL OXT  O N N 311 
VAL H    H N N 312 
VAL H2   H N N 313 
VAL HA   H N N 314 
VAL HB   H N N 315 
VAL HG11 H N N 316 
VAL HG12 H N N 317 
VAL HG13 H N N 318 
VAL HG21 H N N 319 
VAL HG22 H N N 320 
VAL HG23 H N N 321 
VAL HXT  H N N 322 
# 
loop_
_chem_comp_bond.comp_id 
_chem_comp_bond.atom_id_1 
_chem_comp_bond.atom_id_2 
_chem_comp_bond.value_order 
_chem_comp_bond.pdbx_aromatic_flag 
_chem_comp_bond.pdbx_stereo_config 
_chem_comp_bond.pdbx_ordinal 
ALA N   CA   sing N N 1   
ALA N   H    sing N N 2   
ALA N   H2   sing N N 3   
ALA CA  C    sing N N 4   
ALA CA  CB   sing N N 5   
ALA CA  HA   sing N N 6   
ALA C   O    doub N N 7   
ALA C   OXT  sing N N 8   
ALA CB  HB1  sing N N 9   
ALA CB  HB2  sing N N 10  
ALA CB  HB3  sing N N 11  
ALA OXT HXT  sing N N 12  
ARG N   CA   sing N N 13  
ARG N   H    sing N N 14  
ARG N   H2   sing N N 15  
ARG CA  C    sing N N 16  
ARG CA  CB   sing N N 17  
ARG CA  HA   sing N N 18  
ARG C   O    doub N N 19  
ARG C   OXT  sing N N 20  
ARG CB  CG   sing N N 21  
ARG CB  HB2  sing N N 22  
ARG CB  HB3  sing N N 23  
ARG CG  CD   sing N N 24  
ARG CG  HG2  sing N N 25  
ARG CG  HG3  sing N N 26  
ARG CD  NE   sing N N 27  
ARG CD  HD2  sing N N 28  
ARG CD  HD3  sing N N 29  
ARG NE  CZ   sing N N 30  
ARG NE  HE   sing N N 31  
ARG CZ  NH1  sing N N 32  
ARG CZ  NH2  doub N N 33  
ARG NH1 HH11 sing N N 34  
ARG NH1 HH12 sing N N 35  
ARG NH2 HH21 sing N N 36  
ARG NH2 HH22 sing N N 37  
ARG OXT HXT  sing N N 38  
ASN N   CA   sing N N 39  
ASN N   H    sing N N 40  
ASN N   H2   sing N N 41  
ASN CA  C    sing N N 42  
ASN CA  CB   sing N N 43  
ASN CA  HA   sing N N 44  
ASN C   O    doub N N 45  
ASN C   OXT  sing N N 46  
ASN CB  CG   sing N N 47  
ASN CB  HB2  sing N N 48  
ASN CB  HB3  sing N N 49  
ASN CG  OD1  doub N N 50  
ASN CG  ND2  sing N N 51  
ASN ND2 HD21 sing N N 52  
ASN ND2 HD22 sing N N 53  
ASN OXT HXT  sing N N 54  
ASP N   CA   sing N N 55  
ASP N   H    sing N N 56  
ASP N   H2   sing N N 57  
ASP CA  C    sing N N 58  
ASP CA  CB   sing N N 59  
ASP CA  HA   sing N N 60  
ASP C   O    doub N N 61  
ASP C   OXT  sing N N 62  
ASP CB  CG   sing N N 63  
ASP CB  HB2  sing N N 64  
ASP CB  HB3  sing N N 65  
ASP CG  OD1  doub N N 66  
ASP CG  OD2  sing N N 67  
ASP OD2 HD2  sing N N 68  
ASP OXT HXT  sing N N 69  
CYS N   CA   sing N N 70  
CYS N   H    sing N N 71  
CYS N   H2   sing N N 72  
CYS CA  C    sing N N 73  
CYS CA  CB   sing N N 74  
CYS CA  HA   sing N N 75  
CYS C   O    doub N N 76  
CYS C   OXT  sing N N 77  
CYS CB  SG   sing N N 78  
CYS CB  HB2  sing N N 79  
CYS CB  HB3  sing N N 80  
CYS SG  HG   sing N N 81  
CYS OXT HXT  sing N N 82  
GLN N   CA   sing N N 83  
GLN N   H    sing N N 84  
GLN N   H2   sing N N 85  
GLN CA  C    sing N N 86  
GLN CA  CB   sing N N 87  
GLN CA  HA   sing N N 88  
GLN C   O    doub N N 89  
GLN C   OXT  sing N N 90  
GLN CB  CG   sing N N 91  
GLN CB  HB2  sing N N 92  
GLN CB  HB3  sing N N 93  
GLN CG  CD   sing N N 94  
GLN CG  HG2  sing N N 95  
GLN CG  HG3  sing N N 96  
GLN CD  OE1  doub N N 97  
GLN CD  NE2  sing N N 98  
GLN NE2 HE21 sing N N 99  
GLN NE2 HE22 sing N N 100 
GLN OXT HXT  sing N N 101 
GLU N   CA   sing N N 102 
GLU N   H    sing N N 103 
GLU N   H2   sing N N 104 
GLU CA  C    sing N N 105 
GLU CA  CB   sing N N 106 
GLU CA  HA   sing N N 107 
GLU C   O    doub N N 108 
GLU C   OXT  sing N N 109 
GLU CB  CG   sing N N 110 
GLU CB  HB2  sing N N 111 
GLU CB  HB3  sing N N 112 
GLU CG  CD   sing N N 113 
GLU CG  HG2  sing N N 114 
GLU CG  HG3  sing N N 115 
GLU CD  OE1  doub N N 116 
GLU CD  OE2  sing N N 117 
GLU OE2 HE2  sing N N 118 
GLU OXT HXT  sing N N 119 
GLY N   CA   sing N N 120 
GLY N   H    sing N N 121 
GLY N   H2   sing N N 122 
GLY CA  C    sing N N 123 
GLY CA  HA2  sing N N 124 
GLY CA  HA3  sing N N 125 
GLY C   O    doub N N 126 
GLY C   OXT  sing N N 127 
GLY OXT HXT  sing N N 128 
HOH O   H1   sing N N 129 
HOH O   H2   sing N N 130 
ILE N   CA   sing N N 131 
ILE N   H    sing N N 132 
ILE N   H2   sing N N 133 
ILE CA  C    sing N N 134 
ILE CA  CB   sing N N 135 
ILE CA  HA   sing N N 136 
ILE C   O    doub N N 137 
ILE C   OXT  sing N N 138 
ILE CB  CG1  sing N N 139 
ILE CB  CG2  sing N N 140 
ILE CB  HB   sing N N 141 
ILE CG1 CD1  sing N N 142 
ILE CG1 HG12 sing N N 143 
ILE CG1 HG13 sing N N 144 
ILE CG2 HG21 sing N N 145 
ILE CG2 HG22 sing N N 146 
ILE CG2 HG23 sing N N 147 
ILE CD1 HD11 sing N N 148 
ILE CD1 HD12 sing N N 149 
ILE CD1 HD13 sing N N 150 
ILE OXT HXT  sing N N 151 
LEU N   CA   sing N N 152 
LEU N   H    sing N N 153 
LEU N   H2   sing N N 154 
LEU CA  C    sing N N 155 
LEU CA  CB   sing N N 156 
LEU CA  HA   sing N N 157 
LEU C   O    doub N N 158 
LEU C   OXT  sing N N 159 
LEU CB  CG   sing N N 160 
LEU CB  HB2  sing N N 161 
LEU CB  HB3  sing N N 162 
LEU CG  CD1  sing N N 163 
LEU CG  CD2  sing N N 164 
LEU CG  HG   sing N N 165 
LEU CD1 HD11 sing N N 166 
LEU CD1 HD12 sing N N 167 
LEU CD1 HD13 sing N N 168 
LEU CD2 HD21 sing N N 169 
LEU CD2 HD22 sing N N 170 
LEU CD2 HD23 sing N N 171 
LEU OXT HXT  sing N N 172 
LYS N   CA   sing N N 173 
LYS N   H    sing N N 174 
LYS N   H2   sing N N 175 
LYS CA  C    sing N N 176 
LYS CA  CB   sing N N 177 
LYS CA  HA   sing N N 178 
LYS C   O    doub N N 179 
LYS C   OXT  sing N N 180 
LYS CB  CG   sing N N 181 
LYS CB  HB2  sing N N 182 
LYS CB  HB3  sing N N 183 
LYS CG  CD   sing N N 184 
LYS CG  HG2  sing N N 185 
LYS CG  HG3  sing N N 186 
LYS CD  CE   sing N N 187 
LYS CD  HD2  sing N N 188 
LYS CD  HD3  sing N N 189 
LYS CE  NZ   sing N N 190 
LYS CE  HE2  sing N N 191 
LYS CE  HE3  sing N N 192 
LYS NZ  HZ1  sing N N 193 
LYS NZ  HZ2  sing N N 194 
LYS NZ  HZ3  sing N N 195 
LYS OXT HXT  sing N N 196 
PHE N   CA   sing N N 197 
PHE N   H    sing N N 198 
PHE N   H2   sing N N 199 
PHE CA  C    sing N N 200 
PHE CA  CB   sing N N 201 
PHE CA  HA   sing N N 202 
PHE C   O    doub N N 203 
PHE C   OXT  sing N N 204 
PHE CB  CG   sing N N 205 
PHE CB  HB2  sing N N 206 
PHE CB  HB3  sing N N 207 
PHE CG  CD1  doub Y N 208 
PHE CG  CD2  sing Y N 209 
PHE CD1 CE1  sing Y N 210 
PHE CD1 HD1  sing N N 211 
PHE CD2 CE2  doub Y N 212 
PHE CD2 HD2  sing N N 213 
PHE CE1 CZ   doub Y N 214 
PHE CE1 HE1  sing N N 215 
PHE CE2 CZ   sing Y N 216 
PHE CE2 HE2  sing N N 217 
PHE CZ  HZ   sing N N 218 
PHE OXT HXT  sing N N 219 
PRO N   CA   sing N N 220 
PRO N   CD   sing N N 221 
PRO N   H    sing N N 222 
PRO CA  C    sing N N 223 
PRO CA  CB   sing N N 224 
PRO CA  HA   sing N N 225 
PRO C   O    doub N N 226 
PRO C   OXT  sing N N 227 
PRO CB  CG   sing N N 228 
PRO CB  HB2  sing N N 229 
PRO CB  HB3  sing N N 230 
PRO CG  CD   sing N N 231 
PRO CG  HG2  sing N N 232 
PRO CG  HG3  sing N N 233 
PRO CD  HD2  sing N N 234 
PRO CD  HD3  sing N N 235 
PRO OXT HXT  sing N N 236 
SER N   CA   sing N N 237 
SER N   H    sing N N 238 
SER N   H2   sing N N 239 
SER CA  C    sing N N 240 
SER CA  CB   sing N N 241 
SER CA  HA   sing N N 242 
SER C   O    doub N N 243 
SER C   OXT  sing N N 244 
SER CB  OG   sing N N 245 
SER CB  HB2  sing N N 246 
SER CB  HB3  sing N N 247 
SER OG  HG   sing N N 248 
SER OXT HXT  sing N N 249 
THR N   CA   sing N N 250 
THR N   H    sing N N 251 
THR N   H2   sing N N 252 
THR CA  C    sing N N 253 
THR CA  CB   sing N N 254 
THR CA  HA   sing N N 255 
THR C   O    doub N N 256 
THR C   OXT  sing N N 257 
THR CB  OG1  sing N N 258 
THR CB  CG2  sing N N 259 
THR CB  HB   sing N N 260 
THR OG1 HG1  sing N N 261 
THR CG2 HG21 sing N N 262 
THR CG2 HG22 sing N N 263 
THR CG2 HG23 sing N N 264 
THR OXT HXT  sing N N 265 
TYR N   CA   sing N N 266 
TYR N   H    sing N N 267 
TYR N   H2   sing N N 268 
TYR CA  C    sing N N 269 
TYR CA  CB   sing N N 270 
TYR CA  HA   sing N N 271 
TYR C   O    doub N N 272 
TYR C   OXT  sing N N 273 
TYR CB  CG   sing N N 274 
TYR CB  HB2  sing N N 275 
TYR CB  HB3  sing N N 276 
TYR CG  CD1  doub Y N 277 
TYR CG  CD2  sing Y N 278 
TYR CD1 CE1  sing Y N 279 
TYR CD1 HD1  sing N N 280 
TYR CD2 CE2  doub Y N 281 
TYR CD2 HD2  sing N N 282 
TYR CE1 CZ   doub Y N 283 
TYR CE1 HE1  sing N N 284 
TYR CE2 CZ   sing Y N 285 
TYR CE2 HE2  sing N N 286 
TYR CZ  OH   sing N N 287 
TYR OH  HH   sing N N 288 
TYR OXT HXT  sing N N 289 
VAL N   CA   sing N N 290 
VAL N   H    sing N N 291 
VAL N   H2   sing N N 292 
VAL CA  C    sing N N 293 
VAL CA  CB   sing N N 294 
VAL CA  HA   sing N N 295 
VAL C   O    doub N N 296 
VAL C   OXT  sing N N 297 
VAL CB  CG1  sing N N 298 
VAL CB  CG2  sing N N 299 
VAL CB  HB   sing N N 300 
VAL CG1 HG11 sing N N 301 
VAL CG1 HG12 sing N N 302 
VAL CG1 HG13 sing N N 303 
VAL CG2 HG21 sing N N 304 
VAL CG2 HG22 sing N N 305 
VAL CG2 HG23 sing N N 306 
VAL OXT HXT  sing N N 307 
# 
_pdbx_entity_nonpoly.entity_id   2 
_pdbx_entity_nonpoly.name        water 
_pdbx_entity_nonpoly.comp_id     HOH 
# 
_pdbx_initial_refinement_model.id               1 
_pdbx_initial_refinement_model.entity_id_list   ? 
_pdbx_initial_refinement_model.type             'experimental model' 
_pdbx_initial_refinement_model.source_name      PDB 
_pdbx_initial_refinement_model.accession_code   1YIB 
_pdbx_initial_refinement_model.details          ? 
# 
